data_1YNH
#
_entry.id   1YNH
#
_cell.length_a   54.862
_cell.length_b   166.915
_cell.length_c   185.894
_cell.angle_alpha   90.00
_cell.angle_beta   90.00
_cell.angle_gamma   90.00
#
_symmetry.space_group_name_H-M   'P 21 21 21'
#
loop_
_entity.id
_entity.type
_entity.pdbx_description
1 polymer 'Succinylarginine Dihydrolase'
2 non-polymer 'POTASSIUM ION'
3 non-polymer N~2~-(3-CARBOXYPROPANOYL)-L-ORNITHINE
4 water water
#
_entity_poly.entity_id   1
_entity_poly.type   'polypeptide(L)'
_entity_poly.pdbx_seq_one_letter_code
;MGSSHHHHHHGSNAWEVNFDGLVGLTHHYAGLSFGNEASTRHRFQVSNPRLAAKQGLLKMKALADAGFPQAVIPPHERPF
IPVLRQLGFSGSDEQVLEKVARQAPHWLSSVSSASPMWVANAATIAPSADTLDGKVHLTVANLNNKFHRSLEAPVTESLL
KAIFNDEEKFSVHSALPQVALLGDEGAANHNRLGGHYGEPGMQLFVYGREEGNDTRPSRYPARQTREASEAVARLNQVNP
QQVIFAQQNPDVIDQGVFHNDVIAVSNRQVLFCHQQAFARQSQLLANLRARVNGFMAIEVPATQVSVSDTVSTYLFNSQL
LSRDDGSMMLVLPQECREHAGVWGYLNELLAADNPISELKVFDLRESMANGGGPACLRLRVVLTEEERRAVNPAVMMNDT
LFNALNDWVDRYYRDRLTAADLADPQLLREGREALDVLSQLLNLGSVYPFQREGGGNG
;
_entity_poly.pdbx_strand_id   A,B,C,D
#
# COMPACT_ATOMS: atom_id res chain seq x y z
N ALA A 14 8.22 1.65 -55.55
CA ALA A 14 7.22 1.69 -54.44
C ALA A 14 7.13 3.06 -53.80
N TRP A 15 5.94 3.44 -53.37
CA TRP A 15 5.73 4.73 -52.70
C TRP A 15 5.13 4.47 -51.32
N GLU A 16 5.37 5.40 -50.40
CA GLU A 16 4.79 5.27 -49.06
C GLU A 16 3.45 5.96 -49.10
N VAL A 17 2.38 5.21 -48.91
CA VAL A 17 1.04 5.78 -48.92
C VAL A 17 0.55 5.99 -47.49
N ASN A 18 0.00 7.17 -47.22
CA ASN A 18 -0.51 7.46 -45.89
C ASN A 18 -2.01 7.18 -45.80
N PHE A 19 -2.39 6.37 -44.82
CA PHE A 19 -3.80 6.06 -44.58
C PHE A 19 -4.18 6.74 -43.28
N ASP A 20 -5.06 7.73 -43.36
CA ASP A 20 -5.49 8.48 -42.18
C ASP A 20 -6.85 8.05 -41.65
N GLY A 21 -7.03 8.23 -40.34
CA GLY A 21 -8.29 7.86 -39.74
C GLY A 21 -9.30 8.98 -39.82
N LEU A 22 -10.51 8.65 -40.28
CA LEU A 22 -11.58 9.64 -40.38
C LEU A 22 -12.26 9.65 -39.01
N VAL A 23 -12.12 10.75 -38.29
CA VAL A 23 -12.69 10.89 -36.96
C VAL A 23 -14.16 10.50 -36.89
N GLY A 24 -14.48 9.62 -35.94
CA GLY A 24 -15.84 9.15 -35.76
C GLY A 24 -16.72 10.22 -35.14
N LEU A 25 -18.03 10.06 -35.27
CA LEU A 25 -18.93 11.07 -34.73
C LEU A 25 -19.14 11.10 -33.22
N THR A 26 -18.55 10.15 -32.49
CA THR A 26 -18.71 10.17 -31.04
C THR A 26 -17.46 10.73 -30.35
N HIS A 27 -16.58 11.32 -31.14
CA HIS A 27 -15.36 11.94 -30.63
C HIS A 27 -15.67 12.81 -29.39
N HIS A 28 -15.06 12.47 -28.26
CA HIS A 28 -15.27 13.22 -27.02
C HIS A 28 -14.06 13.03 -26.10
N TYR A 29 -13.97 13.85 -25.06
CA TYR A 29 -12.85 13.77 -24.11
C TYR A 29 -13.26 13.11 -22.79
N ALA A 30 -12.84 11.86 -22.62
CA ALA A 30 -13.18 11.09 -21.42
C ALA A 30 -12.01 10.85 -20.48
N GLY A 31 -10.81 11.30 -20.84
CA GLY A 31 -9.67 11.09 -19.97
C GLY A 31 -9.46 9.62 -19.61
N LEU A 32 -9.56 8.76 -20.61
CA LEU A 32 -9.43 7.31 -20.44
C LEU A 32 -8.01 6.76 -20.54
N SER A 33 -7.04 7.58 -20.93
CA SER A 33 -5.70 7.07 -21.09
C SER A 33 -4.64 7.57 -20.12
N PHE A 34 -4.49 6.86 -19.00
CA PHE A 34 -3.48 7.22 -18.02
C PHE A 34 -2.14 7.01 -18.70
N GLY A 35 -1.30 8.04 -18.69
CA GLY A 35 0.00 7.93 -19.34
C GLY A 35 0.04 8.85 -20.54
N ASN A 36 -1.17 9.24 -20.97
CA ASN A 36 -1.39 10.15 -22.09
C ASN A 36 -1.84 11.42 -21.36
N GLU A 37 -0.93 12.35 -21.13
CA GLU A 37 -1.26 13.56 -20.38
C GLU A 37 -2.29 14.46 -21.04
N ALA A 38 -2.34 14.45 -22.37
CA ALA A 38 -3.32 15.29 -23.06
C ALA A 38 -4.71 14.73 -22.74
N SER A 39 -4.87 13.42 -22.89
CA SER A 39 -6.15 12.77 -22.59
C SER A 39 -6.60 13.12 -21.17
N THR A 40 -5.71 12.90 -20.21
CA THR A 40 -6.00 13.15 -18.80
C THR A 40 -6.34 14.63 -18.53
N ARG A 41 -5.52 15.53 -19.06
CA ARG A 41 -5.71 16.97 -18.89
C ARG A 41 -7.02 17.52 -19.43
N HIS A 42 -7.45 17.05 -20.59
CA HIS A 42 -8.67 17.55 -21.21
C HIS A 42 -9.94 16.77 -20.88
N ARG A 43 -9.86 15.96 -19.84
CA ARG A 43 -11.01 15.16 -19.43
C ARG A 43 -12.28 16.00 -19.25
N PHE A 44 -13.37 15.57 -19.86
CA PHE A 44 -14.67 16.23 -19.75
C PHE A 44 -14.87 17.54 -20.50
N GLN A 45 -13.89 17.98 -21.28
CA GLN A 45 -14.06 19.20 -22.04
C GLN A 45 -15.02 18.90 -23.17
N VAL A 46 -15.67 19.93 -23.71
CA VAL A 46 -16.61 19.75 -24.80
C VAL A 46 -15.85 19.53 -26.10
N SER A 47 -16.26 18.54 -26.89
CA SER A 47 -15.61 18.26 -28.15
C SER A 47 -16.45 18.76 -29.32
N ASN A 48 -15.88 18.72 -30.52
CA ASN A 48 -16.56 19.14 -31.74
C ASN A 48 -16.25 18.08 -32.79
N PRO A 49 -17.07 17.01 -32.86
CA PRO A 49 -16.89 15.91 -33.82
C PRO A 49 -16.74 16.39 -35.26
N ARG A 50 -17.64 17.28 -35.69
CA ARG A 50 -17.62 17.79 -37.05
C ARG A 50 -16.30 18.48 -37.35
N LEU A 51 -15.89 19.39 -36.49
CA LEU A 51 -14.62 20.10 -36.66
C LEU A 51 -13.45 19.12 -36.67
N ALA A 52 -13.46 18.18 -35.72
CA ALA A 52 -12.39 17.18 -35.63
C ALA A 52 -12.25 16.42 -36.94
N ALA A 53 -13.37 15.99 -37.50
CA ALA A 53 -13.36 15.25 -38.76
C ALA A 53 -12.86 16.14 -39.89
N LYS A 54 -13.34 17.38 -39.94
CA LYS A 54 -12.92 18.29 -41.00
C LYS A 54 -11.46 18.69 -40.89
N GLN A 55 -10.95 18.84 -39.66
CA GLN A 55 -9.56 19.17 -39.46
C GLN A 55 -8.69 18.07 -40.04
N GLY A 56 -9.07 16.82 -39.80
CA GLY A 56 -8.31 15.69 -40.32
C GLY A 56 -8.42 15.57 -41.83
N LEU A 57 -9.61 15.82 -42.37
CA LEU A 57 -9.81 15.73 -43.80
C LEU A 57 -8.99 16.80 -44.52
N LEU A 58 -8.86 17.98 -43.92
CA LEU A 58 -8.08 19.05 -44.55
C LEU A 58 -6.61 18.65 -44.66
N LYS A 59 -6.08 18.01 -43.62
CA LYS A 59 -4.69 17.58 -43.64
C LYS A 59 -4.50 16.51 -44.71
N MET A 60 -5.45 15.57 -44.78
CA MET A 60 -5.40 14.51 -45.78
C MET A 60 -5.35 15.10 -47.20
N LYS A 61 -6.27 16.03 -47.47
CA LYS A 61 -6.38 16.68 -48.77
C LYS A 61 -5.18 17.55 -49.13
N ALA A 62 -4.68 18.31 -48.16
CA ALA A 62 -3.52 19.17 -48.38
C ALA A 62 -2.31 18.34 -48.79
N LEU A 63 -2.11 17.21 -48.12
CA LEU A 63 -0.99 16.33 -48.45
C LEU A 63 -1.22 15.67 -49.80
N ALA A 64 -2.45 15.22 -50.05
CA ALA A 64 -2.78 14.59 -51.32
C ALA A 64 -2.58 15.58 -52.47
N ASP A 65 -2.99 16.83 -52.26
CA ASP A 65 -2.85 17.86 -53.30
C ASP A 65 -1.39 18.23 -53.52
N ALA A 66 -0.55 17.95 -52.52
CA ALA A 66 0.87 18.27 -52.63
C ALA A 66 1.61 17.10 -53.28
N GLY A 67 0.87 16.09 -53.68
CA GLY A 67 1.47 14.94 -54.34
C GLY A 67 1.86 13.75 -53.49
N PHE A 68 1.41 13.71 -52.23
CA PHE A 68 1.75 12.57 -51.37
C PHE A 68 0.58 11.60 -51.33
N PRO A 69 0.77 10.36 -51.83
CA PRO A 69 -0.31 9.36 -51.83
C PRO A 69 -1.05 9.35 -50.49
N GLN A 70 -2.35 9.58 -50.55
CA GLN A 70 -3.18 9.66 -49.35
C GLN A 70 -4.45 8.82 -49.46
N ALA A 71 -4.83 8.18 -48.36
CA ALA A 71 -6.01 7.33 -48.31
C ALA A 71 -6.72 7.52 -46.97
N VAL A 72 -7.84 6.83 -46.79
CA VAL A 72 -8.61 6.98 -45.56
C VAL A 72 -9.09 5.65 -44.97
N ILE A 73 -9.23 5.63 -43.66
CA ILE A 73 -9.72 4.47 -42.93
C ILE A 73 -10.90 5.02 -42.15
N PRO A 74 -12.06 4.35 -42.23
CA PRO A 74 -13.29 4.77 -41.56
C PRO A 74 -13.38 4.53 -40.05
N PRO A 75 -14.26 5.29 -39.37
CA PRO A 75 -14.44 5.14 -37.93
C PRO A 75 -15.20 3.86 -37.62
N HIS A 76 -15.37 3.56 -36.34
CA HIS A 76 -16.05 2.35 -35.93
C HIS A 76 -17.47 2.60 -35.43
N GLU A 77 -18.17 1.51 -35.16
CA GLU A 77 -19.53 1.50 -34.65
C GLU A 77 -19.48 2.02 -33.20
N ARG A 78 -20.03 3.19 -32.96
CA ARG A 78 -20.01 3.79 -31.63
C ARG A 78 -21.31 4.55 -31.34
N PRO A 79 -21.92 4.34 -30.16
CA PRO A 79 -21.52 3.45 -29.04
C PRO A 79 -21.53 1.99 -29.48
N PHE A 80 -20.63 1.20 -28.92
CA PHE A 80 -20.56 -0.20 -29.28
C PHE A 80 -21.35 -1.05 -28.30
N ILE A 81 -22.64 -1.23 -28.59
CA ILE A 81 -23.54 -1.99 -27.72
C ILE A 81 -23.16 -3.45 -27.41
N PRO A 82 -22.58 -4.17 -28.39
CA PRO A 82 -22.22 -5.56 -28.09
C PRO A 82 -21.34 -5.73 -26.84
N VAL A 83 -20.39 -4.82 -26.64
CA VAL A 83 -19.50 -4.89 -25.48
C VAL A 83 -20.29 -4.66 -24.19
N LEU A 84 -21.28 -3.77 -24.25
CA LEU A 84 -22.10 -3.51 -23.07
C LEU A 84 -22.88 -4.77 -22.70
N ARG A 85 -23.31 -5.53 -23.71
CA ARG A 85 -24.05 -6.77 -23.47
C ARG A 85 -23.14 -7.79 -22.80
N GLN A 86 -21.87 -7.75 -23.20
CA GLN A 86 -20.85 -8.64 -22.67
C GLN A 86 -20.61 -8.31 -21.19
N LEU A 87 -20.88 -7.06 -20.82
CA LEU A 87 -20.68 -6.59 -19.46
C LEU A 87 -21.90 -6.83 -18.56
N GLY A 88 -22.89 -7.53 -19.09
CA GLY A 88 -24.06 -7.84 -18.29
C GLY A 88 -25.33 -7.06 -18.51
N PHE A 89 -25.33 -6.15 -19.48
CA PHE A 89 -26.54 -5.38 -19.73
C PHE A 89 -27.30 -5.98 -20.91
N SER A 90 -28.60 -6.22 -20.75
CA SER A 90 -29.39 -6.83 -21.80
C SER A 90 -30.60 -6.03 -22.27
N GLY A 91 -31.21 -6.49 -23.35
CA GLY A 91 -32.38 -5.85 -23.92
C GLY A 91 -32.09 -5.35 -25.32
N SER A 92 -32.98 -4.55 -25.87
CA SER A 92 -32.78 -4.00 -27.21
C SER A 92 -31.61 -3.01 -27.10
N ASP A 93 -31.03 -2.63 -28.24
CA ASP A 93 -29.92 -1.70 -28.23
C ASP A 93 -30.20 -0.45 -27.40
N GLU A 94 -31.34 0.19 -27.66
CA GLU A 94 -31.69 1.40 -26.94
C GLU A 94 -31.96 1.16 -25.45
N GLN A 95 -32.51 -0.01 -25.13
CA GLN A 95 -32.76 -0.35 -23.73
C GLN A 95 -31.43 -0.53 -22.99
N VAL A 96 -30.47 -1.17 -23.66
CA VAL A 96 -29.13 -1.38 -23.09
C VAL A 96 -28.48 -0.02 -22.85
N LEU A 97 -28.56 0.84 -23.86
CA LEU A 97 -28.00 2.18 -23.78
C LEU A 97 -28.56 2.90 -22.56
N GLU A 98 -29.88 2.81 -22.38
CA GLU A 98 -30.54 3.47 -21.25
C GLU A 98 -30.13 2.86 -19.91
N LYS A 99 -30.11 1.53 -19.84
CA LYS A 99 -29.74 0.86 -18.59
C LYS A 99 -28.34 1.28 -18.15
N VAL A 100 -27.41 1.33 -19.08
CA VAL A 100 -26.03 1.71 -18.78
C VAL A 100 -25.88 3.19 -18.42
N ALA A 101 -26.56 4.07 -19.17
CA ALA A 101 -26.47 5.49 -18.91
C ALA A 101 -26.86 5.76 -17.46
N ARG A 102 -27.78 4.96 -16.95
CA ARG A 102 -28.25 5.11 -15.57
C ARG A 102 -27.45 4.33 -14.52
N GLN A 103 -27.12 3.07 -14.82
CA GLN A 103 -26.39 2.23 -13.87
C GLN A 103 -24.87 2.27 -13.92
N ALA A 104 -24.30 2.43 -15.11
CA ALA A 104 -22.84 2.46 -15.24
C ALA A 104 -22.39 3.33 -16.39
N PRO A 105 -22.66 4.66 -16.29
CA PRO A 105 -22.29 5.63 -17.31
C PRO A 105 -20.84 5.60 -17.76
N HIS A 106 -19.93 5.21 -16.86
CA HIS A 106 -18.52 5.17 -17.23
C HIS A 106 -18.26 4.17 -18.34
N TRP A 107 -19.09 3.13 -18.44
CA TRP A 107 -18.92 2.13 -19.47
C TRP A 107 -19.34 2.70 -20.83
N LEU A 108 -20.29 3.63 -20.81
CA LEU A 108 -20.76 4.26 -22.04
C LEU A 108 -19.62 4.94 -22.76
N SER A 109 -18.85 5.71 -21.99
CA SER A 109 -17.71 6.43 -22.55
C SER A 109 -16.71 5.42 -23.11
N SER A 110 -16.44 4.37 -22.34
CA SER A 110 -15.49 3.35 -22.77
C SER A 110 -15.85 2.67 -24.09
N VAL A 111 -17.13 2.62 -24.42
CA VAL A 111 -17.55 1.98 -25.67
C VAL A 111 -17.98 3.00 -26.71
N SER A 112 -17.74 4.28 -26.45
CA SER A 112 -18.13 5.33 -27.37
C SER A 112 -16.99 6.25 -27.76
N SER A 113 -15.76 5.76 -27.66
CA SER A 113 -14.59 6.55 -27.99
C SER A 113 -14.27 6.50 -29.48
N ALA A 114 -13.90 7.64 -30.05
CA ALA A 114 -13.54 7.72 -31.46
C ALA A 114 -12.06 7.39 -31.65
N SER A 115 -11.47 6.78 -30.62
CA SER A 115 -10.05 6.41 -30.62
C SER A 115 -9.51 5.66 -31.83
N PRO A 116 -10.36 4.93 -32.56
CA PRO A 116 -9.76 4.25 -33.72
C PRO A 116 -9.24 5.23 -34.78
N MET A 117 -9.54 6.52 -34.60
CA MET A 117 -9.06 7.55 -35.54
C MET A 117 -7.54 7.53 -35.59
N TRP A 118 -6.91 7.16 -34.49
CA TRP A 118 -5.45 7.14 -34.45
C TRP A 118 -4.98 5.81 -34.99
N VAL A 119 -5.00 5.73 -36.32
CA VAL A 119 -4.62 4.53 -37.05
C VAL A 119 -3.17 4.13 -36.96
N ALA A 120 -2.33 5.01 -36.42
CA ALA A 120 -0.93 4.65 -36.25
C ALA A 120 -0.90 3.45 -35.31
N ASN A 121 -2.00 3.26 -34.59
CA ASN A 121 -2.11 2.15 -33.64
C ASN A 121 -2.93 0.98 -34.18
N ALA A 122 -3.44 1.11 -35.39
CA ALA A 122 -4.25 0.06 -35.99
C ALA A 122 -3.50 -1.26 -36.27
N ALA A 123 -2.28 -1.14 -36.79
CA ALA A 123 -1.51 -2.32 -37.11
C ALA A 123 -0.05 -1.99 -37.35
N THR A 124 0.71 -3.04 -37.64
CA THR A 124 2.14 -2.92 -37.92
C THR A 124 2.28 -3.41 -39.37
N ILE A 125 2.96 -2.62 -40.19
CA ILE A 125 3.12 -2.94 -41.60
C ILE A 125 4.49 -3.46 -42.01
N ALA A 126 4.49 -4.41 -42.94
CA ALA A 126 5.72 -4.96 -43.49
C ALA A 126 5.63 -4.87 -45.01
N PRO A 127 6.37 -3.94 -45.62
CA PRO A 127 6.33 -3.80 -47.08
C PRO A 127 6.81 -5.09 -47.73
N SER A 128 6.33 -5.38 -48.94
CA SER A 128 6.70 -6.61 -49.63
C SER A 128 8.20 -6.78 -49.85
N ALA A 129 8.95 -5.69 -49.76
CA ALA A 129 10.40 -5.76 -49.93
C ALA A 129 11.11 -6.28 -48.70
N ASP A 130 10.39 -6.37 -47.58
CA ASP A 130 10.99 -6.84 -46.34
C ASP A 130 10.52 -8.22 -45.90
N THR A 131 9.51 -8.76 -46.57
CA THR A 131 8.94 -10.05 -46.21
C THR A 131 9.47 -11.26 -46.95
N LEU A 132 9.33 -12.42 -46.31
CA LEU A 132 9.78 -13.69 -46.85
C LEU A 132 8.99 -14.13 -48.08
N ASP A 133 7.68 -13.91 -48.08
CA ASP A 133 6.85 -14.32 -49.20
C ASP A 133 6.60 -13.23 -50.24
N GLY A 134 7.18 -12.06 -50.04
CA GLY A 134 7.00 -10.97 -50.99
C GLY A 134 5.62 -10.36 -51.05
N LYS A 135 4.87 -10.45 -49.94
CA LYS A 135 3.54 -9.84 -49.88
C LYS A 135 3.62 -8.75 -48.82
N VAL A 136 2.64 -7.86 -48.82
CA VAL A 136 2.60 -6.80 -47.82
C VAL A 136 1.83 -7.39 -46.64
N HIS A 137 2.45 -7.39 -45.47
CA HIS A 137 1.82 -7.94 -44.29
C HIS A 137 1.37 -6.88 -43.30
N LEU A 138 0.18 -7.07 -42.74
CA LEU A 138 -0.37 -6.16 -41.75
C LEU A 138 -0.87 -6.99 -40.57
N THR A 139 -0.39 -6.70 -39.38
CA THR A 139 -0.82 -7.41 -38.17
C THR A 139 -1.55 -6.41 -37.28
N VAL A 140 -2.80 -6.71 -36.97
CA VAL A 140 -3.62 -5.83 -36.12
C VAL A 140 -3.07 -5.75 -34.70
N ALA A 141 -3.05 -4.53 -34.14
CA ALA A 141 -2.56 -4.33 -32.77
C ALA A 141 -3.68 -4.60 -31.78
N ASN A 142 -3.41 -5.39 -30.75
CA ASN A 142 -4.45 -5.67 -29.79
C ASN A 142 -4.83 -4.44 -28.94
N LEU A 143 -3.89 -3.53 -28.75
CA LEU A 143 -4.11 -2.32 -27.94
C LEU A 143 -4.70 -2.73 -26.59
N ASN A 144 -4.13 -3.78 -26.01
CA ASN A 144 -4.61 -4.34 -24.75
C ASN A 144 -4.52 -3.48 -23.50
N ASN A 145 -3.58 -2.54 -23.48
CA ASN A 145 -3.42 -1.73 -22.28
C ASN A 145 -4.66 -0.93 -21.89
N LYS A 146 -5.29 -0.27 -22.86
CA LYS A 146 -6.49 0.52 -22.58
C LYS A 146 -7.74 -0.17 -23.06
N PHE A 147 -8.63 -0.45 -22.12
CA PHE A 147 -9.89 -1.13 -22.44
C PHE A 147 -10.60 -0.51 -23.63
N HIS A 148 -10.85 0.79 -23.60
CA HIS A 148 -11.57 1.42 -24.72
C HIS A 148 -10.90 1.19 -26.07
N ARG A 149 -9.58 1.05 -26.09
CA ARG A 149 -8.91 0.82 -27.37
C ARG A 149 -8.79 -0.67 -27.69
N SER A 150 -8.71 -1.52 -26.67
CA SER A 150 -8.62 -2.97 -26.92
C SER A 150 -9.83 -3.47 -27.71
N LEU A 151 -10.93 -2.71 -27.63
CA LEU A 151 -12.17 -3.06 -28.33
C LEU A 151 -12.07 -2.90 -29.85
N GLU A 152 -11.09 -2.11 -30.29
CA GLU A 152 -10.90 -1.82 -31.73
C GLU A 152 -10.50 -2.96 -32.67
N ALA A 153 -9.57 -3.80 -32.21
CA ALA A 153 -9.03 -4.90 -33.01
C ALA A 153 -9.93 -5.68 -33.95
N PRO A 154 -11.04 -6.25 -33.45
CA PRO A 154 -11.92 -7.01 -34.34
C PRO A 154 -12.44 -6.23 -35.55
N VAL A 155 -12.89 -5.00 -35.31
CA VAL A 155 -13.42 -4.18 -36.40
C VAL A 155 -12.28 -3.67 -37.27
N THR A 156 -11.18 -3.28 -36.64
CA THR A 156 -10.02 -2.79 -37.39
C THR A 156 -9.57 -3.87 -38.35
N GLU A 157 -9.60 -5.12 -37.90
CA GLU A 157 -9.20 -6.23 -38.76
C GLU A 157 -10.17 -6.30 -39.97
N SER A 158 -11.47 -6.20 -39.71
CA SER A 158 -12.47 -6.23 -40.78
C SER A 158 -12.24 -5.09 -41.78
N LEU A 159 -11.93 -3.91 -41.28
CA LEU A 159 -11.67 -2.77 -42.14
C LEU A 159 -10.43 -2.97 -43.01
N LEU A 160 -9.33 -3.44 -42.41
CA LEU A 160 -8.11 -3.64 -43.17
C LEU A 160 -8.28 -4.70 -44.26
N LYS A 161 -9.11 -5.71 -43.98
CA LYS A 161 -9.34 -6.75 -44.98
C LYS A 161 -10.26 -6.23 -46.09
N ALA A 162 -11.07 -5.23 -45.77
CA ALA A 162 -11.98 -4.66 -46.75
C ALA A 162 -11.26 -3.64 -47.62
N ILE A 163 -10.15 -3.10 -47.11
CA ILE A 163 -9.37 -2.10 -47.84
C ILE A 163 -8.22 -2.73 -48.64
N PHE A 164 -7.42 -3.57 -47.99
CA PHE A 164 -6.34 -4.25 -48.70
C PHE A 164 -6.90 -5.65 -48.97
N ASN A 165 -7.96 -5.68 -49.79
CA ASN A 165 -8.68 -6.93 -50.07
C ASN A 165 -8.13 -7.91 -51.11
N ASP A 166 -7.03 -7.59 -51.77
CA ASP A 166 -6.46 -8.51 -52.74
C ASP A 166 -5.51 -9.42 -51.94
N GLU A 167 -6.00 -10.60 -51.57
CA GLU A 167 -5.19 -11.51 -50.76
C GLU A 167 -3.90 -12.04 -51.41
N GLU A 168 -3.72 -11.80 -52.69
CA GLU A 168 -2.51 -12.25 -53.38
C GLU A 168 -1.40 -11.24 -53.09
N LYS A 169 -1.79 -10.02 -52.76
CA LYS A 169 -0.84 -8.96 -52.48
C LYS A 169 -0.82 -8.51 -51.01
N PHE A 170 -1.86 -8.81 -50.26
CA PHE A 170 -1.90 -8.39 -48.86
C PHE A 170 -2.30 -9.52 -47.91
N SER A 171 -1.62 -9.58 -46.77
CA SER A 171 -1.90 -10.58 -45.75
C SER A 171 -2.18 -9.87 -44.41
N VAL A 172 -3.44 -9.91 -43.99
CA VAL A 172 -3.83 -9.27 -42.73
C VAL A 172 -3.89 -10.34 -41.64
N HIS A 173 -3.11 -10.13 -40.58
CA HIS A 173 -3.05 -11.06 -39.46
C HIS A 173 -3.85 -10.54 -38.27
N SER A 174 -4.51 -11.44 -37.56
CA SER A 174 -5.29 -11.04 -36.39
C SER A 174 -4.37 -10.59 -35.26
N ALA A 175 -4.91 -9.79 -34.35
CA ALA A 175 -4.14 -9.28 -33.22
C ALA A 175 -3.64 -10.36 -32.28
N LEU A 176 -2.55 -10.06 -31.58
CA LEU A 176 -1.97 -10.98 -30.61
C LEU A 176 -2.93 -11.16 -29.45
N PRO A 177 -2.80 -12.28 -28.72
CA PRO A 177 -3.68 -12.54 -27.57
C PRO A 177 -3.76 -11.31 -26.68
N GLN A 178 -4.96 -11.06 -26.15
CA GLN A 178 -5.22 -9.92 -25.30
C GLN A 178 -4.79 -10.14 -23.86
N VAL A 179 -3.50 -9.91 -23.59
CA VAL A 179 -2.94 -10.05 -22.24
C VAL A 179 -1.79 -9.05 -22.12
N ALA A 180 -1.58 -8.53 -20.90
CA ALA A 180 -0.52 -7.55 -20.64
C ALA A 180 0.86 -8.01 -21.12
N LEU A 181 1.10 -9.32 -21.03
CA LEU A 181 2.37 -9.89 -21.46
C LEU A 181 2.63 -9.63 -22.93
N LEU A 182 1.56 -9.46 -23.70
CA LEU A 182 1.67 -9.24 -25.14
C LEU A 182 1.10 -7.90 -25.59
N GLY A 183 1.20 -6.88 -24.74
CA GLY A 183 0.69 -5.56 -25.10
C GLY A 183 1.32 -5.10 -26.41
N ASP A 184 0.48 -4.71 -27.37
CA ASP A 184 0.98 -4.26 -28.67
C ASP A 184 0.24 -3.00 -29.13
N GLU A 185 1.01 -1.96 -29.50
CA GLU A 185 0.40 -0.71 -29.95
C GLU A 185 0.63 -0.40 -31.43
N GLY A 186 1.13 -1.38 -32.19
CA GLY A 186 1.31 -1.20 -33.63
C GLY A 186 2.35 -0.23 -34.18
N ALA A 187 2.05 0.31 -35.35
CA ALA A 187 2.93 1.22 -36.07
C ALA A 187 3.48 2.39 -35.24
N ALA A 188 2.74 2.83 -34.24
CA ALA A 188 3.20 3.94 -33.41
C ALA A 188 4.55 3.64 -32.75
N ASN A 189 4.89 2.36 -32.59
CA ASN A 189 6.16 1.96 -31.99
C ASN A 189 7.08 1.32 -33.02
N HIS A 190 6.71 1.46 -34.29
CA HIS A 190 7.48 0.87 -35.39
C HIS A 190 8.24 1.94 -36.16
N ASN A 191 9.29 1.53 -36.86
CA ASN A 191 10.11 2.44 -37.65
C ASN A 191 10.71 1.65 -38.82
N ARG A 192 11.01 2.33 -39.91
CA ARG A 192 11.61 1.68 -41.08
C ARG A 192 12.63 2.63 -41.70
N LEU A 193 13.88 2.19 -41.71
CA LEU A 193 14.96 3.01 -42.25
C LEU A 193 15.65 2.37 -43.46
N GLY A 194 16.07 3.20 -44.42
CA GLY A 194 16.73 2.68 -45.60
C GLY A 194 16.77 3.62 -46.79
N GLY A 195 17.15 3.09 -47.94
CA GLY A 195 17.22 3.90 -49.15
C GLY A 195 15.83 4.16 -49.64
N HIS A 196 15.59 3.96 -50.94
CA HIS A 196 14.26 4.18 -51.47
C HIS A 196 13.29 3.25 -50.75
N TYR A 197 12.04 3.70 -50.62
CA TYR A 197 11.01 2.94 -49.94
C TYR A 197 10.87 1.51 -50.44
N GLY A 198 11.08 1.32 -51.74
CA GLY A 198 10.94 -0.01 -52.34
C GLY A 198 12.05 -1.03 -52.13
N GLU A 199 13.18 -0.59 -51.57
CA GLU A 199 14.29 -1.51 -51.33
C GLU A 199 14.11 -2.13 -49.95
N PRO A 200 14.72 -3.30 -49.71
CA PRO A 200 14.58 -3.94 -48.40
C PRO A 200 15.01 -2.92 -47.34
N GLY A 201 14.24 -2.80 -46.27
CA GLY A 201 14.59 -1.85 -45.24
C GLY A 201 14.90 -2.46 -43.89
N MET A 202 15.37 -1.60 -42.98
CA MET A 202 15.71 -2.01 -41.62
C MET A 202 14.54 -1.62 -40.74
N GLN A 203 13.87 -2.60 -40.16
CA GLN A 203 12.73 -2.33 -39.30
C GLN A 203 13.16 -2.23 -37.85
N LEU A 204 12.75 -1.14 -37.20
CA LEU A 204 13.07 -0.93 -35.79
C LEU A 204 11.81 -0.98 -34.93
N PHE A 205 11.72 -1.99 -34.07
CA PHE A 205 10.58 -2.14 -33.17
C PHE A 205 10.99 -1.60 -31.81
N VAL A 206 10.20 -0.68 -31.25
CA VAL A 206 10.50 -0.10 -29.95
C VAL A 206 9.47 -0.53 -28.91
N TYR A 207 9.96 -0.95 -27.74
CA TYR A 207 9.09 -1.41 -26.65
C TYR A 207 9.40 -0.71 -25.33
N GLY A 208 8.48 -0.80 -24.38
CA GLY A 208 8.66 -0.14 -23.09
C GLY A 208 9.09 -1.06 -21.97
N ARG A 209 8.83 -2.35 -22.12
CA ARG A 209 9.20 -3.34 -21.11
C ARG A 209 9.30 -4.74 -21.69
N GLU A 210 9.86 -5.64 -20.91
CA GLU A 210 10.01 -7.03 -21.31
C GLU A 210 10.15 -7.88 -20.05
N GLU A 211 9.68 -9.12 -20.11
CA GLU A 211 9.76 -10.00 -18.96
C GLU A 211 11.24 -10.25 -18.62
N GLY A 212 11.53 -10.28 -17.32
CA GLY A 212 12.91 -10.51 -16.91
C GLY A 212 13.77 -9.26 -16.89
N ASN A 213 13.19 -8.12 -17.27
CA ASN A 213 13.93 -6.86 -17.27
C ASN A 213 13.29 -5.90 -16.28
N ASP A 214 14.08 -5.41 -15.32
CA ASP A 214 13.56 -4.48 -14.34
C ASP A 214 13.52 -3.04 -14.83
N THR A 215 14.28 -2.75 -15.89
CA THR A 215 14.29 -1.41 -16.46
C THR A 215 12.95 -1.19 -17.12
N ARG A 216 12.08 -0.43 -16.45
CA ARG A 216 10.74 -0.14 -16.95
C ARG A 216 10.16 1.06 -16.20
N PRO A 217 9.23 1.78 -16.85
CA PRO A 217 8.60 2.96 -16.22
C PRO A 217 7.98 2.63 -14.86
N SER A 218 7.97 3.61 -13.96
CA SER A 218 7.41 3.42 -12.63
C SER A 218 6.15 4.22 -12.36
N ARG A 219 5.89 5.23 -13.21
CA ARG A 219 4.71 6.07 -13.02
C ARG A 219 3.63 5.78 -14.06
N TYR A 220 3.99 5.93 -15.35
CA TYR A 220 3.06 5.67 -16.43
C TYR A 220 3.36 4.28 -16.96
N PRO A 221 2.36 3.60 -17.56
CA PRO A 221 2.55 2.26 -18.09
C PRO A 221 3.30 2.12 -19.40
N ALA A 222 3.94 0.97 -19.57
CA ALA A 222 4.65 0.63 -20.79
C ALA A 222 3.65 -0.25 -21.53
N ARG A 223 2.93 0.34 -22.48
CA ARG A 223 1.92 -0.39 -23.25
C ARG A 223 2.49 -1.48 -24.14
N GLN A 224 3.69 -1.28 -24.65
CA GLN A 224 4.32 -2.24 -25.57
C GLN A 224 5.35 -3.14 -24.91
N THR A 225 5.24 -4.44 -25.14
CA THR A 225 6.19 -5.39 -24.58
C THR A 225 7.04 -5.92 -25.72
N ARG A 226 8.29 -6.25 -25.42
CA ARG A 226 9.19 -6.78 -26.44
C ARG A 226 8.64 -8.08 -27.00
N GLU A 227 8.04 -8.89 -26.13
CA GLU A 227 7.46 -10.16 -26.55
C GLU A 227 6.47 -9.94 -27.69
N ALA A 228 5.64 -8.91 -27.55
CA ALA A 228 4.66 -8.58 -28.58
C ALA A 228 5.36 -8.21 -29.89
N SER A 229 6.36 -7.33 -29.79
CA SER A 229 7.10 -6.88 -30.96
C SER A 229 7.73 -8.03 -31.73
N GLU A 230 8.34 -8.96 -31.02
CA GLU A 230 8.97 -10.12 -31.66
C GLU A 230 7.92 -11.00 -32.34
N ALA A 231 6.75 -11.12 -31.73
CA ALA A 231 5.68 -11.93 -32.31
C ALA A 231 5.19 -11.25 -33.57
N VAL A 232 5.08 -9.92 -33.55
CA VAL A 232 4.64 -9.20 -34.73
C VAL A 232 5.65 -9.38 -35.84
N ALA A 233 6.93 -9.27 -35.51
CA ALA A 233 7.99 -9.44 -36.51
C ALA A 233 7.84 -10.80 -37.18
N ARG A 234 7.46 -11.81 -36.40
CA ARG A 234 7.28 -13.16 -36.93
C ARG A 234 6.08 -13.23 -37.85
N LEU A 235 4.94 -12.75 -37.36
CA LEU A 235 3.70 -12.75 -38.12
C LEU A 235 3.84 -12.06 -39.47
N ASN A 236 4.55 -10.94 -39.50
CA ASN A 236 4.71 -10.18 -40.74
C ASN A 236 5.82 -10.72 -41.63
N GLN A 237 6.33 -11.90 -41.28
CA GLN A 237 7.38 -12.56 -42.04
C GLN A 237 8.54 -11.64 -42.40
N VAL A 238 8.99 -10.86 -41.44
CA VAL A 238 10.09 -9.93 -41.66
C VAL A 238 11.42 -10.67 -41.67
N ASN A 239 12.23 -10.43 -42.69
CA ASN A 239 13.55 -11.06 -42.78
C ASN A 239 14.28 -10.77 -41.47
N PRO A 240 14.69 -11.81 -40.74
CA PRO A 240 15.40 -11.69 -39.47
C PRO A 240 16.65 -10.80 -39.47
N GLN A 241 17.22 -10.57 -40.65
CA GLN A 241 18.40 -9.73 -40.77
C GLN A 241 18.04 -8.25 -40.90
N GLN A 242 16.76 -7.98 -41.16
CA GLN A 242 16.29 -6.60 -41.31
C GLN A 242 15.48 -6.16 -40.09
N VAL A 243 15.67 -6.82 -38.95
CA VAL A 243 14.91 -6.48 -37.74
C VAL A 243 15.78 -6.09 -36.56
N ILE A 244 15.32 -5.11 -35.78
CA ILE A 244 16.04 -4.66 -34.62
C ILE A 244 15.07 -4.15 -33.55
N PHE A 245 15.26 -4.63 -32.32
CA PHE A 245 14.40 -4.22 -31.20
C PHE A 245 15.16 -3.35 -30.22
N ALA A 246 14.56 -2.22 -29.84
CA ALA A 246 15.18 -1.29 -28.91
C ALA A 246 14.19 -0.89 -27.83
N GLN A 247 14.68 -0.72 -26.61
CA GLN A 247 13.82 -0.32 -25.51
C GLN A 247 13.73 1.19 -25.40
N GLN A 248 12.52 1.70 -25.20
CA GLN A 248 12.31 3.13 -25.06
C GLN A 248 12.87 3.51 -23.70
N ASN A 249 13.33 4.74 -23.56
CA ASN A 249 13.86 5.22 -22.27
C ASN A 249 12.68 5.26 -21.29
N PRO A 250 12.77 4.49 -20.19
CA PRO A 250 11.66 4.50 -19.23
C PRO A 250 11.36 5.89 -18.68
N ASP A 251 12.39 6.72 -18.56
CA ASP A 251 12.22 8.08 -18.04
C ASP A 251 11.30 8.95 -18.87
N VAL A 252 11.33 8.80 -20.20
CA VAL A 252 10.46 9.61 -21.04
C VAL A 252 9.02 9.09 -21.03
N ILE A 253 8.85 7.77 -20.86
CA ILE A 253 7.52 7.21 -20.80
C ILE A 253 6.87 7.77 -19.53
N ASP A 254 7.66 7.87 -18.46
CA ASP A 254 7.15 8.41 -17.21
C ASP A 254 6.86 9.91 -17.27
N GLN A 255 7.15 10.52 -18.43
CA GLN A 255 6.90 11.94 -18.63
C GLN A 255 5.85 12.18 -19.72
N GLY A 256 5.22 11.10 -20.19
CA GLY A 256 4.19 11.28 -21.20
C GLY A 256 4.40 10.64 -22.56
N VAL A 257 5.57 10.08 -22.80
CA VAL A 257 5.84 9.44 -24.09
C VAL A 257 5.26 8.03 -24.04
N PHE A 258 3.96 7.90 -24.30
CA PHE A 258 3.29 6.59 -24.26
C PHE A 258 3.45 5.71 -25.49
N HIS A 259 4.00 6.27 -26.56
CA HIS A 259 4.28 5.55 -27.80
C HIS A 259 5.59 6.16 -28.32
N ASN A 260 6.36 5.41 -29.08
CA ASN A 260 7.61 5.92 -29.63
C ASN A 260 7.40 7.15 -30.52
N ASP A 261 6.25 7.25 -31.18
CA ASP A 261 5.99 8.37 -32.07
C ASP A 261 5.73 9.73 -31.40
N VAL A 262 5.98 9.79 -30.09
CA VAL A 262 5.83 11.04 -29.35
C VAL A 262 7.25 11.56 -29.07
N ILE A 263 8.25 10.75 -29.39
CA ILE A 263 9.65 11.13 -29.12
C ILE A 263 10.62 10.87 -30.28
N ALA A 264 10.16 10.22 -31.34
CA ALA A 264 11.03 9.93 -32.49
C ALA A 264 10.23 9.55 -33.72
N VAL A 265 10.76 9.88 -34.89
CA VAL A 265 10.10 9.57 -36.15
C VAL A 265 11.15 9.25 -37.23
N SER A 266 10.89 8.24 -38.04
CA SER A 266 11.82 7.87 -39.09
C SER A 266 11.27 8.09 -40.50
N ASN A 267 12.18 8.13 -41.48
CA ASN A 267 11.81 8.26 -42.88
C ASN A 267 13.05 8.13 -43.74
N ARG A 268 13.04 7.13 -44.60
CA ARG A 268 14.16 6.86 -45.48
C ARG A 268 15.42 6.66 -44.63
N GLN A 269 16.46 7.46 -44.86
CA GLN A 269 17.70 7.29 -44.09
C GLN A 269 17.79 8.13 -42.82
N VAL A 270 16.74 8.89 -42.52
CA VAL A 270 16.74 9.75 -41.34
C VAL A 270 15.93 9.28 -40.14
N LEU A 271 16.50 9.48 -38.95
CA LEU A 271 15.82 9.18 -37.69
C LEU A 271 15.88 10.47 -36.87
N PHE A 272 14.75 11.15 -36.78
CA PHE A 272 14.61 12.40 -36.04
C PHE A 272 14.10 12.02 -34.66
N CYS A 273 14.93 12.22 -33.64
CA CYS A 273 14.53 11.83 -32.30
C CYS A 273 15.09 12.71 -31.21
N HIS A 274 14.52 12.59 -30.01
CA HIS A 274 15.00 13.36 -28.89
C HIS A 274 16.22 12.64 -28.30
N GLN A 275 17.07 13.41 -27.62
CA GLN A 275 18.28 12.87 -27.00
C GLN A 275 17.96 11.77 -25.97
N GLN A 276 16.81 11.88 -25.31
CA GLN A 276 16.41 10.92 -24.28
C GLN A 276 15.39 9.89 -24.75
N ALA A 277 15.23 9.76 -26.06
CA ALA A 277 14.26 8.83 -26.62
C ALA A 277 14.45 7.37 -26.21
N PHE A 278 15.65 6.86 -26.41
CA PHE A 278 15.89 5.45 -26.10
C PHE A 278 16.82 5.14 -24.95
N ALA A 279 16.77 3.88 -24.54
CA ALA A 279 17.65 3.38 -23.50
C ALA A 279 18.84 2.92 -24.34
N ARG A 280 20.07 3.15 -23.87
CA ARG A 280 21.24 2.76 -24.65
C ARG A 280 21.12 3.41 -26.03
N GLN A 281 20.87 4.72 -26.07
CA GLN A 281 20.70 5.40 -27.34
C GLN A 281 21.95 5.42 -28.21
N SER A 282 23.11 5.62 -27.58
CA SER A 282 24.35 5.66 -28.33
C SER A 282 24.58 4.35 -29.08
N GLN A 283 24.38 3.24 -28.38
CA GLN A 283 24.57 1.92 -28.94
C GLN A 283 23.61 1.64 -30.09
N LEU A 284 22.37 2.11 -29.97
CA LEU A 284 21.36 1.90 -31.01
C LEU A 284 21.72 2.70 -32.27
N LEU A 285 22.07 3.96 -32.10
CA LEU A 285 22.42 4.80 -33.23
C LEU A 285 23.65 4.24 -33.96
N ALA A 286 24.61 3.72 -33.20
CA ALA A 286 25.82 3.15 -33.78
C ALA A 286 25.49 1.90 -34.58
N ASN A 287 24.62 1.06 -34.02
CA ASN A 287 24.23 -0.18 -34.69
C ASN A 287 23.48 0.16 -36.00
N LEU A 288 22.62 1.18 -35.94
CA LEU A 288 21.86 1.61 -37.11
C LEU A 288 22.80 2.25 -38.13
N ARG A 289 23.83 2.91 -37.63
CA ARG A 289 24.81 3.58 -38.48
C ARG A 289 25.62 2.57 -39.30
N ALA A 290 25.90 1.42 -38.71
CA ALA A 290 26.68 0.39 -39.39
C ALA A 290 25.82 -0.56 -40.22
N ARG A 291 24.50 -0.45 -40.10
CA ARG A 291 23.62 -1.35 -40.84
C ARG A 291 22.71 -0.66 -41.84
N VAL A 292 22.71 0.67 -41.85
CA VAL A 292 21.88 1.42 -42.78
C VAL A 292 22.74 2.43 -43.53
N ASN A 293 23.00 2.15 -44.80
CA ASN A 293 23.83 3.03 -45.62
C ASN A 293 23.32 4.45 -45.64
N GLY A 294 24.19 5.40 -45.32
CA GLY A 294 23.83 6.80 -45.32
C GLY A 294 22.91 7.21 -44.18
N PHE A 295 22.82 6.38 -43.15
CA PHE A 295 21.97 6.68 -42.02
C PHE A 295 22.32 8.01 -41.36
N MET A 296 21.30 8.83 -41.12
CA MET A 296 21.51 10.12 -40.47
C MET A 296 20.56 10.26 -39.29
N ALA A 297 21.14 10.52 -38.12
CA ALA A 297 20.36 10.70 -36.91
C ALA A 297 20.37 12.17 -36.53
N ILE A 298 19.19 12.79 -36.49
CA ILE A 298 19.06 14.18 -36.10
C ILE A 298 18.57 14.11 -34.65
N GLU A 299 19.50 14.28 -33.72
CA GLU A 299 19.19 14.20 -32.30
C GLU A 299 19.00 15.58 -31.67
N VAL A 300 17.85 15.78 -31.04
CA VAL A 300 17.52 17.04 -30.39
C VAL A 300 17.96 16.99 -28.91
N PRO A 301 18.87 17.89 -28.51
CA PRO A 301 19.35 17.92 -27.13
C PRO A 301 18.31 18.48 -26.17
N ALA A 302 18.35 18.00 -24.92
CA ALA A 302 17.39 18.46 -23.92
C ALA A 302 17.54 19.94 -23.64
N THR A 303 18.70 20.51 -23.98
CA THR A 303 18.94 21.93 -23.74
C THR A 303 18.15 22.84 -24.70
N GLN A 304 17.75 22.31 -25.84
CA GLN A 304 16.98 23.11 -26.79
C GLN A 304 15.49 22.80 -26.66
N VAL A 305 15.17 21.53 -26.45
CA VAL A 305 13.79 21.09 -26.29
C VAL A 305 13.75 20.08 -25.13
N SER A 306 13.00 20.39 -24.09
CA SER A 306 12.89 19.49 -22.94
C SER A 306 11.83 18.42 -23.22
N VAL A 307 11.89 17.31 -22.49
CA VAL A 307 10.92 16.24 -22.69
C VAL A 307 9.51 16.80 -22.50
N SER A 308 9.37 17.68 -21.51
CA SER A 308 8.08 18.30 -21.22
C SER A 308 7.57 19.09 -22.43
N ASP A 309 8.47 19.77 -23.13
CA ASP A 309 8.11 20.55 -24.31
C ASP A 309 7.76 19.64 -25.49
N THR A 310 8.38 18.48 -25.57
CA THR A 310 8.10 17.57 -26.66
C THR A 310 6.69 17.02 -26.51
N VAL A 311 6.32 16.69 -25.27
CA VAL A 311 5.01 16.14 -24.98
C VAL A 311 3.88 17.13 -25.23
N SER A 312 4.10 18.40 -24.89
CA SER A 312 3.05 19.40 -25.09
C SER A 312 2.94 19.88 -26.53
N THR A 313 4.04 19.82 -27.28
CA THR A 313 4.04 20.29 -28.67
C THR A 313 3.90 19.19 -29.72
N TYR A 314 4.37 17.98 -29.40
CA TYR A 314 4.29 16.86 -30.32
C TYR A 314 5.11 17.04 -31.59
N LEU A 315 6.25 17.73 -31.45
CA LEU A 315 7.12 17.96 -32.60
C LEU A 315 7.63 16.65 -33.20
N PHE A 316 7.72 15.61 -32.40
CA PHE A 316 8.17 14.32 -32.91
C PHE A 316 7.02 13.48 -33.44
N ASN A 317 5.78 13.94 -33.22
CA ASN A 317 4.64 13.19 -33.74
C ASN A 317 4.33 13.81 -35.08
N SER A 318 5.37 14.30 -35.73
CA SER A 318 5.27 14.93 -37.03
C SER A 318 5.43 13.87 -38.10
N GLN A 319 5.03 14.22 -39.32
CA GLN A 319 5.18 13.32 -40.44
C GLN A 319 6.41 13.83 -41.18
N LEU A 320 7.35 12.93 -41.44
CA LEU A 320 8.57 13.27 -42.16
C LEU A 320 8.39 12.70 -43.56
N LEU A 321 8.04 13.57 -44.49
CA LEU A 321 7.77 13.17 -45.87
C LEU A 321 8.93 13.39 -46.81
N SER A 322 8.95 12.62 -47.90
CA SER A 322 9.98 12.74 -48.90
C SER A 322 9.42 13.38 -50.15
N ARG A 323 10.08 14.41 -50.66
CA ARG A 323 9.64 15.07 -51.87
C ARG A 323 10.44 14.43 -52.98
N ASP A 324 10.08 14.69 -54.24
CA ASP A 324 10.79 14.10 -55.36
C ASP A 324 12.28 14.40 -55.46
N ASP A 325 12.74 15.48 -54.83
CA ASP A 325 14.15 15.83 -54.89
C ASP A 325 14.95 15.03 -53.86
N GLY A 326 14.23 14.38 -52.94
CA GLY A 326 14.90 13.61 -51.91
C GLY A 326 14.89 14.43 -50.64
N SER A 327 14.49 15.69 -50.77
CA SER A 327 14.41 16.60 -49.63
C SER A 327 13.18 16.20 -48.84
N MET A 328 13.12 16.61 -47.59
CA MET A 328 12.00 16.25 -46.72
C MET A 328 11.19 17.42 -46.19
N MET A 329 9.94 17.12 -45.84
CA MET A 329 9.02 18.11 -45.29
C MET A 329 8.49 17.59 -43.96
N LEU A 330 8.51 18.43 -42.94
CA LEU A 330 8.00 18.06 -41.61
C LEU A 330 6.57 18.57 -41.44
N VAL A 331 5.64 17.64 -41.22
CA VAL A 331 4.23 17.97 -41.01
C VAL A 331 4.03 18.09 -39.49
N LEU A 332 3.67 19.27 -39.03
CA LEU A 332 3.51 19.52 -37.60
C LEU A 332 2.15 20.05 -37.19
N PRO A 333 1.80 19.86 -35.91
CA PRO A 333 0.53 20.33 -35.37
C PRO A 333 0.76 21.80 -35.00
N GLN A 334 -0.31 22.59 -35.02
CA GLN A 334 -0.25 24.01 -34.73
C GLN A 334 0.45 24.35 -33.41
N GLU A 335 0.40 23.43 -32.45
CA GLU A 335 1.02 23.70 -31.16
C GLU A 335 2.54 23.93 -31.29
N CYS A 336 3.15 23.38 -32.34
CA CYS A 336 4.59 23.57 -32.54
C CYS A 336 4.92 25.02 -32.93
N ARG A 337 3.96 25.69 -33.56
CA ARG A 337 4.14 27.08 -33.98
C ARG A 337 3.83 28.05 -32.85
N GLU A 338 3.06 27.59 -31.87
CA GLU A 338 2.67 28.43 -30.74
C GLU A 338 3.66 28.41 -29.59
N HIS A 339 4.53 27.41 -29.57
CA HIS A 339 5.55 27.29 -28.53
C HIS A 339 6.84 27.92 -29.06
N ALA A 340 7.22 29.06 -28.50
CA ALA A 340 8.41 29.80 -28.94
C ALA A 340 9.66 28.94 -29.07
N GLY A 341 10.01 28.23 -28.00
CA GLY A 341 11.20 27.40 -28.03
C GLY A 341 11.21 26.31 -29.09
N VAL A 342 10.07 25.63 -29.26
CA VAL A 342 9.97 24.56 -30.23
C VAL A 342 9.93 25.07 -31.68
N TRP A 343 9.19 26.17 -31.91
CA TRP A 343 9.13 26.71 -33.26
C TRP A 343 10.53 27.21 -33.64
N GLY A 344 11.23 27.76 -32.65
CA GLY A 344 12.57 28.25 -32.89
C GLY A 344 13.48 27.11 -33.32
N TYR A 345 13.46 26.01 -32.55
CA TYR A 345 14.31 24.86 -32.87
C TYR A 345 14.02 24.27 -34.24
N LEU A 346 12.73 24.07 -34.54
CA LEU A 346 12.33 23.50 -35.82
C LEU A 346 12.85 24.33 -36.98
N ASN A 347 12.86 25.65 -36.81
CA ASN A 347 13.35 26.52 -37.86
C ASN A 347 14.87 26.48 -37.95
N GLU A 348 15.52 26.17 -36.83
CA GLU A 348 16.96 26.05 -36.83
C GLU A 348 17.23 24.79 -37.66
N LEU A 349 16.44 23.76 -37.37
CA LEU A 349 16.52 22.49 -38.08
C LEU A 349 16.26 22.69 -39.58
N LEU A 350 15.27 23.53 -39.89
CA LEU A 350 14.92 23.82 -41.27
C LEU A 350 16.08 24.47 -42.02
N ALA A 351 16.70 25.46 -41.38
CA ALA A 351 17.82 26.16 -41.98
C ALA A 351 19.08 25.32 -42.00
N ALA A 352 19.24 24.46 -41.00
CA ALA A 352 20.42 23.60 -40.87
C ALA A 352 20.63 22.71 -42.09
N ASP A 353 21.88 22.33 -42.33
CA ASP A 353 22.19 21.48 -43.48
C ASP A 353 21.82 20.03 -43.23
N ASN A 354 20.62 19.66 -43.71
CA ASN A 354 20.10 18.31 -43.56
C ASN A 354 18.96 18.13 -44.58
N PRO A 355 18.33 16.94 -44.59
CA PRO A 355 17.23 16.69 -45.54
C PRO A 355 15.97 17.53 -45.37
N ILE A 356 15.74 18.05 -44.17
CA ILE A 356 14.55 18.84 -43.89
C ILE A 356 14.59 20.24 -44.52
N SER A 357 13.78 20.45 -45.55
CA SER A 357 13.79 21.73 -46.23
C SER A 357 12.45 22.47 -46.26
N GLU A 358 11.49 22.00 -45.47
CA GLU A 358 10.20 22.66 -45.43
C GLU A 358 9.38 22.24 -44.22
N LEU A 359 8.70 23.20 -43.62
CA LEU A 359 7.86 22.97 -42.46
C LEU A 359 6.42 23.22 -42.89
N LYS A 360 5.52 22.32 -42.53
CA LYS A 360 4.11 22.47 -42.87
C LYS A 360 3.31 22.27 -41.58
N VAL A 361 2.51 23.27 -41.20
CA VAL A 361 1.73 23.21 -39.98
C VAL A 361 0.24 23.06 -40.22
N PHE A 362 -0.39 22.21 -39.42
CA PHE A 362 -1.83 21.98 -39.54
C PHE A 362 -2.54 22.14 -38.19
N ASP A 363 -3.79 22.58 -38.24
CA ASP A 363 -4.58 22.74 -37.03
C ASP A 363 -5.33 21.44 -36.77
N LEU A 364 -4.87 20.69 -35.78
CA LEU A 364 -5.48 19.42 -35.41
C LEU A 364 -5.75 19.48 -33.91
N ARG A 365 -6.28 20.60 -33.47
CA ARG A 365 -6.59 20.82 -32.06
C ARG A 365 -7.47 19.75 -31.43
N GLU A 366 -8.54 19.37 -32.10
CA GLU A 366 -9.44 18.37 -31.55
C GLU A 366 -8.68 17.07 -31.29
N SER A 367 -7.86 16.63 -32.24
CA SER A 367 -7.10 15.41 -32.05
C SER A 367 -6.03 15.55 -30.98
N MET A 368 -5.32 16.68 -30.99
CA MET A 368 -4.25 16.93 -30.03
C MET A 368 -4.76 17.00 -28.60
N ALA A 369 -5.99 17.45 -28.42
CA ALA A 369 -6.58 17.54 -27.09
C ALA A 369 -6.63 16.15 -26.44
N ASN A 370 -6.69 15.10 -27.27
CA ASN A 370 -6.72 13.75 -26.74
C ASN A 370 -5.38 13.02 -26.92
N GLY A 371 -4.32 13.77 -27.20
CA GLY A 371 -3.00 13.18 -27.33
C GLY A 371 -2.62 12.60 -28.68
N GLY A 372 -3.28 13.04 -29.74
CA GLY A 372 -2.97 12.53 -31.07
C GLY A 372 -2.60 13.65 -32.03
N GLY A 373 -1.43 13.53 -32.64
CA GLY A 373 -0.99 14.54 -33.60
C GLY A 373 -1.07 14.04 -35.04
N PRO A 374 -0.35 14.69 -35.97
CA PRO A 374 -0.34 14.32 -37.38
C PRO A 374 0.00 12.85 -37.63
N ALA A 375 1.07 12.39 -36.98
CA ALA A 375 1.50 11.01 -37.14
C ALA A 375 0.53 10.01 -36.53
N CYS A 376 -0.04 10.33 -35.36
CA CYS A 376 -0.98 9.42 -34.72
C CYS A 376 -2.19 9.15 -35.62
N LEU A 377 -2.55 10.14 -36.44
CA LEU A 377 -3.70 10.01 -37.33
C LEU A 377 -3.42 9.30 -38.64
N ARG A 378 -2.20 8.82 -38.84
CA ARG A 378 -1.88 8.15 -40.09
C ARG A 378 -1.09 6.86 -39.92
N LEU A 379 -1.28 5.94 -40.87
CA LEU A 379 -0.62 4.65 -40.90
C LEU A 379 0.16 4.58 -42.23
N ARG A 380 1.49 4.50 -42.14
CA ARG A 380 2.32 4.43 -43.34
C ARG A 380 2.40 3.04 -43.96
N VAL A 381 2.06 2.95 -45.24
CA VAL A 381 2.10 1.68 -45.95
C VAL A 381 2.80 1.82 -47.30
N VAL A 382 4.00 1.27 -47.38
CA VAL A 382 4.78 1.31 -48.61
C VAL A 382 4.19 0.30 -49.59
N LEU A 383 3.82 0.77 -50.77
CA LEU A 383 3.19 -0.06 -51.79
C LEU A 383 3.78 0.14 -53.18
N THR A 384 3.98 -0.97 -53.90
CA THR A 384 4.50 -0.91 -55.26
C THR A 384 3.34 -0.47 -56.15
N GLU A 385 3.64 -0.06 -57.38
CA GLU A 385 2.60 0.39 -58.29
C GLU A 385 1.49 -0.65 -58.41
N GLU A 386 1.89 -1.91 -58.54
CA GLU A 386 0.93 -3.02 -58.68
C GLU A 386 0.07 -3.20 -57.42
N GLU A 387 0.69 -3.11 -56.26
CA GLU A 387 -0.03 -3.27 -55.01
C GLU A 387 -0.97 -2.08 -54.77
N ARG A 388 -0.56 -0.90 -55.22
CA ARG A 388 -1.39 0.29 -55.06
C ARG A 388 -2.70 0.12 -55.81
N ARG A 389 -2.63 -0.43 -57.01
CA ARG A 389 -3.83 -0.65 -57.81
C ARG A 389 -4.73 -1.70 -57.19
N ALA A 390 -4.14 -2.60 -56.39
CA ALA A 390 -4.90 -3.66 -55.73
C ALA A 390 -5.66 -3.19 -54.49
N VAL A 391 -5.44 -1.95 -54.09
CA VAL A 391 -6.14 -1.39 -52.93
C VAL A 391 -7.54 -0.96 -53.33
N ASN A 392 -8.49 -1.05 -52.41
CA ASN A 392 -9.87 -0.62 -52.67
C ASN A 392 -9.73 0.82 -53.13
N PRO A 393 -9.95 1.10 -54.43
CA PRO A 393 -9.83 2.47 -54.96
C PRO A 393 -10.79 3.48 -54.34
N ALA A 394 -11.87 2.98 -53.73
CA ALA A 394 -12.86 3.85 -53.11
C ALA A 394 -12.35 4.61 -51.88
N VAL A 395 -11.21 4.20 -51.31
CA VAL A 395 -10.68 4.90 -50.14
C VAL A 395 -9.51 5.83 -50.45
N MET A 396 -9.08 5.87 -51.71
CA MET A 396 -7.97 6.74 -52.08
C MET A 396 -8.47 8.18 -52.16
N MET A 397 -7.71 9.10 -51.55
CA MET A 397 -8.11 10.51 -51.52
C MET A 397 -7.95 11.24 -52.85
N ASN A 398 -8.96 12.04 -53.16
CA ASN A 398 -9.01 12.86 -54.38
C ASN A 398 -10.15 13.85 -54.17
N ASP A 399 -10.36 14.76 -55.12
CA ASP A 399 -11.43 15.75 -54.99
C ASP A 399 -12.81 15.16 -54.73
N THR A 400 -13.13 14.10 -55.46
CA THR A 400 -14.42 13.44 -55.31
C THR A 400 -14.65 12.87 -53.92
N LEU A 401 -13.66 12.17 -53.38
CA LEU A 401 -13.82 11.60 -52.04
C LEU A 401 -13.82 12.70 -50.98
N PHE A 402 -12.95 13.69 -51.16
CA PHE A 402 -12.86 14.80 -50.22
C PHE A 402 -14.21 15.50 -50.09
N ASN A 403 -14.83 15.82 -51.22
CA ASN A 403 -16.14 16.48 -51.20
C ASN A 403 -17.21 15.57 -50.62
N ALA A 404 -17.20 14.29 -51.02
CA ALA A 404 -18.20 13.36 -50.52
C ALA A 404 -18.10 13.20 -49.00
N LEU A 405 -16.88 13.12 -48.48
CA LEU A 405 -16.69 12.96 -47.04
C LEU A 405 -17.09 14.21 -46.26
N ASN A 406 -16.84 15.39 -46.82
CA ASN A 406 -17.23 16.62 -46.13
C ASN A 406 -18.75 16.71 -46.09
N ASP A 407 -19.41 16.37 -47.19
CA ASP A 407 -20.86 16.40 -47.24
C ASP A 407 -21.43 15.41 -46.23
N TRP A 408 -20.81 14.23 -46.16
CA TRP A 408 -21.25 13.19 -45.23
C TRP A 408 -21.10 13.67 -43.80
N VAL A 409 -20.00 14.38 -43.51
CA VAL A 409 -19.77 14.90 -42.17
C VAL A 409 -20.80 15.98 -41.81
N ASP A 410 -21.09 16.87 -42.76
CA ASP A 410 -22.06 17.94 -42.53
C ASP A 410 -23.43 17.36 -42.25
N ARG A 411 -23.72 16.23 -42.88
CA ARG A 411 -25.02 15.58 -42.72
C ARG A 411 -25.20 14.90 -41.37
N TYR A 412 -24.18 14.21 -40.89
CA TYR A 412 -24.29 13.45 -39.65
C TYR A 412 -23.56 13.87 -38.37
N TYR A 413 -22.54 14.71 -38.45
CA TYR A 413 -21.80 15.11 -37.26
C TYR A 413 -22.34 16.34 -36.55
N ARG A 414 -22.24 16.32 -35.22
CA ARG A 414 -22.68 17.45 -34.40
C ARG A 414 -21.43 18.29 -34.17
N ASP A 415 -21.60 19.59 -33.96
CA ASP A 415 -20.45 20.45 -33.70
C ASP A 415 -20.21 20.59 -32.21
N ARG A 416 -20.91 19.77 -31.43
CA ARG A 416 -20.78 19.78 -29.99
C ARG A 416 -21.19 18.44 -29.41
N LEU A 417 -20.37 17.91 -28.50
CA LEU A 417 -20.69 16.64 -27.87
C LEU A 417 -20.04 16.57 -26.49
N THR A 418 -20.73 15.93 -25.56
CA THR A 418 -20.24 15.75 -24.20
C THR A 418 -20.59 14.32 -23.80
N ALA A 419 -19.97 13.83 -22.73
CA ALA A 419 -20.22 12.47 -22.26
C ALA A 419 -21.71 12.22 -22.04
N ALA A 420 -22.41 13.26 -21.60
CA ALA A 420 -23.85 13.15 -21.35
C ALA A 420 -24.63 12.85 -22.62
N ASP A 421 -24.16 13.33 -23.76
CA ASP A 421 -24.84 13.10 -25.01
C ASP A 421 -24.76 11.66 -25.49
N LEU A 422 -23.80 10.90 -24.97
CA LEU A 422 -23.64 9.50 -25.38
C LEU A 422 -24.85 8.66 -24.98
N ALA A 423 -25.68 9.18 -24.08
CA ALA A 423 -26.87 8.44 -23.64
C ALA A 423 -28.08 8.75 -24.51
N ASP A 424 -27.89 9.64 -25.49
CA ASP A 424 -28.96 10.05 -26.40
C ASP A 424 -29.22 8.98 -27.46
N PRO A 425 -30.38 8.28 -27.38
CA PRO A 425 -30.65 7.26 -28.40
C PRO A 425 -30.60 7.81 -29.83
N GLN A 426 -30.77 9.13 -29.97
CA GLN A 426 -30.70 9.75 -31.29
C GLN A 426 -29.28 9.63 -31.85
N LEU A 427 -28.30 9.96 -31.02
CA LEU A 427 -26.90 9.87 -31.44
C LEU A 427 -26.64 8.46 -31.97
N LEU A 428 -27.17 7.47 -31.27
CA LEU A 428 -27.02 6.07 -31.65
C LEU A 428 -27.59 5.86 -33.04
N ARG A 429 -28.83 6.28 -33.23
CA ARG A 429 -29.53 6.17 -34.50
C ARG A 429 -28.73 6.85 -35.63
N GLU A 430 -28.33 8.10 -35.40
CA GLU A 430 -27.57 8.86 -36.38
C GLU A 430 -26.31 8.13 -36.81
N GLY A 431 -25.56 7.63 -35.82
CA GLY A 431 -24.33 6.92 -36.10
C GLY A 431 -24.49 5.68 -36.97
N ARG A 432 -25.52 4.89 -36.70
CA ARG A 432 -25.76 3.68 -37.48
C ARG A 432 -26.00 4.02 -38.95
N GLU A 433 -26.91 4.96 -39.18
CA GLU A 433 -27.22 5.37 -40.55
C GLU A 433 -25.97 5.95 -41.22
N ALA A 434 -25.22 6.76 -40.46
CA ALA A 434 -24.00 7.36 -41.01
C ALA A 434 -23.02 6.30 -41.50
N LEU A 435 -22.75 5.29 -40.67
CA LEU A 435 -21.84 4.21 -41.04
C LEU A 435 -22.38 3.34 -42.16
N ASP A 436 -23.70 3.22 -42.24
CA ASP A 436 -24.31 2.43 -43.30
C ASP A 436 -23.97 3.08 -44.63
N VAL A 437 -24.20 4.38 -44.71
CA VAL A 437 -23.92 5.16 -45.92
C VAL A 437 -22.43 5.19 -46.24
N LEU A 438 -21.61 5.36 -45.20
CA LEU A 438 -20.16 5.42 -45.40
C LEU A 438 -19.60 4.10 -45.96
N SER A 439 -20.12 2.97 -45.49
CA SER A 439 -19.63 1.69 -45.98
C SER A 439 -19.99 1.53 -47.46
N GLN A 440 -21.04 2.22 -47.88
CA GLN A 440 -21.49 2.19 -49.27
C GLN A 440 -20.55 3.06 -50.09
N LEU A 441 -20.26 4.25 -49.58
CA LEU A 441 -19.38 5.20 -50.23
C LEU A 441 -17.98 4.65 -50.42
N LEU A 442 -17.51 3.87 -49.45
CA LEU A 442 -16.17 3.31 -49.48
C LEU A 442 -16.10 1.88 -50.02
N ASN A 443 -17.22 1.36 -50.53
CA ASN A 443 -17.27 0.00 -51.08
C ASN A 443 -16.68 -1.04 -50.13
N LEU A 444 -17.02 -0.93 -48.85
CA LEU A 444 -16.49 -1.86 -47.85
C LEU A 444 -17.40 -3.05 -47.61
N GLY A 445 -18.68 -2.91 -47.93
CA GLY A 445 -19.64 -3.97 -47.70
C GLY A 445 -20.15 -3.89 -46.27
N SER A 446 -20.72 -4.99 -45.77
CA SER A 446 -21.22 -5.00 -44.40
C SER A 446 -20.12 -5.37 -43.41
N VAL A 447 -19.12 -4.49 -43.28
CA VAL A 447 -17.99 -4.71 -42.39
C VAL A 447 -18.26 -4.49 -40.91
N TYR A 448 -19.27 -3.70 -40.58
CA TYR A 448 -19.60 -3.41 -39.18
C TYR A 448 -20.53 -4.44 -38.56
N PRO A 449 -20.34 -4.74 -37.25
CA PRO A 449 -21.18 -5.71 -36.54
C PRO A 449 -22.68 -5.47 -36.63
N PHE A 450 -23.09 -4.20 -36.52
CA PHE A 450 -24.51 -3.88 -36.57
C PHE A 450 -25.11 -4.16 -37.96
N GLN A 451 -24.25 -4.40 -38.94
CA GLN A 451 -24.70 -4.67 -40.29
C GLN A 451 -24.86 -6.16 -40.59
N ARG A 452 -24.51 -7.02 -39.65
CA ARG A 452 -24.61 -8.46 -39.85
C ARG A 452 -25.78 -9.07 -39.08
N ASN B 13 4.91 -25.52 40.23
CA ASN B 13 3.87 -25.18 41.19
C ASN B 13 4.23 -23.79 41.67
N ALA B 14 3.40 -22.81 41.30
CA ALA B 14 3.70 -21.44 41.68
C ALA B 14 2.58 -20.78 42.46
N TRP B 15 2.92 -19.66 43.08
CA TRP B 15 1.96 -18.87 43.85
C TRP B 15 1.89 -17.53 43.15
N GLU B 16 0.73 -16.88 43.19
CA GLU B 16 0.62 -15.57 42.59
C GLU B 16 1.04 -14.59 43.68
N VAL B 17 2.04 -13.78 43.41
CA VAL B 17 2.51 -12.80 44.38
C VAL B 17 2.12 -11.40 43.94
N ASN B 18 1.49 -10.64 44.83
CA ASN B 18 1.08 -9.28 44.52
C ASN B 18 2.15 -8.28 44.95
N PHE B 19 2.55 -7.42 44.02
CA PHE B 19 3.52 -6.37 44.31
C PHE B 19 2.72 -5.08 44.28
N ASP B 20 2.68 -4.36 45.39
CA ASP B 20 1.93 -3.12 45.45
C ASP B 20 2.82 -1.89 45.40
N GLY B 21 2.25 -0.80 44.89
CA GLY B 21 2.98 0.45 44.80
C GLY B 21 2.84 1.28 46.07
N LEU B 22 3.97 1.64 46.64
CA LEU B 22 4.01 2.45 47.85
C LEU B 22 3.88 3.91 47.41
N VAL B 23 2.77 4.54 47.79
CA VAL B 23 2.50 5.92 47.40
C VAL B 23 3.62 6.92 47.69
N GLY B 24 4.01 7.67 46.65
CA GLY B 24 5.05 8.67 46.78
C GLY B 24 4.57 9.87 47.57
N LEU B 25 5.50 10.66 48.09
CA LEU B 25 5.10 11.79 48.90
C LEU B 25 4.66 13.07 48.17
N THR B 26 4.64 13.03 46.83
CA THR B 26 4.17 14.18 46.07
C THR B 26 2.74 13.91 45.58
N HIS B 27 2.14 12.83 46.08
CA HIS B 27 0.76 12.47 45.74
C HIS B 27 -0.15 13.69 45.82
N HIS B 28 -0.77 14.06 44.70
CA HIS B 28 -1.66 15.22 44.66
C HIS B 28 -2.64 15.06 43.52
N TYR B 29 -3.67 15.90 43.49
CA TYR B 29 -4.69 15.84 42.45
C TYR B 29 -4.56 16.96 41.45
N ALA B 30 -4.14 16.62 40.23
CA ALA B 30 -3.94 17.64 39.20
C ALA B 30 -4.77 17.46 37.92
N GLY B 31 -5.72 16.53 37.94
CA GLY B 31 -6.55 16.31 36.76
C GLY B 31 -5.76 16.12 35.47
N LEU B 32 -4.71 15.30 35.54
CA LEU B 32 -3.85 15.07 34.39
C LEU B 32 -4.31 14.00 33.42
N SER B 33 -5.30 13.21 33.80
CA SER B 33 -5.75 12.13 32.93
C SER B 33 -7.15 12.24 32.37
N PHE B 34 -7.26 12.83 31.18
CA PHE B 34 -8.55 12.96 30.50
C PHE B 34 -8.95 11.53 30.13
N GLY B 35 -10.17 11.15 30.49
CA GLY B 35 -10.64 9.80 30.21
C GLY B 35 -10.77 9.04 31.51
N ASN B 36 -10.13 9.59 32.55
CA ASN B 36 -10.12 9.06 33.91
C ASN B 36 -10.98 10.09 34.66
N GLU B 37 -12.27 9.77 34.79
CA GLU B 37 -13.21 10.69 35.42
C GLU B 37 -12.96 11.02 36.87
N ALA B 38 -12.37 10.09 37.63
CA ALA B 38 -12.09 10.38 39.03
C ALA B 38 -11.04 11.49 39.06
N SER B 39 -9.97 11.32 38.29
CA SER B 39 -8.89 12.30 38.18
C SER B 39 -9.46 13.69 37.85
N THR B 40 -10.28 13.75 36.82
CA THR B 40 -10.88 15.01 36.38
C THR B 40 -11.76 15.62 37.48
N ARG B 41 -12.58 14.80 38.12
CA ARG B 41 -13.48 15.30 39.15
C ARG B 41 -12.81 15.84 40.41
N HIS B 42 -11.74 15.19 40.86
CA HIS B 42 -11.05 15.64 42.08
C HIS B 42 -9.91 16.61 41.83
N ARG B 43 -9.79 17.07 40.60
CA ARG B 43 -8.77 18.01 40.19
C ARG B 43 -8.56 19.13 41.21
N PHE B 44 -7.30 19.33 41.61
CA PHE B 44 -6.91 20.39 42.54
C PHE B 44 -7.44 20.34 43.98
N GLN B 45 -8.03 19.23 44.39
CA GLN B 45 -8.50 19.12 45.76
C GLN B 45 -7.26 18.83 46.61
N VAL B 46 -7.29 19.21 47.89
CA VAL B 46 -6.15 18.96 48.74
C VAL B 46 -5.91 17.46 48.94
N SER B 47 -4.66 17.04 48.86
CA SER B 47 -4.32 15.63 49.02
C SER B 47 -3.61 15.40 50.35
N ASN B 48 -3.56 14.15 50.77
CA ASN B 48 -2.89 13.77 52.02
C ASN B 48 -1.97 12.59 51.73
N PRO B 49 -0.73 12.89 51.28
CA PRO B 49 0.26 11.85 50.95
C PRO B 49 0.52 10.81 52.05
N ARG B 50 0.64 11.28 53.30
CA ARG B 50 0.89 10.37 54.41
C ARG B 50 -0.22 9.32 54.49
N LEU B 51 -1.47 9.78 54.54
CA LEU B 51 -2.65 8.93 54.60
C LEU B 51 -2.74 8.01 53.39
N ALA B 52 -2.41 8.54 52.21
CA ALA B 52 -2.46 7.75 50.98
C ALA B 52 -1.54 6.53 51.10
N ALA B 53 -0.32 6.76 51.56
CA ALA B 53 0.64 5.68 51.73
C ALA B 53 0.17 4.70 52.80
N LYS B 54 -0.33 5.24 53.91
CA LYS B 54 -0.83 4.41 55.02
C LYS B 54 -1.96 3.50 54.56
N GLN B 55 -2.91 4.07 53.83
CA GLN B 55 -4.05 3.32 53.32
C GLN B 55 -3.60 2.11 52.48
N GLY B 56 -2.63 2.34 51.59
CA GLY B 56 -2.13 1.28 50.75
C GLY B 56 -1.34 0.22 51.53
N LEU B 57 -0.52 0.68 52.48
CA LEU B 57 0.26 -0.24 53.31
C LEU B 57 -0.66 -1.14 54.10
N LEU B 58 -1.75 -0.57 54.63
CA LEU B 58 -2.71 -1.35 55.39
C LEU B 58 -3.32 -2.45 54.53
N LYS B 59 -3.61 -2.16 53.26
CA LYS B 59 -4.19 -3.17 52.38
C LYS B 59 -3.17 -4.28 52.16
N MET B 60 -1.90 -3.87 51.95
CA MET B 60 -0.80 -4.80 51.74
C MET B 60 -0.68 -5.73 52.96
N LYS B 61 -0.60 -5.12 54.14
CA LYS B 61 -0.45 -5.86 55.39
C LYS B 61 -1.60 -6.83 55.62
N ALA B 62 -2.82 -6.34 55.43
CA ALA B 62 -4.01 -7.16 55.62
C ALA B 62 -3.96 -8.42 54.76
N LEU B 63 -3.66 -8.25 53.47
CA LEU B 63 -3.60 -9.38 52.57
C LEU B 63 -2.46 -10.33 52.93
N ALA B 64 -1.31 -9.78 53.31
CA ALA B 64 -0.18 -10.61 53.68
C ALA B 64 -0.49 -11.44 54.93
N ASP B 65 -1.11 -10.80 55.92
CA ASP B 65 -1.45 -11.50 57.17
C ASP B 65 -2.41 -12.66 56.91
N ALA B 66 -3.20 -12.56 55.85
CA ALA B 66 -4.16 -13.60 55.50
C ALA B 66 -3.60 -14.71 54.62
N GLY B 67 -2.29 -14.70 54.39
CA GLY B 67 -1.69 -15.74 53.58
C GLY B 67 -1.49 -15.44 52.11
N PHE B 68 -1.77 -14.23 51.68
CA PHE B 68 -1.58 -13.89 50.27
C PHE B 68 -0.22 -13.24 50.05
N PRO B 69 0.72 -13.96 49.40
CA PRO B 69 2.06 -13.44 49.13
C PRO B 69 1.98 -11.97 48.70
N GLN B 70 2.67 -11.11 49.45
CA GLN B 70 2.66 -9.67 49.22
C GLN B 70 4.07 -9.04 49.18
N ALA B 71 4.27 -8.09 48.28
CA ALA B 71 5.55 -7.40 48.15
C ALA B 71 5.33 -5.93 47.85
N VAL B 72 6.41 -5.15 47.81
CA VAL B 72 6.32 -3.72 47.57
C VAL B 72 7.21 -3.20 46.45
N ILE B 73 6.74 -2.15 45.79
CA ILE B 73 7.51 -1.49 44.74
C ILE B 73 7.50 -0.03 45.19
N PRO B 74 8.68 0.59 45.34
CA PRO B 74 8.83 1.97 45.80
C PRO B 74 8.39 3.07 44.82
N PRO B 75 8.16 4.29 45.34
CA PRO B 75 7.74 5.43 44.53
C PRO B 75 8.96 5.95 43.76
N HIS B 76 8.76 6.99 42.95
CA HIS B 76 9.85 7.54 42.14
C HIS B 76 10.35 8.91 42.61
N GLU B 77 11.42 9.36 41.96
CA GLU B 77 12.04 10.67 42.20
C GLU B 77 11.07 11.76 41.74
N ARG B 78 10.52 12.52 42.69
CA ARG B 78 9.55 13.57 42.39
C ARG B 78 9.66 14.77 43.33
N PRO B 79 9.63 16.00 42.79
CA PRO B 79 9.53 16.38 41.37
C PRO B 79 10.72 15.80 40.60
N PHE B 80 10.50 15.43 39.34
CA PHE B 80 11.58 14.88 38.53
C PHE B 80 12.23 15.99 37.70
N ILE B 81 13.23 16.63 38.29
CA ILE B 81 13.94 17.74 37.68
C ILE B 81 14.58 17.50 36.31
N PRO B 82 15.18 16.31 36.10
CA PRO B 82 15.80 16.04 34.78
C PRO B 82 14.91 16.35 33.57
N VAL B 83 13.64 15.95 33.62
CA VAL B 83 12.72 16.18 32.52
C VAL B 83 12.49 17.68 32.29
N LEU B 84 12.46 18.45 33.37
CA LEU B 84 12.27 19.89 33.25
C LEU B 84 13.46 20.49 32.51
N ARG B 85 14.66 19.99 32.77
CA ARG B 85 15.86 20.48 32.10
C ARG B 85 15.78 20.16 30.62
N GLN B 86 15.15 19.03 30.31
CA GLN B 86 14.98 18.57 28.94
C GLN B 86 14.02 19.52 28.22
N LEU B 87 13.16 20.14 28.99
CA LEU B 87 12.18 21.07 28.46
C LEU B 87 12.75 22.49 28.36
N GLY B 88 14.03 22.65 28.68
CA GLY B 88 14.66 23.96 28.55
C GLY B 88 14.88 24.78 29.80
N PHE B 89 14.51 24.26 30.96
CA PHE B 89 14.72 25.03 32.19
C PHE B 89 16.08 24.66 32.78
N SER B 90 16.91 25.66 33.02
CA SER B 90 18.26 25.45 33.54
C SER B 90 18.53 26.14 34.88
N GLY B 91 19.68 25.80 35.46
CA GLY B 91 20.09 26.36 36.74
C GLY B 91 20.15 25.21 37.73
N SER B 92 20.28 25.53 39.02
CA SER B 92 20.32 24.48 40.04
C SER B 92 18.92 23.90 40.10
N ASP B 93 18.74 22.81 40.84
CA ASP B 93 17.41 22.21 40.95
C ASP B 93 16.42 23.22 41.50
N GLU B 94 16.82 23.92 42.56
CA GLU B 94 15.94 24.91 43.19
C GLU B 94 15.54 26.00 42.21
N GLN B 95 16.48 26.41 41.36
CA GLN B 95 16.21 27.44 40.36
C GLN B 95 15.26 26.93 39.29
N VAL B 96 15.38 25.66 38.95
CA VAL B 96 14.52 25.06 37.95
C VAL B 96 13.08 25.10 38.46
N LEU B 97 12.88 24.70 39.72
CA LEU B 97 11.55 24.69 40.33
C LEU B 97 10.94 26.09 40.26
N GLU B 98 11.72 27.08 40.68
CA GLU B 98 11.25 28.45 40.68
C GLU B 98 10.86 28.91 39.28
N LYS B 99 11.77 28.71 38.32
CA LYS B 99 11.50 29.13 36.95
C LYS B 99 10.25 28.47 36.39
N VAL B 100 10.09 27.17 36.65
CA VAL B 100 8.95 26.43 36.13
C VAL B 100 7.64 26.81 36.79
N ALA B 101 7.65 26.91 38.12
CA ALA B 101 6.45 27.27 38.86
C ALA B 101 5.99 28.66 38.43
N ARG B 102 6.96 29.51 38.12
CA ARG B 102 6.69 30.88 37.71
C ARG B 102 6.39 31.07 36.22
N GLN B 103 6.96 30.21 35.38
CA GLN B 103 6.74 30.34 33.94
C GLN B 103 5.79 29.34 33.30
N ALA B 104 5.75 28.13 33.83
CA ALA B 104 4.87 27.08 33.30
C ALA B 104 4.56 26.07 34.38
N PRO B 105 3.79 26.49 35.41
CA PRO B 105 3.40 25.63 36.53
C PRO B 105 2.73 24.32 36.16
N HIS B 106 2.11 24.26 34.99
CA HIS B 106 1.44 23.03 34.58
C HIS B 106 2.44 21.89 34.48
N TRP B 107 3.64 22.22 33.99
CA TRP B 107 4.69 21.23 33.84
C TRP B 107 5.09 20.68 35.21
N LEU B 108 5.06 21.52 36.24
CA LEU B 108 5.44 21.09 37.58
C LEU B 108 4.64 19.88 38.03
N SER B 109 3.32 19.96 37.91
CA SER B 109 2.48 18.83 38.30
C SER B 109 2.80 17.61 37.44
N SER B 110 3.05 17.86 36.15
CA SER B 110 3.34 16.78 35.20
C SER B 110 4.59 15.98 35.54
N VAL B 111 5.53 16.57 36.28
CA VAL B 111 6.74 15.85 36.66
C VAL B 111 6.78 15.55 38.16
N SER B 112 5.66 15.79 38.84
CA SER B 112 5.60 15.57 40.29
C SER B 112 4.46 14.66 40.70
N SER B 113 3.96 13.86 39.77
CA SER B 113 2.86 12.94 40.05
C SER B 113 3.35 11.68 40.73
N ALA B 114 2.55 11.16 41.65
CA ALA B 114 2.90 9.93 42.35
C ALA B 114 2.27 8.77 41.60
N SER B 115 1.94 9.00 40.33
CA SER B 115 1.30 8.00 39.48
C SER B 115 1.99 6.63 39.43
N PRO B 116 3.33 6.57 39.60
CA PRO B 116 3.92 5.22 39.53
C PRO B 116 3.35 4.26 40.59
N MET B 117 2.56 4.80 41.52
CA MET B 117 1.95 3.99 42.57
C MET B 117 1.04 2.93 41.98
N TRP B 118 0.44 3.23 40.83
CA TRP B 118 -0.45 2.27 40.19
C TRP B 118 0.43 1.36 39.35
N VAL B 119 1.02 0.38 40.04
CA VAL B 119 1.92 -0.58 39.44
C VAL B 119 1.28 -1.57 38.50
N ALA B 120 -0.05 -1.55 38.42
CA ALA B 120 -0.75 -2.42 37.49
C ALA B 120 -0.35 -1.97 36.09
N ASN B 121 0.12 -0.73 35.98
CA ASN B 121 0.56 -0.15 34.71
C ASN B 121 2.08 -0.16 34.55
N ALA B 122 2.79 -0.77 35.50
CA ALA B 122 4.25 -0.77 35.45
C ALA B 122 4.80 -1.62 34.31
N ALA B 123 4.23 -2.80 34.12
CA ALA B 123 4.69 -3.72 33.09
C ALA B 123 3.68 -4.84 32.85
N THR B 124 3.98 -5.69 31.86
CA THR B 124 3.14 -6.85 31.55
C THR B 124 3.98 -8.07 31.93
N ILE B 125 3.38 -8.99 32.69
CA ILE B 125 4.08 -10.18 33.19
C ILE B 125 3.75 -11.49 32.48
N ALA B 126 4.77 -12.33 32.29
CA ALA B 126 4.59 -13.64 31.69
C ALA B 126 5.26 -14.66 32.61
N PRO B 127 4.48 -15.46 33.33
CA PRO B 127 5.04 -16.47 34.24
C PRO B 127 5.87 -17.50 33.43
N SER B 128 6.83 -18.15 34.08
CA SER B 128 7.69 -19.11 33.38
C SER B 128 6.97 -20.30 32.75
N ALA B 129 5.75 -20.57 33.22
CA ALA B 129 4.99 -21.67 32.68
C ALA B 129 4.40 -21.34 31.30
N ASP B 130 4.44 -20.06 30.91
CA ASP B 130 3.89 -19.65 29.62
C ASP B 130 4.92 -19.24 28.57
N THR B 131 6.21 -19.28 28.92
CA THR B 131 7.22 -18.81 27.97
C THR B 131 8.07 -19.83 27.24
N LEU B 132 8.55 -19.41 26.07
CA LEU B 132 9.38 -20.26 25.21
C LEU B 132 10.73 -20.63 25.80
N ASP B 133 11.27 -19.79 26.68
CA ASP B 133 12.56 -20.09 27.28
C ASP B 133 12.48 -20.46 28.76
N GLY B 134 11.26 -20.57 29.28
CA GLY B 134 11.07 -20.95 30.67
C GLY B 134 11.46 -19.95 31.75
N LYS B 135 11.64 -18.69 31.39
CA LYS B 135 11.98 -17.67 32.37
C LYS B 135 10.76 -16.81 32.63
N VAL B 136 10.79 -16.00 33.68
CA VAL B 136 9.69 -15.10 33.96
C VAL B 136 10.05 -13.83 33.18
N HIS B 137 9.12 -13.34 32.39
CA HIS B 137 9.38 -12.13 31.58
C HIS B 137 8.55 -10.93 32.01
N LEU B 138 9.21 -9.77 32.10
CA LEU B 138 8.52 -8.53 32.47
C LEU B 138 8.86 -7.45 31.44
N THR B 139 7.84 -6.96 30.73
CA THR B 139 8.08 -5.90 29.76
C THR B 139 7.54 -4.61 30.30
N VAL B 140 8.40 -3.60 30.45
CA VAL B 140 7.99 -2.32 30.97
C VAL B 140 7.01 -1.65 30.02
N ALA B 141 5.97 -1.03 30.56
CA ALA B 141 4.95 -0.34 29.78
C ALA B 141 5.39 1.09 29.49
N ASN B 142 5.29 1.53 28.24
CA ASN B 142 5.72 2.89 27.95
C ASN B 142 4.79 3.95 28.55
N LEU B 143 3.51 3.63 28.66
CA LEU B 143 2.51 4.57 29.20
C LEU B 143 2.56 5.86 28.39
N ASN B 144 2.76 5.72 27.09
CA ASN B 144 2.89 6.86 26.20
C ASN B 144 1.72 7.85 26.12
N ASN B 145 0.50 7.39 26.34
CA ASN B 145 -0.65 8.28 26.22
C ASN B 145 -0.63 9.51 27.13
N LYS B 146 -0.27 9.32 28.40
CA LYS B 146 -0.22 10.44 29.35
C LYS B 146 1.23 10.82 29.64
N PHE B 147 1.61 12.05 29.28
CA PHE B 147 2.96 12.54 29.50
C PHE B 147 3.48 12.29 30.92
N HIS B 148 2.67 12.63 31.93
CA HIS B 148 3.12 12.44 33.31
C HIS B 148 3.43 10.99 33.62
N ARG B 149 2.74 10.05 32.97
CA ARG B 149 3.01 8.64 33.21
C ARG B 149 4.10 8.09 32.27
N SER B 150 4.22 8.68 31.08
CA SER B 150 5.24 8.21 30.14
C SER B 150 6.63 8.37 30.74
N LEU B 151 6.78 9.29 31.69
CA LEU B 151 8.06 9.53 32.34
C LEU B 151 8.51 8.39 33.25
N GLU B 152 7.58 7.52 33.61
CA GLU B 152 7.84 6.41 34.53
C GLU B 152 8.76 5.28 34.05
N ALA B 153 8.57 4.84 32.81
CA ALA B 153 9.30 3.70 32.26
C ALA B 153 10.76 3.52 32.66
N PRO B 154 11.62 4.52 32.40
CA PRO B 154 13.05 4.41 32.75
C PRO B 154 13.34 3.99 34.19
N VAL B 155 12.71 4.65 35.15
CA VAL B 155 12.94 4.31 36.55
C VAL B 155 12.27 2.98 36.88
N THR B 156 11.06 2.76 36.36
CA THR B 156 10.35 1.51 36.61
C THR B 156 11.23 0.34 36.15
N GLU B 157 11.90 0.48 35.03
CA GLU B 157 12.76 -0.58 34.54
C GLU B 157 13.87 -0.85 35.55
N SER B 158 14.45 0.21 36.08
CA SER B 158 15.51 0.09 37.08
C SER B 158 15.01 -0.59 38.34
N LEU B 159 13.84 -0.20 38.80
CA LEU B 159 13.26 -0.80 40.01
C LEU B 159 13.00 -2.28 39.82
N LEU B 160 12.47 -2.66 38.67
CA LEU B 160 12.19 -4.06 38.41
C LEU B 160 13.47 -4.88 38.34
N LYS B 161 14.51 -4.34 37.73
CA LYS B 161 15.76 -5.07 37.64
C LYS B 161 16.41 -5.20 39.00
N ALA B 162 16.11 -4.27 39.91
CA ALA B 162 16.66 -4.32 41.25
C ALA B 162 15.84 -5.23 42.16
N ILE B 163 14.64 -5.61 41.71
CA ILE B 163 13.79 -6.49 42.49
C ILE B 163 13.88 -7.91 41.96
N PHE B 164 13.76 -8.05 40.64
CA PHE B 164 13.87 -9.35 40.00
C PHE B 164 15.27 -9.33 39.39
N ASN B 165 16.27 -9.32 40.27
CA ASN B 165 17.68 -9.24 39.88
C ASN B 165 18.43 -10.53 39.57
N ASP B 166 17.71 -11.60 39.28
CA ASP B 166 18.35 -12.87 38.93
C ASP B 166 18.11 -13.16 37.45
N GLU B 167 19.06 -12.78 36.61
CA GLU B 167 18.93 -12.97 35.18
C GLU B 167 18.75 -14.41 34.70
N GLU B 168 18.94 -15.37 35.59
CA GLU B 168 18.75 -16.77 35.21
C GLU B 168 17.25 -17.04 35.28
N LYS B 169 16.59 -16.35 36.22
CA LYS B 169 15.16 -16.51 36.48
C LYS B 169 14.27 -15.48 35.78
N PHE B 170 14.71 -14.23 35.76
CA PHE B 170 13.92 -13.17 35.19
C PHE B 170 14.56 -12.41 34.02
N SER B 171 13.70 -11.95 33.12
CA SER B 171 14.11 -11.16 31.98
C SER B 171 13.23 -9.92 31.95
N VAL B 172 13.83 -8.76 32.15
CA VAL B 172 13.10 -7.49 32.15
C VAL B 172 13.38 -6.80 30.82
N HIS B 173 12.34 -6.55 30.04
CA HIS B 173 12.49 -5.90 28.75
C HIS B 173 12.12 -4.43 28.81
N SER B 174 12.87 -3.61 28.07
CA SER B 174 12.63 -2.17 28.01
C SER B 174 11.29 -1.88 27.37
N ALA B 175 10.73 -0.71 27.70
CA ALA B 175 9.44 -0.32 27.17
C ALA B 175 9.48 -0.17 25.66
N LEU B 176 8.31 -0.32 25.05
CA LEU B 176 8.18 -0.17 23.61
C LEU B 176 8.45 1.29 23.26
N PRO B 177 8.75 1.57 21.98
CA PRO B 177 9.02 2.94 21.53
C PRO B 177 7.88 3.87 21.98
N GLN B 178 8.24 5.06 22.42
CA GLN B 178 7.26 6.05 22.89
C GLN B 178 6.55 6.77 21.74
N VAL B 179 5.53 6.11 21.18
CA VAL B 179 4.74 6.69 20.10
C VAL B 179 3.30 6.20 20.25
N ALA B 180 2.35 6.99 19.75
CA ALA B 180 0.93 6.67 19.85
C ALA B 180 0.57 5.31 19.25
N LEU B 181 1.24 4.96 18.16
CA LEU B 181 0.99 3.68 17.50
C LEU B 181 1.24 2.51 18.44
N LEU B 182 2.15 2.71 19.40
CA LEU B 182 2.49 1.66 20.34
C LEU B 182 2.15 1.95 21.79
N GLY B 183 1.03 2.61 22.03
CA GLY B 183 0.62 2.92 23.39
C GLY B 183 0.45 1.64 24.19
N ASP B 184 1.13 1.55 25.33
CA ASP B 184 1.06 0.36 26.17
C ASP B 184 0.84 0.73 27.64
N GLU B 185 -0.17 0.12 28.25
CA GLU B 185 -0.48 0.40 29.65
C GLU B 185 -0.19 -0.78 30.58
N GLY B 186 0.44 -1.82 30.05
CA GLY B 186 0.81 -2.96 30.86
C GLY B 186 -0.25 -3.90 31.39
N ALA B 187 0.04 -4.46 32.56
CA ALA B 187 -0.82 -5.43 33.23
C ALA B 187 -2.30 -5.05 33.40
N ALA B 188 -2.59 -3.76 33.52
CA ALA B 188 -3.97 -3.32 33.68
C ALA B 188 -4.85 -3.77 32.50
N ASN B 189 -4.22 -4.05 31.36
CA ASN B 189 -4.95 -4.50 30.17
C ASN B 189 -4.68 -5.98 29.88
N HIS B 190 -4.07 -6.67 30.85
CA HIS B 190 -3.71 -8.08 30.71
C HIS B 190 -4.56 -8.99 31.61
N ASN B 191 -4.65 -10.26 31.24
CA ASN B 191 -5.43 -11.23 32.01
C ASN B 191 -4.82 -12.62 31.82
N ARG B 192 -4.99 -13.47 32.81
CA ARG B 192 -4.47 -14.83 32.71
C ARG B 192 -5.46 -15.82 33.29
N LEU B 193 -5.89 -16.75 32.44
CA LEU B 193 -6.88 -17.75 32.81
C LEU B 193 -6.30 -19.16 32.70
N GLY B 194 -6.63 -20.01 33.66
CA GLY B 194 -6.15 -21.38 33.63
C GLY B 194 -6.47 -22.12 34.91
N GLY B 195 -5.81 -23.25 35.11
CA GLY B 195 -6.03 -24.03 36.31
C GLY B 195 -5.17 -23.44 37.41
N HIS B 196 -4.26 -24.22 37.96
CA HIS B 196 -3.38 -23.72 39.00
C HIS B 196 -2.44 -22.70 38.37
N TYR B 197 -2.11 -21.65 39.12
CA TYR B 197 -1.21 -20.61 38.63
C TYR B 197 0.02 -21.18 37.94
N GLY B 198 0.55 -22.26 38.49
CA GLY B 198 1.75 -22.87 37.95
C GLY B 198 1.67 -23.55 36.60
N GLU B 199 0.45 -23.86 36.17
CA GLU B 199 0.27 -24.51 34.88
C GLU B 199 0.27 -23.47 33.79
N PRO B 200 0.53 -23.89 32.54
CA PRO B 200 0.52 -22.94 31.42
C PRO B 200 -0.85 -22.29 31.39
N GLY B 201 -0.89 -20.97 31.24
CA GLY B 201 -2.17 -20.30 31.23
C GLY B 201 -2.48 -19.59 29.93
N MET B 202 -3.75 -19.25 29.74
CA MET B 202 -4.18 -18.54 28.55
C MET B 202 -4.10 -17.06 28.87
N GLN B 203 -3.25 -16.35 28.16
CA GLN B 203 -3.10 -14.92 28.38
C GLN B 203 -4.01 -14.15 27.44
N LEU B 204 -4.78 -13.25 28.02
CA LEU B 204 -5.72 -12.44 27.26
C LEU B 204 -5.30 -10.98 27.27
N PHE B 205 -4.90 -10.47 26.11
CA PHE B 205 -4.50 -9.07 25.98
C PHE B 205 -5.67 -8.25 25.46
N VAL B 206 -6.04 -7.21 26.20
CA VAL B 206 -7.14 -6.34 25.79
C VAL B 206 -6.56 -5.00 25.29
N TYR B 207 -7.05 -4.54 24.13
CA TYR B 207 -6.56 -3.27 23.58
C TYR B 207 -7.75 -2.37 23.25
N GLY B 208 -7.49 -1.08 23.08
CA GLY B 208 -8.57 -0.14 22.80
C GLY B 208 -8.72 0.25 21.35
N ARG B 209 -7.64 0.16 20.59
CA ARG B 209 -7.68 0.50 19.16
C ARG B 209 -6.59 -0.21 18.39
N GLU B 210 -6.69 -0.12 17.07
CA GLU B 210 -5.70 -0.71 16.20
C GLU B 210 -5.76 0.01 14.87
N GLU B 211 -4.60 0.23 14.28
CA GLU B 211 -4.50 0.91 13.00
C GLU B 211 -5.42 0.21 12.00
N GLY B 212 -6.18 1.01 11.24
CA GLY B 212 -7.07 0.45 10.23
C GLY B 212 -8.43 -0.05 10.66
N ASN B 213 -8.82 0.17 11.92
CA ASN B 213 -10.13 -0.27 12.38
C ASN B 213 -10.92 0.90 12.98
N ASP B 214 -12.10 1.13 12.44
CA ASP B 214 -12.96 2.23 12.88
C ASP B 214 -13.51 2.04 14.28
N THR B 215 -13.57 0.80 14.75
CA THR B 215 -14.06 0.53 16.09
C THR B 215 -13.08 1.09 17.09
N ARG B 216 -13.44 2.23 17.67
CA ARG B 216 -12.58 2.89 18.64
C ARG B 216 -13.37 3.98 19.35
N PRO B 217 -13.00 4.30 20.59
CA PRO B 217 -13.74 5.36 21.30
C PRO B 217 -13.61 6.71 20.61
N SER B 218 -14.62 7.57 20.77
CA SER B 218 -14.57 8.88 20.14
C SER B 218 -14.57 10.07 21.09
N ARG B 219 -14.67 9.81 22.39
CA ARG B 219 -14.66 10.89 23.37
C ARG B 219 -13.39 10.80 24.20
N TYR B 220 -13.22 9.67 24.89
CA TYR B 220 -12.05 9.44 25.71
C TYR B 220 -11.05 8.62 24.90
N PRO B 221 -9.76 8.76 25.18
CA PRO B 221 -8.74 8.02 24.44
C PRO B 221 -8.56 6.53 24.73
N ALA B 222 -8.10 5.81 23.72
CA ALA B 222 -7.81 4.40 23.85
C ALA B 222 -6.28 4.40 24.03
N ARG B 223 -5.82 4.23 25.25
CA ARG B 223 -4.39 4.25 25.54
C ARG B 223 -3.64 3.04 25.00
N GLN B 224 -4.32 1.89 24.90
CA GLN B 224 -3.69 0.65 24.47
C GLN B 224 -3.97 0.29 23.01
N THR B 225 -2.93 -0.01 22.25
CA THR B 225 -3.12 -0.42 20.86
C THR B 225 -2.80 -1.90 20.72
N ARG B 226 -3.45 -2.55 19.76
CA ARG B 226 -3.23 -3.95 19.51
C ARG B 226 -1.77 -4.17 19.10
N GLU B 227 -1.23 -3.22 18.34
CA GLU B 227 0.16 -3.31 17.88
C GLU B 227 1.10 -3.43 19.08
N ALA B 228 0.84 -2.66 20.12
CA ALA B 228 1.66 -2.71 21.32
C ALA B 228 1.45 -4.06 22.02
N SER B 229 0.19 -4.47 22.14
CA SER B 229 -0.11 -5.74 22.80
C SER B 229 0.60 -6.91 22.14
N GLU B 230 0.57 -6.96 20.80
CA GLU B 230 1.23 -8.04 20.06
C GLU B 230 2.75 -8.01 20.27
N ALA B 231 3.32 -6.80 20.29
CA ALA B 231 4.77 -6.66 20.49
C ALA B 231 5.18 -7.14 21.88
N VAL B 232 4.32 -6.87 22.88
CA VAL B 232 4.62 -7.29 24.23
C VAL B 232 4.55 -8.81 24.36
N ALA B 233 3.58 -9.41 23.65
CA ALA B 233 3.42 -10.86 23.66
C ALA B 233 4.70 -11.51 23.11
N ARG B 234 5.28 -10.89 22.08
CA ARG B 234 6.51 -11.40 21.49
C ARG B 234 7.68 -11.19 22.44
N LEU B 235 7.80 -9.97 22.97
CA LEU B 235 8.89 -9.65 23.89
C LEU B 235 8.90 -10.59 25.08
N ASN B 236 7.73 -10.89 25.63
CA ASN B 236 7.63 -11.78 26.78
C ASN B 236 7.70 -13.25 26.39
N GLN B 237 7.96 -13.50 25.11
CA GLN B 237 8.09 -14.86 24.57
C GLN B 237 6.96 -15.81 24.96
N VAL B 238 5.73 -15.30 24.95
CA VAL B 238 4.58 -16.11 25.30
C VAL B 238 4.32 -17.13 24.19
N ASN B 239 4.09 -18.38 24.58
CA ASN B 239 3.81 -19.44 23.62
C ASN B 239 2.61 -18.93 22.82
N PRO B 240 2.75 -18.83 21.48
CA PRO B 240 1.69 -18.35 20.59
C PRO B 240 0.33 -19.03 20.77
N GLN B 241 0.33 -20.26 21.28
CA GLN B 241 -0.90 -21.00 21.49
C GLN B 241 -1.60 -20.63 22.80
N GLN B 242 -0.95 -19.80 23.60
CA GLN B 242 -1.51 -19.38 24.88
C GLN B 242 -1.82 -17.87 24.87
N VAL B 243 -2.02 -17.33 23.69
CA VAL B 243 -2.32 -15.90 23.55
C VAL B 243 -3.60 -15.60 22.79
N ILE B 244 -4.40 -14.69 23.35
CA ILE B 244 -5.64 -14.24 22.75
C ILE B 244 -5.69 -12.72 22.86
N PHE B 245 -6.10 -12.06 21.77
CA PHE B 245 -6.22 -10.60 21.77
C PHE B 245 -7.69 -10.24 21.64
N ALA B 246 -8.14 -9.28 22.44
CA ALA B 246 -9.53 -8.85 22.38
C ALA B 246 -9.65 -7.34 22.54
N GLN B 247 -10.54 -6.73 21.78
CA GLN B 247 -10.74 -5.29 21.85
C GLN B 247 -11.77 -4.91 22.90
N GLN B 248 -11.47 -3.86 23.65
CA GLN B 248 -12.36 -3.35 24.67
C GLN B 248 -13.55 -2.73 23.95
N ASN B 249 -14.73 -2.77 24.57
CA ASN B 249 -15.90 -2.14 23.98
C ASN B 249 -15.64 -0.62 23.98
N PRO B 250 -15.58 0.00 22.79
CA PRO B 250 -15.33 1.44 22.69
C PRO B 250 -16.29 2.26 23.54
N ASP B 251 -17.54 1.81 23.58
CA ASP B 251 -18.58 2.48 24.34
C ASP B 251 -18.25 2.62 25.82
N VAL B 252 -17.56 1.64 26.41
CA VAL B 252 -17.24 1.75 27.83
C VAL B 252 -16.00 2.60 28.05
N ILE B 253 -15.08 2.63 27.08
CA ILE B 253 -13.91 3.47 27.24
C ILE B 253 -14.45 4.91 27.26
N ASP B 254 -15.44 5.17 26.41
CA ASP B 254 -16.06 6.48 26.32
C ASP B 254 -16.87 6.88 27.55
N GLN B 255 -16.97 5.98 28.52
CA GLN B 255 -17.69 6.26 29.75
C GLN B 255 -16.75 6.27 30.95
N GLY B 256 -15.45 6.08 30.71
CA GLY B 256 -14.51 6.10 31.81
C GLY B 256 -13.63 4.88 32.03
N VAL B 257 -13.85 3.82 31.27
CA VAL B 257 -13.04 2.61 31.41
C VAL B 257 -11.76 2.81 30.60
N PHE B 258 -10.77 3.46 31.21
CA PHE B 258 -9.52 3.73 30.51
C PHE B 258 -8.53 2.57 30.47
N HIS B 259 -8.77 1.54 31.27
CA HIS B 259 -7.96 0.31 31.30
C HIS B 259 -8.94 -0.83 31.48
N ASN B 260 -8.60 -2.02 31.00
CA ASN B 260 -9.50 -3.17 31.13
C ASN B 260 -9.83 -3.46 32.61
N ASP B 261 -8.91 -3.17 33.53
CA ASP B 261 -9.17 -3.47 34.94
C ASP B 261 -10.20 -2.56 35.64
N VAL B 262 -10.94 -1.78 34.85
CA VAL B 262 -12.00 -0.93 35.39
C VAL B 262 -13.31 -1.62 35.03
N ILE B 263 -13.26 -2.64 34.19
CA ILE B 263 -14.48 -3.32 33.79
C ILE B 263 -14.41 -4.84 33.75
N ALA B 264 -13.24 -5.40 34.07
CA ALA B 264 -13.09 -6.85 34.06
C ALA B 264 -11.85 -7.30 34.82
N VAL B 265 -11.92 -8.49 35.40
CA VAL B 265 -10.81 -9.04 36.14
C VAL B 265 -10.83 -10.57 36.11
N SER B 266 -9.66 -11.17 35.94
CA SER B 266 -9.53 -12.62 35.88
C SER B 266 -8.75 -13.20 37.06
N ASN B 267 -8.96 -14.49 37.30
CA ASN B 267 -8.25 -15.20 38.34
C ASN B 267 -8.57 -16.68 38.17
N ARG B 268 -7.54 -17.47 37.92
CA ARG B 268 -7.69 -18.89 37.69
C ARG B 268 -8.69 -19.11 36.54
N GLN B 269 -9.76 -19.88 36.76
CA GLN B 269 -10.71 -20.14 35.69
C GLN B 269 -11.80 -19.08 35.49
N VAL B 270 -11.88 -18.13 36.42
CA VAL B 270 -12.92 -17.11 36.38
C VAL B 270 -12.59 -15.77 35.72
N LEU B 271 -13.56 -15.26 34.95
CA LEU B 271 -13.43 -13.96 34.32
C LEU B 271 -14.66 -13.18 34.78
N PHE B 272 -14.46 -12.32 35.77
CA PHE B 272 -15.53 -11.50 36.33
C PHE B 272 -15.55 -10.21 35.52
N CYS B 273 -16.62 -10.01 34.75
CA CYS B 273 -16.71 -8.83 33.91
C CYS B 273 -18.11 -8.29 33.69
N HIS B 274 -18.17 -7.06 33.19
CA HIS B 274 -19.45 -6.42 32.91
C HIS B 274 -19.93 -6.91 31.56
N GLN B 275 -21.23 -6.84 31.34
CA GLN B 275 -21.85 -7.26 30.11
C GLN B 275 -21.33 -6.49 28.91
N GLN B 276 -20.98 -5.23 29.12
CA GLN B 276 -20.49 -4.36 28.04
C GLN B 276 -18.98 -4.16 28.02
N ALA B 277 -18.24 -5.06 28.66
CA ALA B 277 -16.79 -4.96 28.72
C ALA B 277 -16.08 -5.06 27.38
N PHE B 278 -16.46 -6.05 26.57
CA PHE B 278 -15.78 -6.26 25.30
C PHE B 278 -16.63 -6.14 24.05
N ALA B 279 -15.96 -5.79 22.95
CA ALA B 279 -16.61 -5.69 21.66
C ALA B 279 -16.68 -7.15 21.21
N ARG B 280 -17.81 -7.58 20.68
CA ARG B 280 -17.96 -8.97 20.26
C ARG B 280 -17.71 -9.83 21.51
N GLN B 281 -18.39 -9.49 22.60
CA GLN B 281 -18.19 -10.21 23.86
C GLN B 281 -18.57 -11.68 23.87
N SER B 282 -19.72 -12.02 23.30
CA SER B 282 -20.15 -13.42 23.30
C SER B 282 -19.18 -14.30 22.52
N GLN B 283 -18.61 -13.76 21.44
CA GLN B 283 -17.65 -14.54 20.65
C GLN B 283 -16.40 -14.78 21.49
N LEU B 284 -15.94 -13.75 22.20
CA LEU B 284 -14.75 -13.87 23.03
C LEU B 284 -14.94 -14.94 24.11
N LEU B 285 -16.07 -14.87 24.80
CA LEU B 285 -16.35 -15.83 25.85
C LEU B 285 -16.50 -17.23 25.26
N ALA B 286 -17.06 -17.30 24.07
CA ALA B 286 -17.23 -18.57 23.38
C ALA B 286 -15.86 -19.22 23.16
N ASN B 287 -14.91 -18.41 22.68
CA ASN B 287 -13.57 -18.90 22.41
C ASN B 287 -12.85 -19.30 23.70
N LEU B 288 -13.04 -18.53 24.76
CA LEU B 288 -12.40 -18.85 26.03
C LEU B 288 -12.95 -20.17 26.60
N ARG B 289 -14.25 -20.41 26.41
CA ARG B 289 -14.85 -21.65 26.92
C ARG B 289 -14.27 -22.86 26.19
N ALA B 290 -14.02 -22.70 24.91
CA ALA B 290 -13.48 -23.76 24.08
C ALA B 290 -11.97 -23.95 24.25
N ARG B 291 -11.28 -22.87 24.57
CA ARG B 291 -9.83 -22.89 24.72
C ARG B 291 -9.34 -23.06 26.16
N VAL B 292 -10.18 -22.74 27.12
CA VAL B 292 -9.80 -22.86 28.52
C VAL B 292 -10.69 -23.82 29.32
N ASN B 293 -10.09 -24.89 29.81
CA ASN B 293 -10.81 -25.88 30.59
C ASN B 293 -11.38 -25.31 31.88
N GLY B 294 -12.62 -25.65 32.18
CA GLY B 294 -13.26 -25.18 33.39
C GLY B 294 -13.51 -23.69 33.42
N PHE B 295 -13.32 -23.01 32.29
CA PHE B 295 -13.54 -21.57 32.22
C PHE B 295 -14.94 -21.18 32.66
N MET B 296 -15.01 -20.21 33.56
CA MET B 296 -16.29 -19.73 34.05
C MET B 296 -16.33 -18.22 33.94
N ALA B 297 -17.29 -17.72 33.17
CA ALA B 297 -17.45 -16.30 32.99
C ALA B 297 -18.59 -15.82 33.87
N ILE B 298 -18.32 -14.83 34.71
CA ILE B 298 -19.33 -14.25 35.57
C ILE B 298 -19.59 -12.87 34.99
N GLU B 299 -20.68 -12.75 34.24
CA GLU B 299 -21.03 -11.51 33.58
C GLU B 299 -22.09 -10.72 34.33
N VAL B 300 -21.84 -9.43 34.49
CA VAL B 300 -22.76 -8.55 35.18
C VAL B 300 -23.63 -7.78 34.19
N PRO B 301 -24.94 -8.04 34.19
CA PRO B 301 -25.82 -7.34 33.26
C PRO B 301 -25.99 -5.86 33.62
N ALA B 302 -26.08 -5.02 32.60
CA ALA B 302 -26.22 -3.59 32.80
C ALA B 302 -27.45 -3.23 33.62
N THR B 303 -28.44 -4.11 33.64
CA THR B 303 -29.66 -3.87 34.40
C THR B 303 -29.41 -3.95 35.90
N GLN B 304 -28.39 -4.70 36.29
CA GLN B 304 -28.05 -4.83 37.71
C GLN B 304 -27.03 -3.78 38.13
N VAL B 305 -26.09 -3.47 37.24
CA VAL B 305 -25.05 -2.48 37.51
C VAL B 305 -24.75 -1.73 36.21
N SER B 306 -25.11 -0.45 36.16
CA SER B 306 -24.87 0.36 34.97
C SER B 306 -23.37 0.62 34.79
N VAL B 307 -22.97 1.05 33.60
CA VAL B 307 -21.57 1.34 33.36
C VAL B 307 -21.16 2.51 34.24
N SER B 308 -22.07 3.48 34.40
CA SER B 308 -21.79 4.65 35.23
C SER B 308 -21.41 4.26 36.67
N ASP B 309 -22.19 3.37 37.27
CA ASP B 309 -21.92 2.94 38.63
C ASP B 309 -20.67 2.06 38.68
N THR B 310 -20.38 1.39 37.58
CA THR B 310 -19.19 0.55 37.51
C THR B 310 -17.97 1.46 37.63
N VAL B 311 -17.99 2.57 36.90
CA VAL B 311 -16.89 3.53 36.92
C VAL B 311 -16.71 4.27 38.25
N SER B 312 -17.81 4.64 38.90
CA SER B 312 -17.68 5.36 40.17
C SER B 312 -17.30 4.47 41.36
N THR B 313 -17.68 3.19 41.33
CA THR B 313 -17.37 2.30 42.46
C THR B 313 -16.14 1.43 42.30
N TYR B 314 -15.74 1.15 41.07
CA TYR B 314 -14.57 0.32 40.80
C TYR B 314 -14.73 -1.15 41.27
N LEU B 315 -15.96 -1.66 41.22
CA LEU B 315 -16.20 -3.03 41.65
C LEU B 315 -15.37 -4.01 40.81
N PHE B 316 -15.05 -3.65 39.57
CA PHE B 316 -14.23 -4.54 38.75
C PHE B 316 -12.73 -4.30 38.92
N ASN B 317 -12.36 -3.22 39.62
CA ASN B 317 -10.94 -2.98 39.85
C ASN B 317 -10.63 -3.61 41.19
N SER B 318 -11.29 -4.74 41.44
CA SER B 318 -11.10 -5.47 42.66
C SER B 318 -10.03 -6.51 42.42
N GLN B 319 -9.52 -7.08 43.51
CA GLN B 319 -8.54 -8.15 43.41
C GLN B 319 -9.33 -9.44 43.63
N LEU B 320 -9.20 -10.39 42.70
CA LEU B 320 -9.91 -11.66 42.82
C LEU B 320 -8.87 -12.67 43.29
N LEU B 321 -8.88 -12.98 44.59
CA LEU B 321 -7.92 -13.88 45.20
C LEU B 321 -8.40 -15.31 45.44
N SER B 322 -7.48 -16.26 45.38
CA SER B 322 -7.81 -17.66 45.58
C SER B 322 -7.52 -18.10 47.01
N ARG B 323 -8.53 -18.66 47.67
CA ARG B 323 -8.39 -19.16 49.02
C ARG B 323 -7.71 -20.53 48.89
N ASP B 324 -7.30 -21.10 50.03
CA ASP B 324 -6.64 -22.40 50.02
C ASP B 324 -7.55 -23.54 49.52
N ASP B 325 -8.85 -23.40 49.75
CA ASP B 325 -9.81 -24.41 49.33
C ASP B 325 -10.28 -24.26 47.88
N GLY B 326 -9.72 -23.29 47.17
CA GLY B 326 -10.13 -23.08 45.79
C GLY B 326 -11.18 -21.99 45.65
N SER B 327 -11.80 -21.62 46.76
CA SER B 327 -12.81 -20.57 46.76
C SER B 327 -12.10 -19.25 46.50
N MET B 328 -12.86 -18.21 46.17
CA MET B 328 -12.27 -16.91 45.89
C MET B 328 -12.81 -15.77 46.76
N MET B 329 -11.99 -14.72 46.90
CA MET B 329 -12.34 -13.55 47.70
C MET B 329 -12.24 -12.31 46.82
N LEU B 330 -13.18 -11.38 46.97
CA LEU B 330 -13.16 -10.13 46.22
C LEU B 330 -12.69 -9.00 47.13
N VAL B 331 -11.58 -8.36 46.79
CA VAL B 331 -11.04 -7.24 47.56
C VAL B 331 -11.50 -5.97 46.87
N LEU B 332 -12.40 -5.24 47.52
CA LEU B 332 -12.97 -4.02 46.94
C LEU B 332 -12.66 -2.74 47.71
N PRO B 333 -12.82 -1.58 47.05
CA PRO B 333 -12.57 -0.29 47.70
C PRO B 333 -13.87 0.05 48.44
N GLN B 334 -13.79 0.94 49.42
CA GLN B 334 -14.96 1.33 50.21
C GLN B 334 -16.16 1.84 49.41
N GLU B 335 -15.91 2.50 48.28
CA GLU B 335 -16.99 3.02 47.46
C GLU B 335 -18.05 1.95 47.11
N CYS B 336 -17.61 0.70 46.97
CA CYS B 336 -18.51 -0.40 46.65
C CYS B 336 -19.49 -0.68 47.78
N ARG B 337 -19.08 -0.37 49.00
CA ARG B 337 -19.92 -0.59 50.17
C ARG B 337 -20.84 0.61 50.41
N GLU B 338 -20.46 1.75 49.86
CA GLU B 338 -21.25 2.97 50.02
C GLU B 338 -22.30 3.13 48.92
N HIS B 339 -22.27 2.28 47.91
CA HIS B 339 -23.24 2.36 46.81
C HIS B 339 -24.21 1.19 46.93
N ALA B 340 -25.44 1.51 47.33
CA ALA B 340 -26.50 0.53 47.54
C ALA B 340 -26.66 -0.48 46.40
N GLY B 341 -26.73 0.02 45.18
CA GLY B 341 -26.91 -0.86 44.03
C GLY B 341 -25.76 -1.85 43.87
N VAL B 342 -24.53 -1.33 43.93
CA VAL B 342 -23.36 -2.17 43.77
C VAL B 342 -23.16 -3.11 44.97
N TRP B 343 -23.31 -2.58 46.17
CA TRP B 343 -23.13 -3.43 47.35
C TRP B 343 -24.17 -4.55 47.36
N GLY B 344 -25.37 -4.25 46.87
CA GLY B 344 -26.42 -5.25 46.83
C GLY B 344 -26.07 -6.35 45.84
N TYR B 345 -25.63 -5.96 44.65
CA TYR B 345 -25.27 -6.93 43.63
C TYR B 345 -24.09 -7.78 44.07
N LEU B 346 -23.09 -7.16 44.69
CA LEU B 346 -21.92 -7.91 45.13
C LEU B 346 -22.35 -8.96 46.16
N ASN B 347 -23.33 -8.63 46.98
CA ASN B 347 -23.78 -9.58 47.97
C ASN B 347 -24.64 -10.67 47.36
N GLU B 348 -25.27 -10.37 46.24
CA GLU B 348 -26.07 -11.36 45.55
C GLU B 348 -25.08 -12.38 44.97
N LEU B 349 -23.97 -11.86 44.45
CA LEU B 349 -22.92 -12.69 43.89
C LEU B 349 -22.30 -13.55 44.99
N LEU B 350 -22.07 -12.94 46.15
CA LEU B 350 -21.48 -13.66 47.29
C LEU B 350 -22.35 -14.85 47.65
N ALA B 351 -23.66 -14.60 47.76
CA ALA B 351 -24.62 -15.64 48.12
C ALA B 351 -24.83 -16.68 47.02
N ALA B 352 -24.80 -16.24 45.76
CA ALA B 352 -25.01 -17.13 44.63
C ALA B 352 -23.98 -18.26 44.60
N ASP B 353 -24.35 -19.37 43.96
CA ASP B 353 -23.44 -20.51 43.88
C ASP B 353 -22.39 -20.26 42.81
N ASN B 354 -21.17 -19.96 43.27
CA ASN B 354 -20.05 -19.68 42.40
C ASN B 354 -18.80 -19.62 43.27
N PRO B 355 -17.62 -19.42 42.68
CA PRO B 355 -16.37 -19.36 43.46
C PRO B 355 -16.22 -18.21 44.46
N ILE B 356 -16.98 -17.14 44.28
CA ILE B 356 -16.88 -15.99 45.17
C ILE B 356 -17.55 -16.21 46.53
N SER B 357 -16.75 -16.50 47.55
CA SER B 357 -17.28 -16.79 48.87
C SER B 357 -16.97 -15.76 49.96
N GLU B 358 -16.24 -14.71 49.63
CA GLU B 358 -15.95 -13.68 50.61
C GLU B 358 -15.69 -12.32 49.97
N LEU B 359 -16.15 -11.28 50.66
CA LEU B 359 -15.96 -9.91 50.21
C LEU B 359 -15.12 -9.22 51.27
N LYS B 360 -14.15 -8.42 50.83
CA LYS B 360 -13.31 -7.69 51.77
C LYS B 360 -13.18 -6.25 51.25
N VAL B 361 -13.42 -5.30 52.13
CA VAL B 361 -13.37 -3.89 51.79
C VAL B 361 -12.24 -3.13 52.46
N PHE B 362 -11.57 -2.29 51.68
CA PHE B 362 -10.49 -1.46 52.19
C PHE B 362 -10.74 0.00 51.83
N ASP B 363 -10.32 0.90 52.70
CA ASP B 363 -10.49 2.32 52.43
C ASP B 363 -9.25 2.80 51.67
N LEU B 364 -9.44 3.03 50.38
CA LEU B 364 -8.35 3.49 49.52
C LEU B 364 -8.79 4.81 48.89
N ARG B 365 -9.42 5.64 49.72
CA ARG B 365 -9.95 6.94 49.31
C ARG B 365 -8.98 7.85 48.53
N GLU B 366 -7.76 8.01 49.01
CA GLU B 366 -6.79 8.86 48.33
C GLU B 366 -6.49 8.35 46.92
N SER B 367 -6.22 7.05 46.81
CA SER B 367 -5.93 6.45 45.50
C SER B 367 -7.17 6.53 44.59
N MET B 368 -8.34 6.21 45.13
CA MET B 368 -9.58 6.23 44.35
C MET B 368 -9.93 7.59 43.75
N ALA B 369 -9.59 8.66 44.47
CA ALA B 369 -9.89 10.01 44.01
C ALA B 369 -9.11 10.33 42.75
N ASN B 370 -8.04 9.58 42.47
CA ASN B 370 -7.28 9.81 41.25
C ASN B 370 -7.51 8.68 40.25
N GLY B 371 -8.57 7.90 40.49
CA GLY B 371 -8.90 6.82 39.59
C GLY B 371 -8.18 5.51 39.76
N GLY B 372 -7.74 5.21 40.99
CA GLY B 372 -7.05 3.96 41.20
C GLY B 372 -7.63 3.15 42.35
N GLY B 373 -7.99 1.89 42.08
CA GLY B 373 -8.55 1.05 43.11
C GLY B 373 -7.56 0.00 43.59
N PRO B 374 -8.04 -1.02 44.31
CA PRO B 374 -7.22 -2.11 44.85
C PRO B 374 -6.31 -2.73 43.78
N ALA B 375 -6.89 -3.06 42.62
CA ALA B 375 -6.16 -3.68 41.52
C ALA B 375 -5.12 -2.75 40.86
N CYS B 376 -5.47 -1.48 40.66
CA CYS B 376 -4.55 -0.53 40.05
C CYS B 376 -3.25 -0.42 40.87
N LEU B 377 -3.37 -0.62 42.18
CA LEU B 377 -2.24 -0.53 43.11
C LEU B 377 -1.38 -1.80 43.18
N ARG B 378 -1.72 -2.84 42.42
CA ARG B 378 -0.94 -4.06 42.49
C ARG B 378 -0.61 -4.68 41.14
N LEU B 379 0.51 -5.40 41.12
CA LEU B 379 0.99 -6.09 39.93
C LEU B 379 1.14 -7.57 40.29
N ARG B 380 0.36 -8.41 39.62
CA ARG B 380 0.39 -9.85 39.86
C ARG B 380 1.52 -10.57 39.16
N VAL B 381 2.32 -11.29 39.93
CA VAL B 381 3.46 -12.02 39.38
C VAL B 381 3.48 -13.45 39.92
N VAL B 382 3.14 -14.39 39.06
CA VAL B 382 3.13 -15.81 39.44
C VAL B 382 4.59 -16.25 39.46
N LEU B 383 5.00 -16.82 40.58
CA LEU B 383 6.38 -17.27 40.76
C LEU B 383 6.44 -18.67 41.37
N THR B 384 7.40 -19.47 40.91
CA THR B 384 7.59 -20.80 41.45
C THR B 384 8.34 -20.60 42.78
N GLU B 385 8.54 -21.68 43.52
CA GLU B 385 9.24 -21.59 44.79
C GLU B 385 10.63 -21.00 44.56
N GLU B 386 11.30 -21.54 43.55
CA GLU B 386 12.65 -21.12 43.18
C GLU B 386 12.69 -19.63 42.79
N GLU B 387 11.73 -19.21 41.97
CA GLU B 387 11.67 -17.82 41.53
C GLU B 387 11.37 -16.88 42.71
N ARG B 388 10.52 -17.30 43.63
CA ARG B 388 10.19 -16.46 44.78
C ARG B 388 11.44 -16.20 45.62
N ARG B 389 12.24 -17.25 45.82
CA ARG B 389 13.46 -17.16 46.59
C ARG B 389 14.49 -16.26 45.91
N ALA B 390 14.38 -16.11 44.59
CA ALA B 390 15.30 -15.28 43.83
C ALA B 390 14.91 -13.81 43.81
N VAL B 391 13.76 -13.49 44.37
CA VAL B 391 13.29 -12.11 44.44
C VAL B 391 13.95 -11.39 45.61
N ASN B 392 14.28 -10.12 45.42
CA ASN B 392 14.91 -9.31 46.46
C ASN B 392 14.08 -9.51 47.73
N PRO B 393 14.64 -10.16 48.76
CA PRO B 393 13.95 -10.41 50.03
C PRO B 393 13.52 -9.17 50.79
N ALA B 394 14.22 -8.06 50.55
CA ALA B 394 13.93 -6.81 51.24
C ALA B 394 12.57 -6.20 50.88
N VAL B 395 11.98 -6.61 49.75
CA VAL B 395 10.69 -6.05 49.35
C VAL B 395 9.48 -6.93 49.71
N MET B 396 9.72 -8.09 50.32
CA MET B 396 8.60 -8.95 50.69
C MET B 396 7.97 -8.39 51.96
N MET B 397 6.64 -8.35 52.01
CA MET B 397 5.94 -7.82 53.16
C MET B 397 5.92 -8.77 54.35
N ASN B 398 6.09 -8.18 55.52
CA ASN B 398 6.08 -8.89 56.81
C ASN B 398 5.97 -7.82 57.87
N ASP B 399 5.93 -8.19 59.14
CA ASP B 399 5.81 -7.21 60.21
C ASP B 399 6.94 -6.20 60.21
N THR B 400 8.17 -6.69 60.05
CA THR B 400 9.34 -5.84 60.04
C THR B 400 9.27 -4.74 58.98
N LEU B 401 9.06 -5.12 57.72
CA LEU B 401 8.97 -4.14 56.64
C LEU B 401 7.79 -3.18 56.85
N PHE B 402 6.64 -3.72 57.24
CA PHE B 402 5.45 -2.90 57.48
C PHE B 402 5.75 -1.82 58.51
N ASN B 403 6.40 -2.20 59.61
CA ASN B 403 6.72 -1.24 60.65
C ASN B 403 7.73 -0.22 60.16
N ALA B 404 8.74 -0.69 59.43
CA ALA B 404 9.78 0.20 58.93
C ALA B 404 9.18 1.22 57.96
N LEU B 405 8.34 0.74 57.05
CA LEU B 405 7.70 1.64 56.08
C LEU B 405 6.77 2.63 56.74
N ASN B 406 6.03 2.21 57.76
CA ASN B 406 5.16 3.14 58.47
C ASN B 406 5.96 4.24 59.16
N ASP B 407 7.09 3.87 59.76
CA ASP B 407 7.94 4.85 60.43
C ASP B 407 8.53 5.81 59.39
N TRP B 408 8.94 5.25 58.27
CA TRP B 408 9.51 6.02 57.17
C TRP B 408 8.49 7.03 56.67
N VAL B 409 7.24 6.61 56.55
CA VAL B 409 6.18 7.49 56.08
C VAL B 409 5.89 8.60 57.10
N ASP B 410 5.88 8.26 58.38
CA ASP B 410 5.63 9.28 59.41
C ASP B 410 6.74 10.31 59.44
N ARG B 411 7.95 9.86 59.13
CA ARG B 411 9.10 10.74 59.14
C ARG B 411 9.16 11.74 57.99
N TYR B 412 8.90 11.27 56.77
CA TYR B 412 9.01 12.13 55.59
C TYR B 412 7.74 12.62 54.87
N TYR B 413 6.59 12.01 55.12
CA TYR B 413 5.37 12.41 54.42
C TYR B 413 4.56 13.53 55.08
N ARG B 414 4.04 14.45 54.27
CA ARG B 414 3.21 15.53 54.76
C ARG B 414 1.78 15.02 54.75
N ASP B 415 0.93 15.59 55.59
CA ASP B 415 -0.46 15.16 55.67
C ASP B 415 -1.39 16.04 54.85
N ARG B 416 -0.81 16.96 54.09
CA ARG B 416 -1.56 17.86 53.22
C ARG B 416 -0.65 18.44 52.16
N LEU B 417 -1.15 18.50 50.93
CA LEU B 417 -0.37 18.99 49.82
C LEU B 417 -1.27 19.52 48.70
N THR B 418 -0.79 20.53 48.00
CA THR B 418 -1.51 21.12 46.88
C THR B 418 -0.49 21.36 45.78
N ALA B 419 -0.95 21.57 44.55
CA ALA B 419 -0.06 21.80 43.44
C ALA B 419 0.96 22.91 43.74
N ALA B 420 0.53 23.91 44.50
CA ALA B 420 1.40 25.03 44.84
C ALA B 420 2.63 24.62 45.67
N ASP B 421 2.49 23.60 46.49
CA ASP B 421 3.59 23.15 47.33
C ASP B 421 4.70 22.46 46.54
N LEU B 422 4.42 22.12 45.29
CA LEU B 422 5.39 21.42 44.45
C LEU B 422 6.66 22.21 44.11
N ALA B 423 6.58 23.54 44.15
CA ALA B 423 7.75 24.37 43.85
C ALA B 423 8.64 24.54 45.09
N ASP B 424 8.13 24.10 46.23
CA ASP B 424 8.83 24.20 47.52
C ASP B 424 10.17 23.45 47.52
N PRO B 425 11.29 24.20 47.52
CA PRO B 425 12.62 23.56 47.53
C PRO B 425 12.74 22.54 48.66
N GLN B 426 12.02 22.78 49.75
CA GLN B 426 12.05 21.88 50.90
C GLN B 426 11.44 20.52 50.55
N LEU B 427 10.34 20.54 49.80
CA LEU B 427 9.70 19.28 49.40
C LEU B 427 10.68 18.46 48.59
N LEU B 428 11.43 19.12 47.72
CA LEU B 428 12.42 18.45 46.88
C LEU B 428 13.46 17.75 47.74
N ARG B 429 14.00 18.46 48.71
CA ARG B 429 15.01 17.91 49.60
C ARG B 429 14.43 16.72 50.38
N GLU B 430 13.28 16.93 50.99
CA GLU B 430 12.61 15.89 51.78
C GLU B 430 12.47 14.61 50.95
N GLY B 431 12.04 14.78 49.71
CA GLY B 431 11.86 13.64 48.83
C GLY B 431 13.15 12.90 48.52
N ARG B 432 14.22 13.64 48.25
CA ARG B 432 15.51 13.03 47.94
C ARG B 432 15.98 12.23 49.13
N GLU B 433 15.94 12.85 50.31
CA GLU B 433 16.38 12.18 51.52
C GLU B 433 15.53 10.94 51.77
N ALA B 434 14.22 11.07 51.59
CA ALA B 434 13.31 9.94 51.79
C ALA B 434 13.72 8.75 50.92
N LEU B 435 13.89 8.99 49.63
CA LEU B 435 14.27 7.93 48.69
C LEU B 435 15.62 7.31 49.00
N ASP B 436 16.56 8.12 49.48
CA ASP B 436 17.88 7.60 49.84
C ASP B 436 17.75 6.53 50.91
N VAL B 437 17.01 6.87 51.96
CA VAL B 437 16.80 5.95 53.07
C VAL B 437 16.04 4.71 52.59
N LEU B 438 15.04 4.93 51.75
CA LEU B 438 14.23 3.83 51.24
C LEU B 438 15.03 2.88 50.35
N SER B 439 15.94 3.42 49.54
CA SER B 439 16.73 2.56 48.65
C SER B 439 17.63 1.66 49.49
N GLN B 440 17.89 2.09 50.73
CA GLN B 440 18.72 1.32 51.65
C GLN B 440 17.87 0.24 52.31
N LEU B 441 16.72 0.65 52.86
CA LEU B 441 15.81 -0.27 53.51
C LEU B 441 15.48 -1.44 52.59
N LEU B 442 15.13 -1.13 51.35
CA LEU B 442 14.78 -2.16 50.37
C LEU B 442 15.99 -2.71 49.62
N ASN B 443 17.19 -2.33 50.07
CA ASN B 443 18.43 -2.78 49.45
C ASN B 443 18.36 -2.75 47.92
N LEU B 444 18.09 -1.57 47.38
CA LEU B 444 17.99 -1.39 45.93
C LEU B 444 19.23 -0.69 45.38
N GLY B 445 19.98 -0.04 46.26
CA GLY B 445 21.17 0.66 45.82
C GLY B 445 20.82 2.00 45.17
N SER B 446 21.76 2.55 44.42
CA SER B 446 21.55 3.83 43.74
C SER B 446 20.72 3.60 42.48
N VAL B 447 19.45 3.30 42.70
CA VAL B 447 18.52 3.01 41.63
C VAL B 447 17.87 4.26 41.01
N TYR B 448 17.88 5.38 41.73
CA TYR B 448 17.28 6.61 41.20
C TYR B 448 18.28 7.52 40.52
N PRO B 449 17.85 8.23 39.47
CA PRO B 449 18.72 9.15 38.74
C PRO B 449 19.50 10.12 39.62
N PHE B 450 18.83 10.73 40.61
CA PHE B 450 19.51 11.68 41.48
C PHE B 450 20.65 11.05 42.30
N GLN B 451 20.64 9.72 42.40
CA GLN B 451 21.67 9.02 43.16
C GLN B 451 22.88 8.62 42.29
N ARG B 452 22.80 8.90 40.99
CA ARG B 452 23.90 8.54 40.09
C ARG B 452 24.69 9.75 39.59
N ALA C 14 29.00 36.75 9.03
CA ALA C 14 28.62 35.31 9.02
C ALA C 14 27.78 34.98 7.79
N TRP C 15 27.86 33.74 7.32
CA TRP C 15 27.08 33.31 6.15
C TRP C 15 26.11 32.18 6.52
N GLU C 16 25.11 31.98 5.67
CA GLU C 16 24.14 30.91 5.86
C GLU C 16 24.65 29.70 5.09
N VAL C 17 24.90 28.61 5.79
CA VAL C 17 25.40 27.39 5.17
C VAL C 17 24.30 26.36 5.09
N ASN C 18 24.04 25.85 3.89
CA ASN C 18 23.01 24.85 3.69
C ASN C 18 23.56 23.44 3.83
N PHE C 19 22.95 22.65 4.72
CA PHE C 19 23.36 21.26 4.92
C PHE C 19 22.24 20.40 4.36
N ASP C 20 22.54 19.64 3.30
CA ASP C 20 21.55 18.78 2.66
C ASP C 20 21.73 17.32 3.08
N GLY C 21 20.62 16.58 3.11
CA GLY C 21 20.69 15.19 3.49
C GLY C 21 21.01 14.31 2.30
N LEU C 22 22.04 13.47 2.46
CA LEU C 22 22.41 12.56 1.39
C LEU C 22 21.44 11.39 1.46
N VAL C 23 20.62 11.23 0.44
CA VAL C 23 19.62 10.18 0.40
C VAL C 23 20.19 8.79 0.71
N GLY C 24 19.47 8.04 1.54
CA GLY C 24 19.88 6.70 1.91
C GLY C 24 19.53 5.69 0.84
N LEU C 25 20.22 4.55 0.84
CA LEU C 25 19.97 3.55 -0.19
C LEU C 25 18.70 2.72 -0.03
N THR C 26 17.94 2.93 1.05
CA THR C 26 16.71 2.19 1.25
C THR C 26 15.52 3.07 0.86
N HIS C 27 15.81 4.20 0.24
CA HIS C 27 14.78 5.13 -0.22
C HIS C 27 13.65 4.38 -0.93
N HIS C 28 12.43 4.51 -0.41
CA HIS C 28 11.28 3.85 -1.02
C HIS C 28 10.00 4.57 -0.63
N TYR C 29 8.91 4.26 -1.33
CA TYR C 29 7.62 4.89 -1.09
C TYR C 29 6.67 3.95 -0.35
N ALA C 30 6.44 4.24 0.92
CA ALA C 30 5.58 3.40 1.74
C ALA C 30 4.29 4.08 2.22
N GLY C 31 4.05 5.31 1.78
CA GLY C 31 2.86 6.03 2.20
C GLY C 31 2.69 6.00 3.72
N LEU C 32 3.75 6.38 4.43
CA LEU C 32 3.75 6.36 5.90
C LEU C 32 3.36 7.66 6.58
N SER C 33 3.23 8.75 5.83
CA SER C 33 2.90 10.03 6.44
C SER C 33 1.54 10.64 6.11
N PHE C 34 0.51 10.19 6.83
CA PHE C 34 -0.84 10.70 6.64
C PHE C 34 -0.78 12.21 6.89
N GLY C 35 -1.27 12.98 5.92
CA GLY C 35 -1.23 14.43 6.05
C GLY C 35 -0.23 14.95 5.04
N ASN C 36 0.62 14.05 4.57
CA ASN C 36 1.64 14.33 3.56
C ASN C 36 1.07 13.65 2.32
N GLU C 37 0.25 14.41 1.57
CA GLU C 37 -0.42 13.89 0.38
C GLU C 37 0.47 13.22 -0.68
N ALA C 38 1.66 13.76 -0.93
CA ALA C 38 2.56 13.15 -1.91
C ALA C 38 2.88 11.71 -1.47
N SER C 39 3.28 11.59 -0.21
CA SER C 39 3.62 10.30 0.38
C SER C 39 2.49 9.30 0.14
N THR C 40 1.27 9.71 0.48
CA THR C 40 0.07 8.89 0.32
C THR C 40 -0.22 8.54 -1.13
N ARG C 41 -0.18 9.54 -2.01
CA ARG C 41 -0.44 9.34 -3.43
C ARG C 41 0.55 8.41 -4.15
N HIS C 42 1.80 8.38 -3.69
CA HIS C 42 2.82 7.55 -4.32
C HIS C 42 3.07 6.20 -3.65
N ARG C 43 2.19 5.85 -2.71
CA ARG C 43 2.27 4.60 -1.98
C ARG C 43 2.76 3.42 -2.81
N PHE C 44 3.86 2.81 -2.36
CA PHE C 44 4.45 1.63 -2.96
C PHE C 44 4.86 1.60 -4.43
N GLN C 45 4.94 2.73 -5.11
CA GLN C 45 5.39 2.65 -6.48
C GLN C 45 6.90 2.41 -6.40
N VAL C 46 7.49 1.88 -7.46
CA VAL C 46 8.92 1.60 -7.44
C VAL C 46 9.78 2.86 -7.29
N SER C 47 10.87 2.74 -6.53
CA SER C 47 11.77 3.86 -6.29
C SER C 47 13.13 3.62 -6.92
N ASN C 48 13.91 4.70 -7.02
CA ASN C 48 15.24 4.64 -7.57
C ASN C 48 16.20 5.37 -6.63
N PRO C 49 16.74 4.64 -5.63
CA PRO C 49 17.68 5.18 -4.64
C PRO C 49 18.90 5.88 -5.24
N ARG C 50 19.56 5.21 -6.18
CA ARG C 50 20.73 5.79 -6.81
C ARG C 50 20.37 7.13 -7.47
N LEU C 51 19.26 7.17 -8.19
CA LEU C 51 18.84 8.40 -8.85
C LEU C 51 18.46 9.47 -7.82
N ALA C 52 17.81 9.04 -6.74
CA ALA C 52 17.40 9.95 -5.68
C ALA C 52 18.60 10.68 -5.10
N ALA C 53 19.62 9.92 -4.74
CA ALA C 53 20.83 10.49 -4.16
C ALA C 53 21.51 11.41 -5.18
N LYS C 54 21.57 10.98 -6.43
CA LYS C 54 22.20 11.78 -7.49
C LYS C 54 21.47 13.12 -7.63
N GLN C 55 20.15 13.05 -7.83
CA GLN C 55 19.34 14.25 -7.97
C GLN C 55 19.68 15.24 -6.84
N GLY C 56 19.71 14.72 -5.61
CA GLY C 56 20.02 15.55 -4.46
C GLY C 56 21.43 16.13 -4.48
N LEU C 57 22.41 15.31 -4.85
CA LEU C 57 23.79 15.78 -4.92
C LEU C 57 23.96 16.85 -5.99
N LEU C 58 23.25 16.70 -7.10
CA LEU C 58 23.33 17.68 -8.18
C LEU C 58 22.88 19.04 -7.69
N LYS C 59 21.82 19.08 -6.89
CA LYS C 59 21.33 20.35 -6.36
C LYS C 59 22.36 20.94 -5.39
N MET C 60 22.94 20.09 -4.55
CA MET C 60 23.96 20.53 -3.61
C MET C 60 25.07 21.19 -4.38
N LYS C 61 25.61 20.44 -5.33
CA LYS C 61 26.73 20.89 -6.17
C LYS C 61 26.43 22.17 -6.94
N ALA C 62 25.24 22.24 -7.53
CA ALA C 62 24.86 23.42 -8.31
C ALA C 62 24.86 24.69 -7.46
N LEU C 63 24.28 24.62 -6.27
CA LEU C 63 24.25 25.81 -5.41
C LEU C 63 25.65 26.12 -4.89
N ALA C 64 26.42 25.07 -4.61
CA ALA C 64 27.78 25.24 -4.13
C ALA C 64 28.59 25.99 -5.17
N ASP C 65 28.42 25.61 -6.44
CA ASP C 65 29.15 26.26 -7.52
C ASP C 65 28.64 27.68 -7.73
N ALA C 66 27.35 27.87 -7.54
CA ALA C 66 26.72 29.18 -7.70
C ALA C 66 27.21 30.14 -6.61
N GLY C 67 28.06 29.63 -5.71
CA GLY C 67 28.60 30.47 -4.67
C GLY C 67 27.89 30.46 -3.31
N PHE C 68 26.94 29.54 -3.11
CA PHE C 68 26.23 29.47 -1.83
C PHE C 68 26.78 28.33 -0.98
N PRO C 69 27.45 28.67 0.15
CA PRO C 69 28.04 27.69 1.07
C PRO C 69 27.14 26.46 1.20
N GLN C 70 27.73 25.28 1.01
CA GLN C 70 26.99 24.03 1.06
C GLN C 70 27.73 22.91 1.77
N ALA C 71 26.98 22.07 2.50
CA ALA C 71 27.55 20.94 3.21
C ALA C 71 26.61 19.73 3.13
N VAL C 72 27.02 18.59 3.70
CA VAL C 72 26.19 17.40 3.64
C VAL C 72 26.03 16.66 4.96
N ILE C 73 24.86 16.04 5.15
CA ILE C 73 24.57 15.25 6.34
C ILE C 73 24.30 13.85 5.79
N PRO C 74 24.95 12.81 6.36
CA PRO C 74 24.79 11.43 5.92
C PRO C 74 23.48 10.74 6.29
N PRO C 75 23.12 9.70 5.51
CA PRO C 75 21.89 8.94 5.75
C PRO C 75 22.08 8.10 7.01
N HIS C 76 21.05 7.36 7.41
CA HIS C 76 21.13 6.55 8.61
C HIS C 76 21.18 5.06 8.34
N GLU C 77 21.34 4.31 9.43
CA GLU C 77 21.41 2.85 9.43
C GLU C 77 20.02 2.30 9.09
N ARG C 78 19.87 1.74 7.90
CA ARG C 78 18.59 1.19 7.46
C ARG C 78 18.78 -0.09 6.65
N PRO C 79 17.98 -1.13 6.92
CA PRO C 79 16.92 -1.22 7.94
C PRO C 79 17.53 -1.08 9.34
N PHE C 80 16.77 -0.52 10.26
CA PHE C 80 17.26 -0.33 11.63
C PHE C 80 16.75 -1.48 12.49
N ILE C 81 17.55 -2.56 12.51
CA ILE C 81 17.23 -3.77 13.25
C ILE C 81 17.01 -3.58 14.75
N PRO C 82 17.75 -2.67 15.38
CA PRO C 82 17.58 -2.46 16.82
C PRO C 82 16.13 -2.19 17.23
N VAL C 83 15.41 -1.41 16.42
CA VAL C 83 14.01 -1.12 16.73
C VAL C 83 13.15 -2.38 16.59
N LEU C 84 13.49 -3.24 15.63
CA LEU C 84 12.73 -4.48 15.43
C LEU C 84 12.90 -5.39 16.65
N ARG C 85 14.09 -5.41 17.24
CA ARG C 85 14.29 -6.25 18.41
C ARG C 85 13.46 -5.68 19.55
N GLN C 86 13.38 -4.35 19.59
CA GLN C 86 12.63 -3.64 20.61
C GLN C 86 11.14 -3.99 20.48
N LEU C 87 10.73 -4.34 19.25
CA LEU C 87 9.35 -4.71 18.98
C LEU C 87 9.10 -6.19 19.21
N GLY C 88 10.07 -6.87 19.79
CA GLY C 88 9.90 -8.28 20.10
C GLY C 88 10.46 -9.33 19.14
N PHE C 89 11.01 -8.90 18.00
CA PHE C 89 11.56 -9.87 17.07
C PHE C 89 13.01 -10.17 17.43
N SER C 90 13.30 -11.46 17.65
CA SER C 90 14.65 -11.86 18.04
C SER C 90 15.34 -12.78 17.04
N GLY C 91 16.64 -12.98 17.26
CA GLY C 91 17.44 -13.81 16.38
C GLY C 91 18.59 -12.98 15.86
N SER C 92 19.20 -13.41 14.75
CA SER C 92 20.29 -12.65 14.18
C SER C 92 19.67 -11.59 13.27
N ASP C 93 20.44 -10.57 12.91
CA ASP C 93 19.93 -9.53 12.05
C ASP C 93 19.10 -10.12 10.91
N GLU C 94 19.70 -11.03 10.15
CA GLU C 94 19.01 -11.65 9.03
C GLU C 94 17.75 -12.41 9.46
N GLN C 95 17.81 -13.04 10.63
CA GLN C 95 16.65 -13.79 11.14
C GLN C 95 15.49 -12.83 11.41
N VAL C 96 15.79 -11.76 12.15
CA VAL C 96 14.80 -10.75 12.51
C VAL C 96 14.17 -10.18 11.23
N LEU C 97 15.04 -9.78 10.31
CA LEU C 97 14.63 -9.22 9.03
C LEU C 97 13.67 -10.20 8.36
N GLU C 98 13.98 -11.47 8.46
CA GLU C 98 13.18 -12.55 7.88
C GLU C 98 11.82 -12.63 8.58
N LYS C 99 11.84 -12.82 9.91
CA LYS C 99 10.61 -12.90 10.68
C LYS C 99 9.67 -11.73 10.42
N VAL C 100 10.19 -10.51 10.51
CA VAL C 100 9.36 -9.33 10.28
C VAL C 100 8.76 -9.32 8.88
N ALA C 101 9.52 -9.83 7.91
CA ALA C 101 9.07 -9.88 6.53
C ALA C 101 7.82 -10.77 6.37
N ARG C 102 7.80 -11.89 7.09
CA ARG C 102 6.69 -12.83 7.01
C ARG C 102 5.59 -12.61 8.05
N GLN C 103 5.90 -11.89 9.12
CA GLN C 103 4.93 -11.65 10.19
C GLN C 103 4.36 -10.22 10.22
N ALA C 104 5.23 -9.23 10.04
CA ALA C 104 4.78 -7.83 10.06
C ALA C 104 5.57 -6.97 9.07
N PRO C 105 5.46 -7.29 7.77
CA PRO C 105 6.16 -6.55 6.70
C PRO C 105 6.02 -5.03 6.74
N HIS C 106 4.89 -4.53 7.23
CA HIS C 106 4.70 -3.09 7.28
C HIS C 106 5.65 -2.42 8.26
N TRP C 107 6.18 -3.17 9.21
CA TRP C 107 7.12 -2.61 10.15
C TRP C 107 8.52 -2.57 9.54
N LEU C 108 8.73 -3.36 8.49
CA LEU C 108 10.01 -3.35 7.79
C LEU C 108 10.21 -1.97 7.17
N SER C 109 9.16 -1.45 6.52
CA SER C 109 9.26 -0.13 5.91
C SER C 109 9.52 0.94 6.96
N SER C 110 8.79 0.85 8.07
CA SER C 110 8.90 1.80 9.17
C SER C 110 10.32 1.96 9.70
N VAL C 111 11.10 0.89 9.64
CA VAL C 111 12.47 0.95 10.13
C VAL C 111 13.46 0.98 8.98
N SER C 112 12.95 1.19 7.77
CA SER C 112 13.82 1.21 6.59
C SER C 112 13.65 2.47 5.74
N SER C 113 13.05 3.50 6.31
CA SER C 113 12.81 4.72 5.56
C SER C 113 14.06 5.59 5.46
N ALA C 114 14.23 6.24 4.30
CA ALA C 114 15.36 7.12 4.07
C ALA C 114 14.91 8.53 4.42
N SER C 115 13.87 8.61 5.24
CA SER C 115 13.30 9.89 5.68
C SER C 115 14.31 10.87 6.31
N PRO C 116 15.38 10.35 6.95
CA PRO C 116 16.31 11.33 7.52
C PRO C 116 16.96 12.26 6.48
N MET C 117 16.69 11.99 5.20
CA MET C 117 17.22 12.82 4.12
C MET C 117 16.67 14.25 4.22
N TRP C 118 15.45 14.36 4.76
CA TRP C 118 14.82 15.66 4.91
C TRP C 118 15.27 16.28 6.22
N VAL C 119 16.49 16.81 6.19
CA VAL C 119 17.11 17.41 7.36
C VAL C 119 16.50 18.74 7.79
N ALA C 120 15.49 19.21 7.06
CA ALA C 120 14.84 20.44 7.46
C ALA C 120 14.12 20.10 8.77
N ASN C 121 13.96 18.80 9.02
CA ASN C 121 13.31 18.29 10.23
C ASN C 121 14.30 17.70 11.24
N ALA C 122 15.59 17.78 10.95
CA ALA C 122 16.60 17.21 11.84
C ALA C 122 16.69 17.93 13.18
N ALA C 123 16.55 19.24 13.16
CA ALA C 123 16.66 20.03 14.37
C ALA C 123 16.29 21.47 14.13
N THR C 124 16.32 22.26 15.21
CA THR C 124 16.01 23.68 15.12
C THR C 124 17.33 24.38 15.42
N ILE C 125 17.66 25.38 14.60
CA ILE C 125 18.92 26.09 14.78
C ILE C 125 18.79 27.52 15.29
N ALA C 126 19.75 27.92 16.12
CA ALA C 126 19.80 29.27 16.66
C ALA C 126 21.25 29.75 16.48
N PRO C 127 21.47 30.71 15.56
CA PRO C 127 22.81 31.26 15.30
C PRO C 127 23.37 31.90 16.57
N SER C 128 24.68 32.10 16.63
CA SER C 128 25.31 32.70 17.81
C SER C 128 24.87 34.14 18.10
N ALA C 129 24.34 34.82 17.09
CA ALA C 129 23.90 36.20 17.26
C ALA C 129 22.56 36.29 17.99
N ASP C 130 21.88 35.16 18.15
CA ASP C 130 20.58 35.12 18.80
C ASP C 130 20.57 34.47 20.17
N THR C 131 21.69 33.86 20.58
CA THR C 131 21.72 33.17 21.86
C THR C 131 22.26 33.96 23.04
N LEU C 132 21.84 33.56 24.24
CA LEU C 132 22.26 34.21 25.46
C LEU C 132 23.72 33.96 25.84
N ASP C 133 24.26 32.82 25.44
CA ASP C 133 25.64 32.49 25.78
C ASP C 133 26.58 32.68 24.58
N GLY C 134 26.03 33.19 23.49
CA GLY C 134 26.85 33.43 22.31
C GLY C 134 27.31 32.21 21.52
N LYS C 135 26.68 31.06 21.74
CA LYS C 135 27.07 29.88 20.99
C LYS C 135 26.00 29.50 19.97
N VAL C 136 26.34 28.59 19.07
CA VAL C 136 25.40 28.13 18.08
C VAL C 136 24.70 26.96 18.72
N HIS C 137 23.38 27.04 18.83
CA HIS C 137 22.60 25.97 19.45
C HIS C 137 21.85 25.16 18.42
N LEU C 138 21.84 23.85 18.62
CA LEU C 138 21.14 22.92 17.75
C LEU C 138 20.33 21.96 18.60
N THR C 139 19.00 22.01 18.47
CA THR C 139 18.12 21.12 19.23
C THR C 139 17.50 20.12 18.28
N VAL C 140 17.80 18.83 18.49
CA VAL C 140 17.29 17.77 17.66
C VAL C 140 15.77 17.65 17.82
N ALA C 141 15.07 17.51 16.70
CA ALA C 141 13.61 17.39 16.72
C ALA C 141 13.19 15.94 16.98
N ASN C 142 12.24 15.73 17.88
CA ASN C 142 11.81 14.37 18.16
C ASN C 142 11.02 13.71 17.03
N LEU C 143 10.35 14.51 16.21
CA LEU C 143 9.55 13.99 15.09
C LEU C 143 8.64 12.87 15.62
N ASN C 144 7.99 13.15 16.76
CA ASN C 144 7.12 12.18 17.42
C ASN C 144 5.88 11.75 16.65
N ASN C 145 5.29 12.66 15.87
CA ASN C 145 4.06 12.30 15.17
C ASN C 145 4.14 11.04 14.31
N LYS C 146 5.19 10.92 13.50
CA LYS C 146 5.35 9.74 12.65
C LYS C 146 6.41 8.81 13.23
N PHE C 147 6.03 7.56 13.52
CA PHE C 147 6.94 6.59 14.08
C PHE C 147 8.22 6.39 13.28
N HIS C 148 8.10 6.16 11.98
CA HIS C 148 9.29 5.95 11.17
C HIS C 148 10.26 7.12 11.29
N ARG C 149 9.73 8.32 11.47
CA ARG C 149 10.62 9.48 11.62
C ARG C 149 11.10 9.69 13.07
N SER C 150 10.29 9.29 14.06
CA SER C 150 10.67 9.44 15.47
C SER C 150 11.95 8.64 15.75
N LEU C 151 12.20 7.61 14.94
CA LEU C 151 13.37 6.76 15.10
C LEU C 151 14.68 7.49 14.82
N GLU C 152 14.59 8.61 14.10
CA GLU C 152 15.76 9.40 13.72
C GLU C 152 16.55 10.12 14.81
N ALA C 153 15.84 10.77 15.73
CA ALA C 153 16.47 11.56 16.78
C ALA C 153 17.82 11.11 17.37
N PRO C 154 17.91 9.89 17.90
CA PRO C 154 19.19 9.45 18.47
C PRO C 154 20.41 9.49 17.53
N VAL C 155 20.23 8.99 16.31
CA VAL C 155 21.31 8.99 15.34
C VAL C 155 21.56 10.40 14.81
N THR C 156 20.50 11.18 14.66
CA THR C 156 20.65 12.55 14.18
C THR C 156 21.48 13.33 15.18
N GLU C 157 21.33 13.04 16.47
CA GLU C 157 22.09 13.74 17.49
C GLU C 157 23.56 13.36 17.38
N SER C 158 23.84 12.10 17.13
CA SER C 158 25.22 11.65 16.98
C SER C 158 25.88 12.34 15.79
N LEU C 159 25.18 12.35 14.66
CA LEU C 159 25.69 12.98 13.44
C LEU C 159 25.94 14.47 13.61
N LEU C 160 25.03 15.16 14.29
CA LEU C 160 25.21 16.60 14.49
C LEU C 160 26.38 16.86 15.44
N LYS C 161 26.56 16.00 16.43
CA LYS C 161 27.66 16.18 17.37
C LYS C 161 29.02 15.85 16.75
N ALA C 162 28.99 15.07 15.67
CA ALA C 162 30.21 14.68 14.97
C ALA C 162 30.56 15.73 13.91
N ILE C 163 29.54 16.41 13.40
CA ILE C 163 29.74 17.45 12.39
C ILE C 163 30.04 18.78 13.11
N PHE C 164 29.26 19.11 14.13
CA PHE C 164 29.49 20.34 14.90
C PHE C 164 30.11 19.86 16.20
N ASN C 165 31.31 19.28 16.09
CA ASN C 165 32.03 18.70 17.22
C ASN C 165 32.71 19.63 18.23
N ASP C 166 33.01 20.87 17.84
CA ASP C 166 33.66 21.80 18.75
C ASP C 166 32.69 22.39 19.77
N GLU C 167 32.76 21.88 21.00
CA GLU C 167 31.86 22.31 22.07
C GLU C 167 31.99 23.77 22.52
N GLU C 168 33.06 24.44 22.14
CA GLU C 168 33.23 25.84 22.54
C GLU C 168 32.41 26.73 21.62
N LYS C 169 32.00 26.19 20.48
CA LYS C 169 31.22 26.96 19.52
C LYS C 169 29.85 26.35 19.21
N PHE C 170 29.67 25.07 19.53
CA PHE C 170 28.39 24.41 19.27
C PHE C 170 27.80 23.71 20.49
N SER C 171 26.48 23.85 20.64
CA SER C 171 25.74 23.23 21.73
C SER C 171 24.57 22.42 21.16
N VAL C 172 24.75 21.10 21.10
CA VAL C 172 23.70 20.22 20.57
C VAL C 172 22.85 19.67 21.72
N HIS C 173 21.56 19.98 21.69
CA HIS C 173 20.63 19.53 22.73
C HIS C 173 19.80 18.35 22.25
N SER C 174 19.63 17.37 23.14
CA SER C 174 18.85 16.19 22.84
C SER C 174 17.39 16.57 22.56
N ALA C 175 16.70 15.72 21.81
CA ALA C 175 15.31 15.96 21.45
C ALA C 175 14.41 15.99 22.68
N LEU C 176 13.25 16.62 22.50
CA LEU C 176 12.26 16.75 23.55
C LEU C 176 11.62 15.39 23.82
N PRO C 177 10.96 15.24 24.98
CA PRO C 177 10.31 13.96 25.30
C PRO C 177 9.43 13.51 24.14
N GLN C 178 9.40 12.20 23.90
CA GLN C 178 8.60 11.65 22.83
C GLN C 178 7.14 11.40 23.23
N VAL C 179 6.35 12.47 23.20
CA VAL C 179 4.91 12.45 23.51
C VAL C 179 4.20 13.44 22.59
N ALA C 180 2.95 13.13 22.21
CA ALA C 180 2.18 13.98 21.31
C ALA C 180 2.11 15.42 21.76
N LEU C 181 2.05 15.61 23.08
CA LEU C 181 1.99 16.93 23.68
C LEU C 181 3.20 17.80 23.31
N LEU C 182 4.32 17.15 22.99
CA LEU C 182 5.56 17.84 22.65
C LEU C 182 6.09 17.52 21.25
N GLY C 183 5.17 17.38 20.30
CA GLY C 183 5.54 17.08 18.93
C GLY C 183 6.37 18.20 18.36
N ASP C 184 7.55 17.86 17.86
CA ASP C 184 8.48 18.86 17.31
C ASP C 184 9.01 18.41 15.95
N GLU C 185 8.87 19.26 14.93
CA GLU C 185 9.35 18.92 13.59
C GLU C 185 10.57 19.73 13.16
N GLY C 186 11.15 20.48 14.10
CA GLY C 186 12.34 21.24 13.80
C GLY C 186 12.25 22.44 12.87
N ALA C 187 13.38 22.73 12.22
CA ALA C 187 13.52 23.86 11.31
C ALA C 187 12.40 24.02 10.28
N ALA C 188 11.80 22.91 9.85
CA ALA C 188 10.72 23.01 8.86
C ALA C 188 9.63 23.96 9.33
N ASN C 189 9.52 24.14 10.64
CA ASN C 189 8.50 25.04 11.22
C ASN C 189 9.16 26.30 11.78
N HIS C 190 10.43 26.50 11.44
CA HIS C 190 11.18 27.64 11.94
C HIS C 190 11.50 28.67 10.85
N ASN C 191 11.69 29.92 11.27
CA ASN C 191 12.00 31.01 10.35
C ASN C 191 12.90 32.00 11.08
N ARG C 192 13.65 32.78 10.30
CA ARG C 192 14.54 33.78 10.87
C ARG C 192 14.58 34.97 9.91
N LEU C 193 14.17 36.13 10.40
CA LEU C 193 14.14 37.33 9.58
C LEU C 193 15.00 38.43 10.17
N GLY C 194 15.60 39.24 9.30
CA GLY C 194 16.44 40.33 9.77
C GLY C 194 17.31 40.90 8.67
N GLY C 195 18.32 41.67 9.06
CA GLY C 195 19.21 42.25 8.07
C GLY C 195 20.20 41.19 7.67
N HIS C 196 21.49 41.46 7.89
CA HIS C 196 22.54 40.51 7.57
C HIS C 196 22.46 39.30 8.47
N TYR C 197 22.68 38.11 7.89
CA TYR C 197 22.64 36.85 8.63
C TYR C 197 23.38 36.93 9.97
N GLY C 198 24.53 37.59 9.97
CA GLY C 198 25.32 37.70 11.19
C GLY C 198 24.77 38.58 12.30
N GLU C 199 23.77 39.40 11.99
CA GLU C 199 23.16 40.30 12.98
C GLU C 199 22.06 39.56 13.73
N PRO C 200 21.70 40.04 14.94
CA PRO C 200 20.64 39.41 15.72
C PRO C 200 19.38 39.31 14.86
N GLY C 201 18.78 38.13 14.82
CA GLY C 201 17.61 37.97 13.98
C GLY C 201 16.34 37.73 14.76
N MET C 202 15.21 37.87 14.07
CA MET C 202 13.92 37.64 14.70
C MET C 202 13.51 36.22 14.31
N GLN C 203 13.37 35.37 15.33
CA GLN C 203 13.00 33.99 15.08
C GLN C 203 11.50 33.80 15.19
N LEU C 204 10.94 33.12 14.20
CA LEU C 204 9.51 32.85 14.15
C LEU C 204 9.23 31.36 14.18
N PHE C 205 8.62 30.88 15.27
CA PHE C 205 8.28 29.47 15.42
C PHE C 205 6.82 29.28 15.02
N VAL C 206 6.57 28.42 14.03
CA VAL C 206 5.19 28.16 13.59
C VAL C 206 4.75 26.82 14.14
N TYR C 207 3.51 26.74 14.62
CA TYR C 207 3.00 25.49 15.19
C TYR C 207 1.59 25.16 14.72
N GLY C 208 1.22 23.90 14.84
CA GLY C 208 -0.10 23.47 14.40
C GLY C 208 -1.17 23.48 15.49
N ARG C 209 -0.80 23.09 16.70
CA ARG C 209 -1.75 23.05 17.81
C ARG C 209 -1.15 23.45 19.14
N GLU C 210 -2.01 23.68 20.11
CA GLU C 210 -1.61 24.10 21.45
C GLU C 210 -2.64 23.66 22.48
N GLU C 211 -2.19 23.19 23.64
CA GLU C 211 -3.10 22.77 24.70
C GLU C 211 -4.10 23.86 25.05
N GLY C 212 -5.38 23.52 25.06
CA GLY C 212 -6.39 24.51 25.43
C GLY C 212 -6.83 25.44 24.31
N ASN C 213 -6.45 25.13 23.08
CA ASN C 213 -6.84 25.94 21.94
C ASN C 213 -7.65 25.05 21.00
N ASP C 214 -8.94 25.34 20.84
CA ASP C 214 -9.80 24.54 19.97
C ASP C 214 -9.52 24.77 18.49
N THR C 215 -8.71 25.79 18.19
CA THR C 215 -8.35 26.10 16.81
C THR C 215 -7.28 25.10 16.38
N ARG C 216 -7.65 24.15 15.52
CA ARG C 216 -6.69 23.15 15.06
C ARG C 216 -7.25 22.37 13.87
N PRO C 217 -6.37 21.69 13.12
CA PRO C 217 -6.80 20.92 11.95
C PRO C 217 -7.73 19.75 12.33
N SER C 218 -8.69 19.46 11.47
CA SER C 218 -9.64 18.38 11.71
C SER C 218 -9.44 17.17 10.82
N ARG C 219 -8.73 17.34 9.71
CA ARG C 219 -8.53 16.24 8.77
C ARG C 219 -7.14 15.64 8.94
N TYR C 220 -6.12 16.48 8.79
CA TYR C 220 -4.73 16.05 8.93
C TYR C 220 -4.18 16.45 10.28
N PRO C 221 -3.13 15.74 10.74
CA PRO C 221 -2.55 16.06 12.05
C PRO C 221 -1.64 17.29 12.09
N ALA C 222 -1.60 17.91 13.27
CA ALA C 222 -0.73 19.06 13.52
C ALA C 222 0.44 18.42 14.29
N ARG C 223 1.54 18.17 13.59
CA ARG C 223 2.73 17.55 14.18
C ARG C 223 3.50 18.43 15.15
N GLN C 224 3.35 19.75 14.99
CA GLN C 224 4.06 20.71 15.81
C GLN C 224 3.15 21.34 16.87
N THR C 225 3.58 21.33 18.13
CA THR C 225 2.78 21.96 19.18
C THR C 225 3.50 23.19 19.70
N ARG C 226 2.74 24.17 20.15
CA ARG C 226 3.36 25.38 20.67
C ARG C 226 4.23 25.03 21.87
N GLU C 227 3.79 24.08 22.67
CA GLU C 227 4.53 23.64 23.85
C GLU C 227 5.96 23.24 23.46
N ALA C 228 6.08 22.49 22.38
CA ALA C 228 7.38 22.04 21.89
C ALA C 228 8.20 23.24 21.42
N SER C 229 7.57 24.08 20.62
CA SER C 229 8.24 25.26 20.08
C SER C 229 8.84 26.12 21.19
N GLU C 230 8.04 26.36 22.23
CA GLU C 230 8.47 27.17 23.35
C GLU C 230 9.64 26.52 24.09
N ALA C 231 9.61 25.18 24.19
CA ALA C 231 10.68 24.45 24.87
C ALA C 231 11.99 24.56 24.09
N VAL C 232 11.92 24.42 22.77
CA VAL C 232 13.11 24.50 21.93
C VAL C 232 13.70 25.91 22.03
N ALA C 233 12.84 26.91 22.08
CA ALA C 233 13.27 28.30 22.19
C ALA C 233 14.13 28.46 23.44
N ARG C 234 13.71 27.80 24.52
CA ARG C 234 14.43 27.85 25.79
C ARG C 234 15.74 27.08 25.68
N LEU C 235 15.68 25.86 25.16
CA LEU C 235 16.88 25.02 25.01
C LEU C 235 17.97 25.72 24.21
N ASN C 236 17.59 26.36 23.10
CA ASN C 236 18.56 27.06 22.25
C ASN C 236 18.96 28.42 22.83
N GLN C 237 18.45 28.72 24.01
CA GLN C 237 18.77 29.98 24.69
C GLN C 237 18.59 31.17 23.77
N VAL C 238 17.42 31.28 23.15
CA VAL C 238 17.17 32.38 22.25
C VAL C 238 16.72 33.58 23.08
N ASN C 239 17.31 34.74 22.80
CA ASN C 239 16.96 35.95 23.52
C ASN C 239 15.46 36.17 23.36
N PRO C 240 14.73 36.11 24.48
CA PRO C 240 13.28 36.28 24.56
C PRO C 240 12.68 37.41 23.72
N GLN C 241 13.48 38.42 23.41
CA GLN C 241 13.01 39.54 22.63
C GLN C 241 13.08 39.28 21.12
N GLN C 242 13.70 38.16 20.74
CA GLN C 242 13.84 37.83 19.33
C GLN C 242 13.07 36.57 18.96
N VAL C 243 12.02 36.26 19.72
CA VAL C 243 11.22 35.08 19.45
C VAL C 243 9.75 35.41 19.28
N ILE C 244 9.15 34.86 18.24
CA ILE C 244 7.74 35.06 17.98
C ILE C 244 7.11 33.71 17.69
N PHE C 245 5.90 33.49 18.20
CA PHE C 245 5.18 32.24 17.97
C PHE C 245 3.89 32.54 17.20
N ALA C 246 3.64 31.79 16.14
CA ALA C 246 2.44 31.98 15.35
C ALA C 246 1.85 30.64 14.97
N GLN C 247 0.52 30.56 14.98
CA GLN C 247 -0.16 29.32 14.65
C GLN C 247 -0.44 29.22 13.15
N GLN C 248 -0.24 28.03 12.61
CA GLN C 248 -0.47 27.79 11.20
C GLN C 248 -1.97 27.76 11.01
N ASN C 249 -2.46 28.30 9.90
CA ASN C 249 -3.88 28.26 9.62
C ASN C 249 -4.26 26.79 9.50
N PRO C 250 -5.17 26.31 10.36
CA PRO C 250 -5.61 24.91 10.33
C PRO C 250 -6.21 24.43 9.02
N ASP C 251 -6.83 25.36 8.28
CA ASP C 251 -7.46 25.02 7.01
C ASP C 251 -6.37 24.60 6.03
N VAL C 252 -5.24 25.26 6.15
CA VAL C 252 -4.08 24.99 5.30
C VAL C 252 -3.45 23.63 5.64
N ILE C 253 -3.48 23.25 6.91
CA ILE C 253 -2.92 21.96 7.32
C ILE C 253 -3.84 20.86 6.81
N ASP C 254 -5.13 21.12 6.85
CA ASP C 254 -6.10 20.15 6.39
C ASP C 254 -6.04 19.93 4.87
N GLN C 255 -5.15 20.67 4.19
CA GLN C 255 -4.99 20.51 2.75
C GLN C 255 -3.61 19.98 2.36
N GLY C 256 -2.81 19.59 3.35
CA GLY C 256 -1.50 19.04 3.03
C GLY C 256 -0.28 19.80 3.50
N VAL C 257 -0.48 20.97 4.11
CA VAL C 257 0.65 21.73 4.61
C VAL C 257 1.00 21.17 5.99
N PHE C 258 1.75 20.07 5.98
CA PHE C 258 2.12 19.39 7.22
C PHE C 258 3.30 20.03 7.97
N HIS C 259 3.95 20.98 7.31
CA HIS C 259 5.07 21.73 7.89
C HIS C 259 4.92 23.13 7.29
N ASN C 260 5.40 24.15 8.01
CA ASN C 260 5.31 25.52 7.53
C ASN C 260 6.03 25.73 6.18
N ASP C 261 7.13 25.00 5.95
CA ASP C 261 7.88 25.17 4.71
C ASP C 261 7.20 24.64 3.46
N VAL C 262 5.89 24.43 3.54
CA VAL C 262 5.12 23.98 2.40
C VAL C 262 4.21 25.15 2.00
N ILE C 263 4.17 26.17 2.85
CA ILE C 263 3.33 27.33 2.58
C ILE C 263 4.00 28.68 2.85
N ALA C 264 5.24 28.66 3.35
CA ALA C 264 5.96 29.90 3.64
C ALA C 264 7.46 29.66 3.79
N VAL C 265 8.26 30.66 3.44
CA VAL C 265 9.70 30.59 3.54
C VAL C 265 10.27 31.99 3.70
N SER C 266 11.22 32.14 4.64
CA SER C 266 11.84 33.42 4.90
C SER C 266 13.33 33.42 4.59
N ASN C 267 13.88 34.63 4.44
CA ASN C 267 15.30 34.83 4.18
C ASN C 267 15.60 36.32 4.32
N ARG C 268 16.53 36.65 5.22
CA ARG C 268 16.89 38.04 5.45
C ARG C 268 15.64 38.86 5.81
N GLN C 269 15.35 39.89 5.02
CA GLN C 269 14.20 40.75 5.31
C GLN C 269 12.90 40.35 4.60
N VAL C 270 12.95 39.29 3.79
CA VAL C 270 11.78 38.85 3.03
C VAL C 270 11.07 37.61 3.54
N LEU C 271 9.73 37.68 3.52
CA LEU C 271 8.89 36.56 3.94
C LEU C 271 8.00 36.27 2.74
N PHE C 272 8.21 35.12 2.11
CA PHE C 272 7.42 34.71 0.95
C PHE C 272 6.42 33.69 1.46
N CYS C 273 5.12 33.99 1.36
CA CYS C 273 4.11 33.05 1.85
C CYS C 273 2.76 33.19 1.17
N HIS C 274 1.88 32.22 1.42
CA HIS C 274 0.54 32.25 0.86
C HIS C 274 -0.33 33.11 1.76
N GLN C 275 -1.39 33.69 1.22
CA GLN C 275 -2.25 34.55 2.02
C GLN C 275 -2.96 33.76 3.12
N GLN C 276 -3.14 32.47 2.91
CA GLN C 276 -3.81 31.62 3.89
C GLN C 276 -2.81 30.87 4.79
N ALA C 277 -1.56 31.33 4.78
CA ALA C 277 -0.51 30.68 5.56
C ALA C 277 -0.75 30.56 7.06
N PHE C 278 -0.97 31.70 7.72
CA PHE C 278 -1.16 31.66 9.17
C PHE C 278 -2.50 32.14 9.69
N ALA C 279 -2.74 31.90 10.97
CA ALA C 279 -3.95 32.34 11.64
C ALA C 279 -3.58 33.75 12.05
N ARG C 280 -4.50 34.69 11.90
CA ARG C 280 -4.22 36.09 12.25
C ARG C 280 -2.96 36.52 11.51
N GLN C 281 -2.95 36.33 10.19
CA GLN C 281 -1.79 36.69 9.37
C GLN C 281 -1.41 38.16 9.44
N SER C 282 -2.38 39.05 9.22
CA SER C 282 -2.09 40.48 9.24
C SER C 282 -1.45 40.94 10.55
N GLN C 283 -1.83 40.33 11.67
CA GLN C 283 -1.25 40.71 12.96
C GLN C 283 0.24 40.36 12.97
N LEU C 284 0.53 39.15 12.51
CA LEU C 284 1.91 38.66 12.44
C LEU C 284 2.75 39.52 11.48
N LEU C 285 2.20 39.80 10.31
CA LEU C 285 2.92 40.60 9.32
C LEU C 285 3.24 41.99 9.86
N ALA C 286 2.28 42.59 10.56
CA ALA C 286 2.47 43.92 11.14
C ALA C 286 3.53 43.83 12.24
N ASN C 287 3.51 42.70 12.96
CA ASN C 287 4.45 42.45 14.03
C ASN C 287 5.89 42.37 13.50
N LEU C 288 6.06 41.65 12.39
CA LEU C 288 7.38 41.49 11.77
C LEU C 288 7.82 42.81 11.17
N ARG C 289 6.86 43.48 10.52
CA ARG C 289 7.10 44.76 9.89
C ARG C 289 7.65 45.74 10.93
N ALA C 290 7.13 45.65 12.15
CA ALA C 290 7.56 46.52 13.23
C ALA C 290 8.85 46.08 13.94
N ARG C 291 9.36 44.90 13.62
CA ARG C 291 10.59 44.42 14.27
C ARG C 291 11.78 44.21 13.34
N VAL C 292 11.52 44.02 12.05
CA VAL C 292 12.59 43.80 11.09
C VAL C 292 12.70 44.92 10.07
N ASN C 293 13.81 45.65 10.11
CA ASN C 293 14.04 46.75 9.19
C ASN C 293 13.90 46.31 7.74
N GLY C 294 13.17 47.10 6.97
CA GLY C 294 12.96 46.80 5.56
C GLY C 294 12.16 45.54 5.28
N PHE C 295 11.46 45.02 6.29
CA PHE C 295 10.67 43.81 6.10
C PHE C 295 9.71 43.88 4.91
N MET C 296 9.71 42.83 4.09
CA MET C 296 8.82 42.77 2.92
C MET C 296 8.04 41.47 2.90
N ALA C 297 6.71 41.55 2.89
CA ALA C 297 5.90 40.36 2.87
C ALA C 297 5.35 40.16 1.46
N ILE C 298 5.72 39.04 0.85
CA ILE C 298 5.26 38.72 -0.50
C ILE C 298 4.18 37.66 -0.37
N GLU C 299 2.93 38.09 -0.29
CA GLU C 299 1.81 37.18 -0.14
C GLU C 299 1.18 36.77 -1.46
N VAL C 300 1.07 35.46 -1.66
CA VAL C 300 0.46 34.95 -2.88
C VAL C 300 -1.02 34.69 -2.63
N PRO C 301 -1.90 35.43 -3.33
CA PRO C 301 -3.34 35.28 -3.18
C PRO C 301 -3.84 33.98 -3.79
N ALA C 302 -4.97 33.49 -3.29
CA ALA C 302 -5.56 32.25 -3.80
C ALA C 302 -5.92 32.42 -5.26
N THR C 303 -6.44 33.61 -5.61
CA THR C 303 -6.82 33.91 -6.98
C THR C 303 -5.69 33.58 -7.94
N GLN C 304 -4.45 33.91 -7.56
CA GLN C 304 -3.30 33.61 -8.41
C GLN C 304 -2.83 32.17 -8.24
N VAL C 305 -2.71 31.73 -6.99
CA VAL C 305 -2.27 30.36 -6.70
C VAL C 305 -3.07 29.80 -5.53
N SER C 306 -3.78 28.70 -5.77
CA SER C 306 -4.58 28.07 -4.74
C SER C 306 -3.74 27.21 -3.81
N VAL C 307 -4.25 26.96 -2.61
CA VAL C 307 -3.52 26.14 -1.64
C VAL C 307 -3.25 24.78 -2.27
N SER C 308 -4.23 24.26 -3.00
CA SER C 308 -4.09 22.98 -3.66
C SER C 308 -2.91 23.01 -4.63
N ASP C 309 -2.82 24.06 -5.43
CA ASP C 309 -1.72 24.19 -6.38
C ASP C 309 -0.42 24.35 -5.63
N THR C 310 -0.49 24.99 -4.47
CA THR C 310 0.68 25.21 -3.64
C THR C 310 1.26 23.88 -3.16
N VAL C 311 0.37 22.99 -2.73
CA VAL C 311 0.74 21.68 -2.23
C VAL C 311 1.24 20.73 -3.32
N SER C 312 0.70 20.84 -4.53
CA SER C 312 1.14 19.95 -5.61
C SER C 312 2.46 20.38 -6.24
N THR C 313 2.74 21.68 -6.27
CA THR C 313 3.97 22.19 -6.88
C THR C 313 5.10 22.47 -5.91
N TYR C 314 4.76 22.66 -4.63
CA TYR C 314 5.74 22.96 -3.59
C TYR C 314 6.42 24.29 -3.87
N LEU C 315 5.62 25.25 -4.34
CA LEU C 315 6.09 26.58 -4.64
C LEU C 315 6.81 27.19 -3.44
N PHE C 316 6.22 27.00 -2.26
CA PHE C 316 6.80 27.55 -1.05
C PHE C 316 7.86 26.71 -0.35
N ASN C 317 8.11 25.50 -0.85
CA ASN C 317 9.16 24.68 -0.26
C ASN C 317 10.44 24.96 -1.01
N SER C 318 10.51 26.16 -1.56
CA SER C 318 11.68 26.55 -2.32
C SER C 318 12.71 27.18 -1.39
N GLN C 319 13.93 27.31 -1.89
CA GLN C 319 14.99 27.92 -1.13
C GLN C 319 15.12 29.36 -1.62
N LEU C 320 15.20 30.28 -0.67
CA LEU C 320 15.33 31.69 -1.01
C LEU C 320 16.74 32.10 -0.61
N LEU C 321 17.62 32.18 -1.60
CA LEU C 321 19.03 32.50 -1.37
C LEU C 321 19.38 33.96 -1.66
N SER C 322 20.43 34.45 -1.00
CA SER C 322 20.87 35.83 -1.18
C SER C 322 22.20 35.92 -1.91
N ARG C 323 22.24 36.69 -2.99
CA ARG C 323 23.49 36.90 -3.72
C ARG C 323 24.13 38.11 -3.03
N ASP C 324 25.44 38.27 -3.17
CA ASP C 324 26.15 39.38 -2.52
C ASP C 324 25.66 40.78 -2.86
N ASP C 325 24.97 40.94 -3.98
CA ASP C 325 24.47 42.25 -4.36
C ASP C 325 23.14 42.53 -3.64
N GLY C 326 22.66 41.55 -2.89
CA GLY C 326 21.43 41.72 -2.16
C GLY C 326 20.21 41.08 -2.82
N SER C 327 20.33 40.78 -4.10
CA SER C 327 19.22 40.16 -4.82
C SER C 327 19.02 38.74 -4.31
N MET C 328 17.91 38.12 -4.67
CA MET C 328 17.62 36.77 -4.22
C MET C 328 17.30 35.81 -5.35
N MET C 329 17.65 34.55 -5.12
CA MET C 329 17.38 33.50 -6.08
C MET C 329 16.44 32.50 -5.45
N LEU C 330 15.41 32.10 -6.19
CA LEU C 330 14.45 31.12 -5.73
C LEU C 330 14.80 29.77 -6.34
N VAL C 331 15.15 28.81 -5.49
CA VAL C 331 15.48 27.46 -5.95
C VAL C 331 14.18 26.68 -5.84
N LEU C 332 13.64 26.28 -6.99
CA LEU C 332 12.37 25.57 -7.05
C LEU C 332 12.44 24.16 -7.63
N PRO C 333 11.46 23.31 -7.26
CA PRO C 333 11.41 21.94 -7.75
C PRO C 333 10.75 21.95 -9.12
N GLN C 334 11.15 21.00 -9.96
CA GLN C 334 10.64 20.84 -11.31
C GLN C 334 9.13 21.06 -11.46
N GLU C 335 8.35 20.54 -10.51
CA GLU C 335 6.90 20.67 -10.55
C GLU C 335 6.41 22.11 -10.71
N CYS C 336 7.21 23.08 -10.25
CA CYS C 336 6.81 24.48 -10.35
C CYS C 336 6.74 25.02 -11.78
N ARG C 337 7.61 24.54 -12.66
CA ARG C 337 7.60 25.00 -14.04
C ARG C 337 6.55 24.26 -14.85
N GLU C 338 6.33 23.00 -14.52
CA GLU C 338 5.35 22.16 -15.22
C GLU C 338 3.92 22.65 -14.98
N HIS C 339 3.73 23.41 -13.90
CA HIS C 339 2.40 23.92 -13.57
C HIS C 339 2.21 25.32 -14.15
N ALA C 340 1.46 25.38 -15.24
CA ALA C 340 1.18 26.63 -15.95
C ALA C 340 0.92 27.85 -15.05
N GLY C 341 -0.06 27.72 -14.15
CA GLY C 341 -0.41 28.81 -13.26
C GLY C 341 0.69 29.25 -12.32
N VAL C 342 1.35 28.28 -11.68
CA VAL C 342 2.42 28.61 -10.75
C VAL C 342 3.63 29.19 -11.47
N TRP C 343 4.03 28.56 -12.57
CA TRP C 343 5.17 29.06 -13.32
C TRP C 343 4.87 30.47 -13.81
N GLY C 344 3.61 30.70 -14.18
CA GLY C 344 3.18 32.01 -14.64
C GLY C 344 3.31 33.04 -13.53
N TYR C 345 2.84 32.69 -12.33
CA TYR C 345 2.96 33.60 -11.20
C TYR C 345 4.43 33.91 -10.91
N LEU C 346 5.27 32.89 -10.96
CA LEU C 346 6.71 33.02 -10.69
C LEU C 346 7.42 33.97 -11.65
N ASN C 347 7.07 33.91 -12.93
CA ASN C 347 7.71 34.81 -13.88
C ASN C 347 7.22 36.22 -13.64
N GLU C 348 5.99 36.34 -13.16
CA GLU C 348 5.41 37.65 -12.86
C GLU C 348 6.17 38.22 -11.66
N LEU C 349 6.42 37.36 -10.67
CA LEU C 349 7.14 37.75 -9.46
C LEU C 349 8.58 38.09 -9.82
N LEU C 350 9.11 37.36 -10.79
CA LEU C 350 10.48 37.60 -11.24
C LEU C 350 10.58 39.01 -11.82
N ALA C 351 9.62 39.35 -12.67
CA ALA C 351 9.58 40.67 -13.31
C ALA C 351 9.20 41.75 -12.31
N ALA C 352 8.26 41.44 -11.42
CA ALA C 352 7.81 42.40 -10.42
C ALA C 352 8.98 42.99 -9.64
N ASP C 353 8.76 44.18 -9.09
CA ASP C 353 9.80 44.87 -8.32
C ASP C 353 9.93 44.25 -6.94
N ASN C 354 11.06 43.61 -6.70
CA ASN C 354 11.34 42.95 -5.42
C ASN C 354 12.73 42.33 -5.50
N PRO C 355 13.22 41.73 -4.40
CA PRO C 355 14.55 41.11 -4.41
C PRO C 355 14.72 39.89 -5.31
N ILE C 356 13.64 39.15 -5.54
CA ILE C 356 13.69 37.96 -6.37
C ILE C 356 13.99 38.30 -7.82
N SER C 357 15.26 38.19 -8.19
CA SER C 357 15.68 38.51 -9.55
C SER C 357 16.14 37.29 -10.35
N GLU C 358 15.94 36.10 -9.80
CA GLU C 358 16.34 34.88 -10.51
C GLU C 358 15.62 33.63 -10.03
N LEU C 359 15.27 32.77 -11.00
CA LEU C 359 14.58 31.52 -10.74
C LEU C 359 15.48 30.36 -11.18
N LYS C 360 15.68 29.41 -10.28
CA LYS C 360 16.51 28.24 -10.57
C LYS C 360 15.65 27.00 -10.30
N VAL C 361 15.55 26.11 -11.28
CA VAL C 361 14.73 24.91 -11.15
C VAL C 361 15.56 23.62 -11.12
N PHE C 362 15.06 22.63 -10.40
CA PHE C 362 15.76 21.35 -10.30
C PHE C 362 14.84 20.14 -10.39
N ASP C 363 15.45 19.02 -10.76
CA ASP C 363 14.74 17.77 -10.88
C ASP C 363 14.90 17.07 -9.54
N LEU C 364 13.83 17.03 -8.76
CA LEU C 364 13.87 16.37 -7.47
C LEU C 364 12.67 15.45 -7.33
N ARG C 365 12.31 14.79 -8.44
CA ARG C 365 11.18 13.89 -8.49
C ARG C 365 11.15 12.78 -7.44
N GLU C 366 12.30 12.17 -7.16
CA GLU C 366 12.36 11.10 -6.18
C GLU C 366 11.94 11.63 -4.82
N SER C 367 12.53 12.76 -4.43
CA SER C 367 12.22 13.37 -3.15
C SER C 367 10.79 13.94 -3.13
N MET C 368 10.41 14.65 -4.19
CA MET C 368 9.08 15.24 -4.28
C MET C 368 7.98 14.18 -4.26
N ALA C 369 8.31 12.99 -4.72
CA ALA C 369 7.33 11.90 -4.74
C ALA C 369 7.00 11.46 -3.31
N ASN C 370 7.89 11.78 -2.37
CA ASN C 370 7.64 11.43 -0.98
C ASN C 370 7.31 12.67 -0.14
N GLY C 371 6.97 13.77 -0.80
CA GLY C 371 6.61 14.98 -0.10
C GLY C 371 7.72 15.94 0.32
N GLY C 372 8.89 15.81 -0.29
CA GLY C 372 9.99 16.69 0.06
C GLY C 372 10.56 17.46 -1.12
N GLY C 373 10.66 18.78 -0.97
CA GLY C 373 11.20 19.60 -2.04
C GLY C 373 12.61 20.08 -1.73
N PRO C 374 13.11 21.10 -2.43
CA PRO C 374 14.45 21.65 -2.23
C PRO C 374 14.76 22.01 -0.77
N ALA C 375 13.83 22.72 -0.14
CA ALA C 375 14.01 23.15 1.23
C ALA C 375 13.95 22.00 2.23
N CYS C 376 13.02 21.07 2.04
CA CYS C 376 12.91 19.94 2.96
C CYS C 376 14.24 19.20 3.08
N LEU C 377 15.02 19.22 1.99
CA LEU C 377 16.30 18.54 1.94
C LEU C 377 17.47 19.31 2.56
N ARG C 378 17.22 20.52 3.03
CA ARG C 378 18.30 21.32 3.59
C ARG C 378 18.00 21.95 4.94
N LEU C 379 19.05 22.12 5.75
CA LEU C 379 18.97 22.72 7.06
C LEU C 379 19.87 23.96 7.06
N ARG C 380 19.27 25.14 7.20
CA ARG C 380 20.02 26.40 7.20
C ARG C 380 20.74 26.65 8.52
N VAL C 381 22.06 26.81 8.45
CA VAL C 381 22.86 27.06 9.63
C VAL C 381 23.75 28.28 9.46
N VAL C 382 23.34 29.42 10.01
CA VAL C 382 24.14 30.63 9.91
C VAL C 382 25.37 30.47 10.80
N LEU C 383 26.54 30.65 10.21
CA LEU C 383 27.79 30.49 10.96
C LEU C 383 28.79 31.60 10.66
N THR C 384 29.49 32.05 11.69
CA THR C 384 30.50 33.09 11.51
C THR C 384 31.72 32.40 10.90
N GLU C 385 32.74 33.18 10.57
CA GLU C 385 33.95 32.64 9.97
C GLU C 385 34.59 31.62 10.91
N GLU C 386 34.84 32.04 12.16
CA GLU C 386 35.46 31.16 13.14
C GLU C 386 34.63 29.90 13.40
N GLU C 387 33.31 30.01 13.26
CA GLU C 387 32.43 28.87 13.48
C GLU C 387 32.51 27.94 12.28
N ARG C 388 32.54 28.53 11.09
CA ARG C 388 32.66 27.76 9.86
C ARG C 388 33.95 26.96 9.86
N ARG C 389 35.01 27.58 10.36
CA ARG C 389 36.31 26.92 10.41
C ARG C 389 36.27 25.78 11.43
N ALA C 390 35.24 25.78 12.26
CA ALA C 390 35.09 24.75 13.30
C ALA C 390 34.26 23.54 12.86
N VAL C 391 33.50 23.68 11.79
CA VAL C 391 32.68 22.58 11.27
C VAL C 391 33.57 21.50 10.67
N ASN C 392 33.16 20.24 10.85
CA ASN C 392 33.92 19.11 10.31
C ASN C 392 34.14 19.38 8.82
N PRO C 393 35.38 19.74 8.44
CA PRO C 393 35.74 20.03 7.05
C PRO C 393 35.36 18.98 6.01
N ALA C 394 35.27 17.72 6.44
CA ALA C 394 34.95 16.62 5.54
C ALA C 394 33.55 16.64 4.94
N VAL C 395 32.61 17.34 5.58
CA VAL C 395 31.24 17.39 5.07
C VAL C 395 30.96 18.62 4.22
N MET C 396 31.95 19.50 4.09
CA MET C 396 31.76 20.70 3.28
C MET C 396 31.85 20.30 1.81
N MET C 397 30.89 20.75 1.01
CA MET C 397 30.84 20.40 -0.40
C MET C 397 31.88 21.14 -1.23
N ASN C 398 32.36 20.45 -2.26
CA ASN C 398 33.36 20.97 -3.18
C ASN C 398 33.54 19.87 -4.23
N ASP C 399 34.49 20.04 -5.14
CA ASP C 399 34.69 19.05 -6.17
C ASP C 399 35.13 17.67 -5.69
N THR C 400 36.03 17.64 -4.72
CA THR C 400 36.51 16.37 -4.18
C THR C 400 35.38 15.55 -3.56
N LEU C 401 34.63 16.17 -2.65
CA LEU C 401 33.52 15.50 -1.98
C LEU C 401 32.46 15.07 -2.98
N PHE C 402 32.09 15.98 -3.87
CA PHE C 402 31.07 15.69 -4.88
C PHE C 402 31.41 14.43 -5.68
N ASN C 403 32.65 14.33 -6.14
CA ASN C 403 33.07 13.18 -6.93
C ASN C 403 33.14 11.90 -6.09
N ALA C 404 33.63 12.03 -4.86
CA ALA C 404 33.75 10.88 -3.97
C ALA C 404 32.37 10.33 -3.62
N LEU C 405 31.43 11.23 -3.39
CA LEU C 405 30.05 10.88 -3.05
C LEU C 405 29.33 10.25 -4.24
N ASN C 406 29.58 10.76 -5.44
CA ASN C 406 28.94 10.21 -6.63
C ASN C 406 29.42 8.79 -6.87
N ASP C 407 30.70 8.53 -6.58
CA ASP C 407 31.24 7.19 -6.78
C ASP C 407 30.69 6.29 -5.69
N TRP C 408 30.66 6.80 -4.46
CA TRP C 408 30.13 6.06 -3.32
C TRP C 408 28.74 5.57 -3.68
N VAL C 409 27.90 6.49 -4.14
CA VAL C 409 26.53 6.16 -4.54
C VAL C 409 26.53 5.05 -5.58
N ASP C 410 27.34 5.22 -6.63
CA ASP C 410 27.42 4.22 -7.68
C ASP C 410 27.83 2.85 -7.18
N ARG C 411 28.72 2.82 -6.19
CA ARG C 411 29.21 1.58 -5.64
C ARG C 411 28.19 0.76 -4.85
N TYR C 412 27.29 1.42 -4.13
CA TYR C 412 26.34 0.70 -3.29
C TYR C 412 24.84 0.80 -3.55
N TYR C 413 24.40 1.86 -4.21
CA TYR C 413 22.98 2.07 -4.47
C TYR C 413 22.39 1.30 -5.65
N ARG C 414 21.13 0.90 -5.50
CA ARG C 414 20.41 0.21 -6.55
C ARG C 414 19.54 1.24 -7.26
N ASP C 415 19.19 0.98 -8.52
CA ASP C 415 18.38 1.92 -9.27
C ASP C 415 16.89 1.56 -9.26
N ARG C 416 16.56 0.52 -8.49
CA ARG C 416 15.17 0.10 -8.35
C ARG C 416 15.00 -0.61 -7.01
N LEU C 417 13.96 -0.24 -6.29
CA LEU C 417 13.69 -0.85 -4.99
C LEU C 417 12.20 -0.81 -4.67
N THR C 418 11.74 -1.83 -3.97
CA THR C 418 10.35 -1.93 -3.55
C THR C 418 10.38 -2.39 -2.10
N ALA C 419 9.33 -2.08 -1.35
CA ALA C 419 9.26 -2.48 0.05
C ALA C 419 9.60 -3.96 0.19
N ALA C 420 9.15 -4.75 -0.76
CA ALA C 420 9.39 -6.19 -0.77
C ALA C 420 10.88 -6.57 -0.69
N ASP C 421 11.74 -5.72 -1.22
CA ASP C 421 13.18 -5.99 -1.21
C ASP C 421 13.87 -5.71 0.12
N LEU C 422 13.17 -5.03 1.02
CA LEU C 422 13.77 -4.66 2.31
C LEU C 422 14.20 -5.80 3.22
N ALA C 423 13.74 -7.03 2.95
CA ALA C 423 14.13 -8.17 3.78
C ALA C 423 15.38 -8.84 3.22
N ASP C 424 15.76 -8.47 2.00
CA ASP C 424 16.94 -9.04 1.34
C ASP C 424 18.19 -8.83 2.18
N PRO C 425 18.78 -9.92 2.68
CA PRO C 425 19.99 -9.80 3.50
C PRO C 425 21.13 -9.07 2.79
N GLN C 426 21.15 -9.11 1.47
CA GLN C 426 22.19 -8.44 0.71
C GLN C 426 22.02 -6.94 0.83
N LEU C 427 20.77 -6.48 0.91
CA LEU C 427 20.49 -5.06 1.03
C LEU C 427 21.01 -4.56 2.38
N LEU C 428 20.88 -5.39 3.41
CA LEU C 428 21.35 -5.03 4.75
C LEU C 428 22.86 -4.90 4.78
N ARG C 429 23.53 -5.87 4.16
CA ARG C 429 24.98 -5.91 4.07
C ARG C 429 25.53 -4.73 3.26
N GLU C 430 24.93 -4.47 2.10
CA GLU C 430 25.36 -3.36 1.25
C GLU C 430 25.27 -2.04 2.01
N GLY C 431 24.19 -1.88 2.77
CA GLY C 431 23.99 -0.66 3.54
C GLY C 431 25.01 -0.49 4.65
N ARG C 432 25.29 -1.55 5.39
CA ARG C 432 26.25 -1.48 6.48
C ARG C 432 27.65 -1.14 5.95
N GLU C 433 28.06 -1.83 4.89
CA GLU C 433 29.37 -1.58 4.31
C GLU C 433 29.45 -0.15 3.80
N ALA C 434 28.40 0.30 3.13
CA ALA C 434 28.37 1.65 2.59
C ALA C 434 28.52 2.73 3.66
N LEU C 435 27.81 2.57 4.78
CA LEU C 435 27.91 3.56 5.85
C LEU C 435 29.25 3.48 6.56
N ASP C 436 29.85 2.30 6.58
CA ASP C 436 31.14 2.11 7.20
C ASP C 436 32.17 2.94 6.43
N VAL C 437 32.07 2.88 5.10
CA VAL C 437 32.95 3.63 4.21
C VAL C 437 32.65 5.13 4.28
N LEU C 438 31.37 5.48 4.29
CA LEU C 438 30.99 6.89 4.36
C LEU C 438 31.52 7.54 5.64
N SER C 439 31.39 6.86 6.76
CA SER C 439 31.86 7.41 8.04
C SER C 439 33.33 7.78 7.95
N GLN C 440 34.08 7.04 7.14
CA GLN C 440 35.49 7.30 6.94
C GLN C 440 35.66 8.50 6.00
N LEU C 441 34.92 8.49 4.90
CA LEU C 441 34.98 9.58 3.94
C LEU C 441 34.62 10.91 4.57
N LEU C 442 33.60 10.93 5.41
CA LEU C 442 33.17 12.16 6.08
C LEU C 442 33.83 12.31 7.45
N ASN C 443 34.75 11.41 7.77
CA ASN C 443 35.46 11.42 9.04
C ASN C 443 34.52 11.65 10.22
N LEU C 444 33.57 10.75 10.39
CA LEU C 444 32.59 10.84 11.46
C LEU C 444 32.87 9.82 12.56
N GLY C 445 33.78 8.89 12.27
CA GLY C 445 34.10 7.85 13.23
C GLY C 445 32.96 6.85 13.35
N SER C 446 32.93 6.10 14.45
CA SER C 446 31.88 5.11 14.68
C SER C 446 30.65 5.81 15.23
N VAL C 447 29.98 6.55 14.36
CA VAL C 447 28.80 7.31 14.73
C VAL C 447 27.50 6.53 14.63
N TYR C 448 27.51 5.38 13.95
CA TYR C 448 26.30 4.58 13.81
C TYR C 448 26.20 3.49 14.87
N PRO C 449 24.97 3.13 15.25
CA PRO C 449 24.76 2.09 16.27
C PRO C 449 25.42 0.76 15.91
N PHE C 450 25.31 0.36 14.65
CA PHE C 450 25.88 -0.92 14.22
C PHE C 450 27.40 -0.90 14.28
N GLN C 451 27.99 0.29 14.41
CA GLN C 451 29.43 0.41 14.47
C GLN C 451 29.93 0.36 15.92
N ARG C 452 29.01 0.48 16.87
CA ARG C 452 29.40 0.45 18.27
C ARG C 452 29.26 -0.95 18.86
N ALA D 14 -32.83 -29.26 -3.56
CA ALA D 14 -31.62 -29.00 -4.39
C ALA D 14 -30.35 -29.44 -3.68
N TRP D 15 -29.42 -30.01 -4.45
CA TRP D 15 -28.14 -30.47 -3.90
C TRP D 15 -26.97 -29.70 -4.49
N GLU D 16 -25.87 -29.69 -3.76
CA GLU D 16 -24.66 -29.05 -4.26
C GLU D 16 -23.85 -30.18 -4.89
N VAL D 17 -23.60 -30.08 -6.20
CA VAL D 17 -22.83 -31.11 -6.89
C VAL D 17 -21.42 -30.60 -7.15
N ASN D 18 -20.42 -31.43 -6.85
CA ASN D 18 -19.04 -31.04 -7.07
C ASN D 18 -18.51 -31.51 -8.41
N PHE D 19 -18.09 -30.58 -9.25
CA PHE D 19 -17.51 -30.93 -10.54
C PHE D 19 -16.00 -30.72 -10.41
N ASP D 20 -15.22 -31.79 -10.56
CA ASP D 20 -13.76 -31.70 -10.46
C ASP D 20 -13.06 -31.73 -11.82
N GLY D 21 -11.88 -31.13 -11.88
CA GLY D 21 -11.13 -31.13 -13.12
C GLY D 21 -10.26 -32.37 -13.23
N LEU D 22 -10.37 -33.07 -14.37
CA LEU D 22 -9.55 -34.26 -14.60
C LEU D 22 -8.24 -33.71 -15.14
N VAL D 23 -7.14 -33.98 -14.43
CA VAL D 23 -5.84 -33.45 -14.83
C VAL D 23 -5.38 -33.88 -16.23
N GLY D 24 -4.94 -32.91 -17.02
CA GLY D 24 -4.48 -33.16 -18.38
C GLY D 24 -3.13 -33.85 -18.46
N LEU D 25 -2.87 -34.47 -19.62
CA LEU D 25 -1.65 -35.21 -19.88
C LEU D 25 -0.37 -34.39 -19.96
N THR D 26 -0.49 -33.06 -19.96
CA THR D 26 0.71 -32.23 -20.04
C THR D 26 1.08 -31.53 -18.73
N HIS D 27 0.43 -31.96 -17.65
CA HIS D 27 0.70 -31.44 -16.32
C HIS D 27 2.20 -31.35 -16.10
N HIS D 28 2.69 -30.16 -15.77
CA HIS D 28 4.11 -29.95 -15.55
C HIS D 28 4.28 -28.67 -14.77
N TYR D 29 5.44 -28.51 -14.14
CA TYR D 29 5.74 -27.33 -13.34
C TYR D 29 6.60 -26.32 -14.11
N ALA D 30 6.01 -25.18 -14.44
CA ALA D 30 6.75 -24.17 -15.19
C ALA D 30 6.88 -22.82 -14.49
N GLY D 31 6.44 -22.75 -13.23
CA GLY D 31 6.54 -21.50 -12.46
C GLY D 31 5.96 -20.32 -13.19
N LEU D 32 4.83 -20.54 -13.87
CA LEU D 32 4.16 -19.50 -14.65
C LEU D 32 3.29 -18.54 -13.86
N SER D 33 3.03 -18.81 -12.59
CA SER D 33 2.15 -17.95 -11.80
C SER D 33 2.75 -17.15 -10.65
N PHE D 34 3.26 -15.96 -10.96
CA PHE D 34 3.83 -15.08 -9.94
C PHE D 34 2.73 -14.69 -8.96
N GLY D 35 2.96 -14.91 -7.67
CA GLY D 35 1.95 -14.62 -6.66
C GLY D 35 1.39 -15.91 -6.10
N ASN D 36 1.66 -17.00 -6.81
CA ASN D 36 1.24 -18.35 -6.42
C ASN D 36 2.60 -18.93 -6.05
N GLU D 37 2.93 -18.86 -4.76
CA GLU D 37 4.24 -19.33 -4.29
C GLU D 37 4.56 -20.79 -4.56
N ALA D 38 3.57 -21.67 -4.55
CA ALA D 38 3.82 -23.08 -4.82
C ALA D 38 4.33 -23.22 -6.26
N SER D 39 3.64 -22.56 -7.18
CA SER D 39 4.03 -22.59 -8.59
C SER D 39 5.47 -22.12 -8.74
N THR D 40 5.78 -20.97 -8.15
CA THR D 40 7.11 -20.43 -8.23
C THR D 40 8.14 -21.35 -7.58
N ARG D 41 7.81 -21.90 -6.41
CA ARG D 41 8.73 -22.79 -5.69
C ARG D 41 9.09 -24.07 -6.45
N HIS D 42 8.15 -24.61 -7.23
CA HIS D 42 8.42 -25.85 -7.94
C HIS D 42 8.81 -25.77 -9.40
N ARG D 43 9.16 -24.57 -9.86
CA ARG D 43 9.59 -24.35 -11.24
C ARG D 43 10.49 -25.50 -11.71
N PHE D 44 10.20 -26.00 -12.92
CA PHE D 44 10.97 -27.05 -13.57
C PHE D 44 11.23 -28.37 -12.87
N GLN D 45 10.43 -28.69 -11.87
CA GLN D 45 10.59 -29.97 -11.21
C GLN D 45 9.92 -31.01 -12.09
N VAL D 46 10.40 -32.24 -12.04
CA VAL D 46 9.81 -33.32 -12.83
C VAL D 46 8.41 -33.55 -12.31
N SER D 47 7.44 -33.72 -13.20
CA SER D 47 6.06 -33.96 -12.81
C SER D 47 5.64 -35.38 -13.19
N ASN D 48 4.46 -35.78 -12.73
CA ASN D 48 3.93 -37.11 -13.01
C ASN D 48 2.45 -36.98 -13.40
N PRO D 49 2.18 -36.73 -14.70
CA PRO D 49 0.81 -36.58 -15.20
C PRO D 49 -0.14 -37.69 -14.76
N ARG D 50 0.24 -38.92 -15.05
CA ARG D 50 -0.59 -40.07 -14.70
C ARG D 50 -0.93 -40.08 -13.21
N LEU D 51 0.07 -39.81 -12.36
CA LEU D 51 -0.16 -39.79 -10.92
C LEU D 51 -1.07 -38.63 -10.50
N ALA D 52 -0.88 -37.49 -11.14
CA ALA D 52 -1.69 -36.31 -10.82
C ALA D 52 -3.15 -36.62 -11.13
N ALA D 53 -3.39 -37.27 -12.26
CA ALA D 53 -4.75 -37.62 -12.66
C ALA D 53 -5.39 -38.57 -11.66
N LYS D 54 -4.66 -39.64 -11.30
CA LYS D 54 -5.14 -40.64 -10.36
C LYS D 54 -5.48 -40.07 -8.97
N GLN D 55 -4.60 -39.21 -8.46
CA GLN D 55 -4.83 -38.60 -7.16
C GLN D 55 -6.17 -37.86 -7.16
N GLY D 56 -6.42 -37.10 -8.22
CA GLY D 56 -7.65 -36.35 -8.35
C GLY D 56 -8.89 -37.22 -8.44
N LEU D 57 -8.80 -38.30 -9.23
CA LEU D 57 -9.92 -39.22 -9.42
C LEU D 57 -10.24 -39.97 -8.14
N LEU D 58 -9.23 -40.22 -7.33
CA LEU D 58 -9.43 -40.92 -6.06
C LEU D 58 -10.25 -40.03 -5.14
N LYS D 59 -9.99 -38.72 -5.16
CA LYS D 59 -10.72 -37.79 -4.32
C LYS D 59 -12.16 -37.72 -4.81
N MET D 60 -12.33 -37.60 -6.13
CA MET D 60 -13.65 -37.56 -6.74
C MET D 60 -14.44 -38.79 -6.29
N LYS D 61 -13.91 -39.97 -6.63
CA LYS D 61 -14.55 -41.24 -6.31
C LYS D 61 -14.82 -41.42 -4.82
N ALA D 62 -13.86 -41.02 -3.98
CA ALA D 62 -14.03 -41.16 -2.54
C ALA D 62 -15.18 -40.30 -2.03
N LEU D 63 -15.27 -39.06 -2.50
CA LEU D 63 -16.36 -38.20 -2.06
C LEU D 63 -17.69 -38.72 -2.61
N ALA D 64 -17.68 -39.22 -3.84
CA ALA D 64 -18.89 -39.77 -4.43
C ALA D 64 -19.39 -40.93 -3.57
N ASP D 65 -18.51 -41.85 -3.22
CA ASP D 65 -18.88 -43.01 -2.41
C ASP D 65 -19.43 -42.59 -1.04
N ALA D 66 -18.93 -41.48 -0.51
CA ALA D 66 -19.36 -40.99 0.78
C ALA D 66 -20.76 -40.35 0.71
N GLY D 67 -21.32 -40.29 -0.49
CA GLY D 67 -22.64 -39.71 -0.64
C GLY D 67 -22.70 -38.28 -1.14
N PHE D 68 -21.56 -37.74 -1.60
CA PHE D 68 -21.56 -36.37 -2.10
C PHE D 68 -21.61 -36.33 -3.62
N PRO D 69 -22.73 -35.86 -4.19
CA PRO D 69 -22.88 -35.78 -5.65
C PRO D 69 -21.58 -35.27 -6.26
N GLN D 70 -21.07 -35.99 -7.25
CA GLN D 70 -19.80 -35.66 -7.88
C GLN D 70 -19.83 -35.84 -9.40
N ALA D 71 -19.11 -34.97 -10.11
CA ALA D 71 -19.06 -35.05 -11.57
C ALA D 71 -17.68 -34.65 -12.06
N VAL D 72 -17.45 -34.74 -13.37
CA VAL D 72 -16.14 -34.41 -13.91
C VAL D 72 -16.14 -33.46 -15.12
N ILE D 73 -15.08 -32.68 -15.21
CA ILE D 73 -14.85 -31.75 -16.32
C ILE D 73 -13.51 -32.19 -16.89
N PRO D 74 -13.46 -32.50 -18.20
CA PRO D 74 -12.22 -32.95 -18.84
C PRO D 74 -11.17 -31.88 -19.04
N PRO D 75 -9.93 -32.30 -19.34
CA PRO D 75 -8.84 -31.35 -19.56
C PRO D 75 -8.95 -30.78 -20.97
N HIS D 76 -8.03 -29.90 -21.35
CA HIS D 76 -8.06 -29.29 -22.66
C HIS D 76 -6.99 -29.83 -23.60
N GLU D 77 -6.99 -29.29 -24.81
CA GLU D 77 -6.06 -29.64 -25.88
C GLU D 77 -4.72 -29.00 -25.53
N ARG D 78 -3.71 -29.83 -25.32
CA ARG D 78 -2.38 -29.35 -24.96
C ARG D 78 -1.31 -30.29 -25.52
N PRO D 79 -0.24 -29.74 -26.13
CA PRO D 79 0.05 -28.32 -26.37
C PRO D 79 -1.00 -27.69 -27.28
N PHE D 80 -1.31 -26.43 -27.05
CA PHE D 80 -2.31 -25.73 -27.85
C PHE D 80 -1.63 -24.98 -28.99
N ILE D 81 -1.47 -25.67 -30.11
CA ILE D 81 -0.82 -25.13 -31.30
C ILE D 81 -1.44 -23.85 -31.90
N PRO D 82 -2.78 -23.76 -31.89
CA PRO D 82 -3.39 -22.56 -32.46
C PRO D 82 -2.83 -21.25 -31.88
N VAL D 83 -2.53 -21.24 -30.58
CA VAL D 83 -1.98 -20.03 -29.95
C VAL D 83 -0.57 -19.73 -30.43
N LEU D 84 0.22 -20.78 -30.67
CA LEU D 84 1.58 -20.60 -31.14
C LEU D 84 1.54 -19.97 -32.54
N ARG D 85 0.58 -20.39 -33.37
CA ARG D 85 0.47 -19.82 -34.70
C ARG D 85 0.09 -18.35 -34.55
N GLN D 86 -0.83 -18.07 -33.63
CA GLN D 86 -1.24 -16.69 -33.41
C GLN D 86 -0.02 -15.86 -32.97
N LEU D 87 1.00 -16.53 -32.45
CA LEU D 87 2.21 -15.83 -32.00
C LEU D 87 3.28 -15.70 -33.08
N GLY D 88 2.99 -16.19 -34.29
CA GLY D 88 3.97 -16.05 -35.36
C GLY D 88 4.65 -17.31 -35.87
N PHE D 89 4.46 -18.43 -35.19
CA PHE D 89 5.07 -19.69 -35.60
C PHE D 89 4.12 -20.45 -36.52
N SER D 90 4.49 -20.56 -37.80
CA SER D 90 3.65 -21.24 -38.79
C SER D 90 4.14 -22.63 -39.21
N GLY D 91 3.33 -23.27 -40.04
CA GLY D 91 3.67 -24.59 -40.54
C GLY D 91 2.73 -25.64 -39.97
N SER D 92 2.96 -26.89 -40.32
CA SER D 92 2.13 -27.98 -39.81
C SER D 92 2.29 -28.04 -38.30
N ASP D 93 1.39 -28.74 -37.64
CA ASP D 93 1.45 -28.87 -36.17
C ASP D 93 2.84 -29.23 -35.67
N GLU D 94 3.44 -30.26 -36.25
CA GLU D 94 4.75 -30.71 -35.80
C GLU D 94 5.90 -29.77 -36.17
N GLN D 95 5.69 -28.89 -37.16
CA GLN D 95 6.73 -27.95 -37.53
C GLN D 95 6.74 -26.80 -36.53
N VAL D 96 5.54 -26.36 -36.16
CA VAL D 96 5.39 -25.29 -35.19
C VAL D 96 6.06 -25.72 -33.89
N LEU D 97 5.67 -26.89 -33.43
CA LEU D 97 6.22 -27.46 -32.21
C LEU D 97 7.74 -27.35 -32.25
N GLU D 98 8.34 -27.82 -33.35
CA GLU D 98 9.79 -27.78 -33.51
C GLU D 98 10.36 -26.37 -33.46
N LYS D 99 9.83 -25.49 -34.30
CA LYS D 99 10.30 -24.10 -34.36
C LYS D 99 10.26 -23.45 -32.98
N VAL D 100 9.16 -23.66 -32.25
CA VAL D 100 9.01 -23.08 -30.93
C VAL D 100 10.08 -23.59 -29.98
N ALA D 101 10.25 -24.91 -29.95
CA ALA D 101 11.24 -25.55 -29.08
C ALA D 101 12.63 -24.96 -29.31
N ARG D 102 12.94 -24.66 -30.57
CA ARG D 102 14.25 -24.12 -30.93
C ARG D 102 14.34 -22.61 -30.81
N GLN D 103 13.27 -21.89 -31.18
CA GLN D 103 13.28 -20.43 -31.14
C GLN D 103 12.83 -19.76 -29.85
N ALA D 104 11.77 -20.27 -29.23
CA ALA D 104 11.26 -19.69 -27.99
C ALA D 104 10.49 -20.76 -27.22
N PRO D 105 11.20 -21.72 -26.64
CA PRO D 105 10.62 -22.82 -25.87
C PRO D 105 9.72 -22.44 -24.69
N HIS D 106 9.92 -21.25 -24.11
CA HIS D 106 9.11 -20.85 -22.98
C HIS D 106 7.63 -20.73 -23.31
N TRP D 107 7.33 -20.46 -24.59
CA TRP D 107 5.95 -20.36 -25.05
C TRP D 107 5.30 -21.74 -24.99
N LEU D 108 6.11 -22.78 -25.20
CA LEU D 108 5.62 -24.15 -25.16
C LEU D 108 4.93 -24.46 -23.85
N SER D 109 5.55 -24.07 -22.74
CA SER D 109 4.96 -24.31 -21.43
C SER D 109 3.66 -23.53 -21.30
N SER D 110 3.71 -22.27 -21.74
CA SER D 110 2.54 -21.39 -21.68
C SER D 110 1.33 -21.92 -22.42
N VAL D 111 1.55 -22.74 -23.46
CA VAL D 111 0.43 -23.28 -24.21
C VAL D 111 0.26 -24.77 -23.97
N SER D 112 0.96 -25.27 -22.95
CA SER D 112 0.89 -26.69 -22.61
C SER D 112 0.58 -26.92 -21.13
N SER D 113 0.05 -25.91 -20.45
CA SER D 113 -0.26 -26.06 -19.03
C SER D 113 -1.54 -26.86 -18.79
N ALA D 114 -1.55 -27.63 -17.71
CA ALA D 114 -2.73 -28.43 -17.36
C ALA D 114 -3.60 -27.64 -16.40
N SER D 115 -3.35 -26.32 -16.34
CA SER D 115 -4.08 -25.42 -15.45
C SER D 115 -5.62 -25.50 -15.43
N PRO D 116 -6.25 -25.83 -16.57
CA PRO D 116 -7.72 -25.90 -16.52
C PRO D 116 -8.25 -26.93 -15.51
N MET D 117 -7.35 -27.76 -15.01
CA MET D 117 -7.73 -28.76 -14.01
C MET D 117 -8.33 -28.07 -12.78
N TRP D 118 -7.90 -26.84 -12.50
CA TRP D 118 -8.43 -26.13 -11.35
C TRP D 118 -9.71 -25.43 -11.76
N VAL D 119 -10.79 -26.21 -11.82
CA VAL D 119 -12.08 -25.70 -12.24
C VAL D 119 -12.75 -24.71 -11.30
N ALA D 120 -12.17 -24.49 -10.14
CA ALA D 120 -12.73 -23.50 -9.23
C ALA D 120 -12.64 -22.15 -9.95
N ASN D 121 -11.75 -22.08 -10.95
CA ASN D 121 -11.57 -20.85 -11.73
C ASN D 121 -12.20 -20.90 -13.12
N ALA D 122 -12.96 -21.95 -13.40
CA ALA D 122 -13.59 -22.08 -14.71
C ALA D 122 -14.71 -21.08 -14.92
N ALA D 123 -15.49 -20.85 -13.87
CA ALA D 123 -16.61 -19.92 -13.96
C ALA D 123 -17.19 -19.59 -12.61
N THR D 124 -18.14 -18.66 -12.62
CA THR D 124 -18.85 -18.22 -11.43
C THR D 124 -20.26 -18.78 -11.60
N ILE D 125 -20.80 -19.36 -10.53
CA ILE D 125 -22.11 -19.99 -10.58
C ILE D 125 -23.22 -19.29 -9.80
N ALA D 126 -24.42 -19.29 -10.38
CA ALA D 126 -25.58 -18.71 -9.75
C ALA D 126 -26.70 -19.74 -9.83
N PRO D 127 -27.03 -20.40 -8.69
CA PRO D 127 -28.10 -21.40 -8.70
C PRO D 127 -29.46 -20.76 -9.01
N SER D 128 -30.38 -21.54 -9.56
CA SER D 128 -31.69 -21.04 -9.94
C SER D 128 -32.49 -20.33 -8.85
N ALA D 129 -32.17 -20.60 -7.58
CA ALA D 129 -32.88 -19.96 -6.47
C ALA D 129 -32.42 -18.53 -6.23
N ASP D 130 -31.36 -18.13 -6.93
CA ASP D 130 -30.79 -16.79 -6.77
C ASP D 130 -30.95 -15.89 -8.00
N THR D 131 -31.48 -16.43 -9.08
CA THR D 131 -31.61 -15.67 -10.32
C THR D 131 -32.96 -15.09 -10.68
N LEU D 132 -32.94 -13.99 -11.41
CA LEU D 132 -34.15 -13.30 -11.82
C LEU D 132 -35.01 -14.09 -12.81
N ASP D 133 -34.40 -14.96 -13.60
CA ASP D 133 -35.18 -15.74 -14.56
C ASP D 133 -35.31 -17.21 -14.15
N GLY D 134 -34.93 -17.51 -12.91
CA GLY D 134 -35.06 -18.87 -12.40
C GLY D 134 -34.23 -19.98 -13.05
N LYS D 135 -33.20 -19.59 -13.80
CA LYS D 135 -32.34 -20.58 -14.45
C LYS D 135 -31.00 -20.64 -13.74
N VAL D 136 -30.21 -21.66 -14.06
CA VAL D 136 -28.87 -21.79 -13.49
C VAL D 136 -27.99 -20.97 -14.43
N HIS D 137 -27.20 -20.05 -13.88
CA HIS D 137 -26.33 -19.22 -14.69
C HIS D 137 -24.86 -19.53 -14.41
N LEU D 138 -24.08 -19.61 -15.48
CA LEU D 138 -22.66 -19.87 -15.37
C LEU D 138 -21.93 -18.90 -16.31
N THR D 139 -21.06 -18.07 -15.75
CA THR D 139 -20.28 -17.13 -16.55
C THR D 139 -18.82 -17.58 -16.50
N VAL D 140 -18.27 -17.86 -17.68
CA VAL D 140 -16.88 -18.30 -17.80
C VAL D 140 -15.95 -17.18 -17.32
N ALA D 141 -14.85 -17.56 -16.66
CA ALA D 141 -13.89 -16.57 -16.16
C ALA D 141 -12.82 -16.31 -17.21
N ASN D 142 -12.48 -15.04 -17.45
CA ASN D 142 -11.46 -14.78 -18.45
C ASN D 142 -10.06 -15.22 -18.01
N LEU D 143 -9.81 -15.20 -16.71
CA LEU D 143 -8.50 -15.58 -16.16
C LEU D 143 -7.43 -14.76 -16.88
N ASN D 144 -7.76 -13.50 -17.14
CA ASN D 144 -6.87 -12.59 -17.84
C ASN D 144 -5.51 -12.31 -17.22
N ASN D 145 -5.40 -12.38 -15.91
CA ASN D 145 -4.11 -12.07 -15.28
C ASN D 145 -2.92 -12.90 -15.74
N LYS D 146 -3.11 -14.20 -15.93
CA LYS D 146 -2.01 -15.06 -16.36
C LYS D 146 -2.26 -15.58 -17.78
N PHE D 147 -1.33 -15.27 -18.68
CA PHE D 147 -1.47 -15.68 -20.07
C PHE D 147 -1.85 -17.15 -20.27
N HIS D 148 -1.15 -18.07 -19.62
CA HIS D 148 -1.46 -19.49 -19.81
C HIS D 148 -2.86 -19.89 -19.39
N ARG D 149 -3.43 -19.20 -18.41
CA ARG D 149 -4.78 -19.55 -17.99
C ARG D 149 -5.84 -18.80 -18.81
N SER D 150 -5.49 -17.61 -19.32
CA SER D 150 -6.45 -16.86 -20.12
C SER D 150 -6.86 -17.66 -21.36
N LEU D 151 -5.96 -18.53 -21.82
CA LEU D 151 -6.20 -19.36 -23.00
C LEU D 151 -7.32 -20.37 -22.78
N GLU D 152 -7.72 -20.57 -21.53
CA GLU D 152 -8.75 -21.54 -21.18
C GLU D 152 -10.21 -21.20 -21.54
N ALA D 153 -10.61 -19.96 -21.30
CA ALA D 153 -11.99 -19.52 -21.52
C ALA D 153 -12.77 -20.08 -22.71
N PRO D 154 -12.26 -19.92 -23.94
CA PRO D 154 -13.02 -20.45 -25.09
C PRO D 154 -13.40 -21.93 -24.98
N VAL D 155 -12.42 -22.77 -24.65
CA VAL D 155 -12.69 -24.21 -24.54
C VAL D 155 -13.53 -24.51 -23.30
N THR D 156 -13.29 -23.78 -22.22
CA THR D 156 -14.06 -23.98 -21.01
C THR D 156 -15.53 -23.72 -21.31
N GLU D 157 -15.80 -22.67 -22.07
CA GLU D 157 -17.17 -22.36 -22.45
C GLU D 157 -17.78 -23.52 -23.25
N SER D 158 -17.02 -24.06 -24.20
CA SER D 158 -17.52 -25.18 -25.01
C SER D 158 -17.80 -26.40 -24.13
N LEU D 159 -16.88 -26.69 -23.20
CA LEU D 159 -17.06 -27.81 -22.29
C LEU D 159 -18.29 -27.65 -21.40
N LEU D 160 -18.46 -26.45 -20.82
CA LEU D 160 -19.61 -26.18 -19.95
C LEU D 160 -20.93 -26.27 -20.72
N LYS D 161 -20.92 -25.87 -21.98
CA LYS D 161 -22.13 -25.94 -22.79
C LYS D 161 -22.45 -27.38 -23.19
N ALA D 162 -21.43 -28.23 -23.23
CA ALA D 162 -21.62 -29.63 -23.58
C ALA D 162 -22.05 -30.45 -22.37
N ILE D 163 -21.87 -29.88 -21.18
CA ILE D 163 -22.25 -30.55 -19.93
C ILE D 163 -23.61 -30.03 -19.46
N PHE D 164 -23.76 -28.71 -19.41
CA PHE D 164 -25.02 -28.10 -19.02
C PHE D 164 -25.63 -27.62 -20.35
N ASN D 165 -26.06 -28.58 -21.16
CA ASN D 165 -26.60 -28.30 -22.49
C ASN D 165 -28.05 -27.82 -22.56
N ASP D 166 -28.89 -28.25 -21.63
CA ASP D 166 -30.32 -27.86 -21.62
C ASP D 166 -30.47 -26.36 -21.36
N GLU D 167 -30.68 -25.61 -22.44
CA GLU D 167 -30.82 -24.16 -22.34
C GLU D 167 -32.07 -23.64 -21.64
N GLU D 168 -33.00 -24.54 -21.33
CA GLU D 168 -34.20 -24.13 -20.62
C GLU D 168 -33.89 -24.13 -19.13
N LYS D 169 -32.77 -24.75 -18.77
CA LYS D 169 -32.37 -24.82 -17.37
C LYS D 169 -31.00 -24.22 -17.07
N PHE D 170 -30.15 -24.14 -18.10
CA PHE D 170 -28.81 -23.60 -17.93
C PHE D 170 -28.47 -22.47 -18.90
N SER D 171 -27.86 -21.43 -18.36
CA SER D 171 -27.44 -20.28 -19.16
C SER D 171 -25.95 -20.08 -18.96
N VAL D 172 -25.17 -20.40 -19.98
CA VAL D 172 -23.72 -20.22 -19.93
C VAL D 172 -23.41 -18.91 -20.64
N HIS D 173 -22.66 -18.02 -19.97
CA HIS D 173 -22.31 -16.75 -20.57
C HIS D 173 -20.81 -16.71 -20.87
N SER D 174 -20.45 -16.06 -21.97
CA SER D 174 -19.05 -15.96 -22.35
C SER D 174 -18.25 -15.13 -21.35
N ALA D 175 -16.94 -15.35 -21.32
CA ALA D 175 -16.06 -14.63 -20.41
C ALA D 175 -16.02 -13.13 -20.70
N LEU D 176 -15.77 -12.35 -19.65
CA LEU D 176 -15.67 -10.90 -19.77
C LEU D 176 -14.52 -10.55 -20.71
N PRO D 177 -14.51 -9.30 -21.22
CA PRO D 177 -13.43 -8.88 -22.12
C PRO D 177 -12.08 -9.12 -21.45
N GLN D 178 -11.11 -9.57 -22.25
CA GLN D 178 -9.78 -9.88 -21.77
C GLN D 178 -8.89 -8.65 -21.57
N VAL D 179 -9.09 -7.95 -20.46
CA VAL D 179 -8.31 -6.77 -20.09
C VAL D 179 -8.14 -6.77 -18.57
N ALA D 180 -7.05 -6.19 -18.09
CA ALA D 180 -6.75 -6.15 -16.65
C ALA D 180 -7.85 -5.46 -15.84
N LEU D 181 -8.52 -4.49 -16.45
CA LEU D 181 -9.59 -3.78 -15.77
C LEU D 181 -10.71 -4.73 -15.36
N LEU D 182 -10.82 -5.84 -16.09
CA LEU D 182 -11.88 -6.82 -15.84
C LEU D 182 -11.36 -8.22 -15.51
N GLY D 183 -10.27 -8.28 -14.74
CA GLY D 183 -9.70 -9.55 -14.35
C GLY D 183 -10.71 -10.31 -13.51
N ASP D 184 -10.99 -11.55 -13.91
CA ASP D 184 -11.95 -12.41 -13.23
C ASP D 184 -11.38 -13.83 -13.11
N GLU D 185 -11.42 -14.38 -11.89
CA GLU D 185 -10.89 -15.72 -11.64
C GLU D 185 -11.98 -16.69 -11.22
N GLY D 186 -13.22 -16.29 -11.46
CA GLY D 186 -14.37 -17.14 -11.16
C GLY D 186 -14.70 -17.52 -9.72
N ALA D 187 -15.26 -18.72 -9.58
CA ALA D 187 -15.70 -19.25 -8.30
C ALA D 187 -14.71 -19.25 -7.15
N ALA D 188 -13.41 -19.28 -7.45
CA ALA D 188 -12.38 -19.28 -6.41
C ALA D 188 -12.47 -18.03 -5.54
N ASN D 189 -13.14 -16.99 -6.05
CA ASN D 189 -13.32 -15.72 -5.33
C ASN D 189 -14.79 -15.52 -4.99
N HIS D 190 -15.57 -16.58 -5.16
CA HIS D 190 -17.00 -16.54 -4.92
C HIS D 190 -17.36 -17.30 -3.65
N ASN D 191 -18.51 -16.97 -3.08
CA ASN D 191 -18.99 -17.60 -1.84
C ASN D 191 -20.50 -17.53 -1.84
N ARG D 192 -21.14 -18.49 -1.20
CA ARG D 192 -22.60 -18.51 -1.12
C ARG D 192 -23.01 -19.02 0.26
N LEU D 193 -23.70 -18.15 1.01
CA LEU D 193 -24.15 -18.46 2.36
C LEU D 193 -25.67 -18.47 2.46
N GLY D 194 -26.18 -19.29 3.38
CA GLY D 194 -27.63 -19.39 3.57
C GLY D 194 -28.01 -20.68 4.24
N GLY D 195 -29.32 -20.91 4.38
CA GLY D 195 -29.78 -22.14 5.00
C GLY D 195 -29.47 -23.31 4.09
N HIS D 196 -30.52 -23.92 3.55
CA HIS D 196 -30.33 -25.05 2.65
C HIS D 196 -29.92 -24.58 1.26
N TYR D 197 -29.16 -25.42 0.57
CA TYR D 197 -28.67 -25.12 -0.78
C TYR D 197 -29.73 -24.60 -1.75
N GLY D 198 -30.90 -25.23 -1.73
CA GLY D 198 -31.97 -24.84 -2.64
C GLY D 198 -32.72 -23.57 -2.29
N GLU D 199 -32.41 -22.96 -1.16
CA GLU D 199 -33.06 -21.73 -0.74
C GLU D 199 -32.29 -20.53 -1.30
N PRO D 200 -32.94 -19.36 -1.38
CA PRO D 200 -32.23 -18.19 -1.90
C PRO D 200 -31.04 -17.91 -0.99
N GLY D 201 -29.85 -17.78 -1.57
CA GLY D 201 -28.68 -17.54 -0.77
C GLY D 201 -28.01 -16.19 -0.98
N MET D 202 -27.12 -15.86 -0.06
CA MET D 202 -26.39 -14.60 -0.12
C MET D 202 -25.05 -14.88 -0.78
N GLN D 203 -24.83 -14.30 -1.95
CA GLN D 203 -23.60 -14.46 -2.69
C GLN D 203 -22.60 -13.39 -2.30
N LEU D 204 -21.40 -13.81 -1.91
CA LEU D 204 -20.36 -12.89 -1.52
C LEU D 204 -19.23 -12.94 -2.53
N PHE D 205 -19.07 -11.85 -3.30
CA PHE D 205 -18.01 -11.78 -4.30
C PHE D 205 -16.79 -11.10 -3.70
N VAL D 206 -15.64 -11.79 -3.74
CA VAL D 206 -14.41 -11.21 -3.20
C VAL D 206 -13.50 -10.76 -4.34
N TYR D 207 -12.94 -9.57 -4.21
CA TYR D 207 -12.04 -9.03 -5.22
C TYR D 207 -10.74 -8.51 -4.59
N GLY D 208 -9.72 -8.32 -5.42
CA GLY D 208 -8.45 -7.86 -4.92
C GLY D 208 -8.18 -6.38 -5.12
N ARG D 209 -8.78 -5.80 -6.16
CA ARG D 209 -8.59 -4.38 -6.44
C ARG D 209 -9.79 -3.80 -7.18
N GLU D 210 -9.78 -2.47 -7.32
CA GLU D 210 -10.84 -1.77 -8.04
C GLU D 210 -10.37 -0.35 -8.36
N GLU D 211 -10.74 0.14 -9.53
CA GLU D 211 -10.35 1.49 -9.96
C GLU D 211 -10.73 2.52 -8.91
N GLY D 212 -9.83 3.48 -8.69
CA GLY D 212 -10.10 4.54 -7.73
C GLY D 212 -9.85 4.18 -6.28
N ASN D 213 -9.58 2.91 -6.01
CA ASN D 213 -9.34 2.47 -4.64
C ASN D 213 -7.83 2.35 -4.40
N ASP D 214 -7.33 3.04 -3.38
CA ASP D 214 -5.90 3.00 -3.06
C ASP D 214 -5.52 1.70 -2.37
N THR D 215 -6.50 1.06 -1.73
CA THR D 215 -6.25 -0.20 -1.04
C THR D 215 -6.04 -1.31 -2.06
N ARG D 216 -4.82 -1.83 -2.11
CA ARG D 216 -4.48 -2.90 -3.04
C ARG D 216 -3.11 -3.52 -2.70
N PRO D 217 -2.84 -4.74 -3.19
CA PRO D 217 -1.58 -5.46 -2.95
C PRO D 217 -0.42 -4.72 -3.59
N SER D 218 0.76 -4.77 -2.99
CA SER D 218 1.91 -4.08 -3.56
C SER D 218 3.02 -5.01 -4.04
N ARG D 219 2.93 -6.27 -3.62
CA ARG D 219 3.94 -7.26 -3.98
C ARG D 219 3.42 -8.22 -5.04
N TYR D 220 2.37 -8.97 -4.71
CA TYR D 220 1.77 -9.93 -5.63
C TYR D 220 0.52 -9.31 -6.25
N PRO D 221 0.24 -9.65 -7.52
CA PRO D 221 -0.92 -9.11 -8.23
C PRO D 221 -2.29 -9.47 -7.69
N ALA D 222 -3.24 -8.57 -7.91
CA ALA D 222 -4.63 -8.79 -7.51
C ALA D 222 -5.29 -9.18 -8.84
N ARG D 223 -5.55 -10.47 -9.03
CA ARG D 223 -6.14 -10.96 -10.27
C ARG D 223 -7.61 -10.64 -10.49
N GLN D 224 -8.33 -10.44 -9.39
CA GLN D 224 -9.76 -10.17 -9.42
C GLN D 224 -10.07 -8.70 -9.19
N THR D 225 -10.85 -8.09 -10.08
CA THR D 225 -11.22 -6.70 -9.89
C THR D 225 -12.69 -6.64 -9.53
N ARG D 226 -13.08 -5.61 -8.78
CA ARG D 226 -14.48 -5.47 -8.40
C ARG D 226 -15.32 -5.25 -9.65
N GLU D 227 -14.79 -4.50 -10.61
CA GLU D 227 -15.52 -4.23 -11.85
C GLU D 227 -15.95 -5.57 -12.49
N ALA D 228 -15.04 -6.54 -12.53
CA ALA D 228 -15.35 -7.84 -13.10
C ALA D 228 -16.43 -8.53 -12.27
N SER D 229 -16.26 -8.51 -10.96
CA SER D 229 -17.20 -9.13 -10.03
C SER D 229 -18.62 -8.60 -10.25
N GLU D 230 -18.75 -7.28 -10.33
CA GLU D 230 -20.04 -6.65 -10.54
C GLU D 230 -20.63 -7.01 -11.90
N ALA D 231 -19.76 -7.19 -12.90
CA ALA D 231 -20.20 -7.55 -14.24
C ALA D 231 -20.73 -8.98 -14.28
N VAL D 232 -20.07 -9.88 -13.55
CA VAL D 232 -20.52 -11.27 -13.50
C VAL D 232 -21.85 -11.38 -12.74
N ALA D 233 -21.99 -10.59 -11.67
CA ALA D 233 -23.22 -10.62 -10.91
C ALA D 233 -24.39 -10.22 -11.83
N ARG D 234 -24.12 -9.30 -12.76
CA ARG D 234 -25.14 -8.85 -13.70
C ARG D 234 -25.42 -9.93 -14.74
N LEU D 235 -24.37 -10.54 -15.27
CA LEU D 235 -24.51 -11.60 -16.26
C LEU D 235 -25.26 -12.80 -15.71
N ASN D 236 -25.01 -13.16 -14.46
CA ASN D 236 -25.67 -14.31 -13.85
C ASN D 236 -27.06 -13.99 -13.32
N GLN D 237 -27.51 -12.77 -13.60
CA GLN D 237 -28.83 -12.29 -13.17
C GLN D 237 -29.13 -12.57 -11.70
N VAL D 238 -28.14 -12.32 -10.86
CA VAL D 238 -28.32 -12.54 -9.43
C VAL D 238 -29.21 -11.46 -8.81
N ASN D 239 -30.20 -11.88 -8.04
CA ASN D 239 -31.07 -10.92 -7.38
C ASN D 239 -30.18 -9.93 -6.64
N PRO D 240 -30.30 -8.63 -6.95
CA PRO D 240 -29.51 -7.57 -6.32
C PRO D 240 -29.52 -7.55 -4.80
N GLN D 241 -30.55 -8.11 -4.17
CA GLN D 241 -30.61 -8.13 -2.71
C GLN D 241 -29.90 -9.34 -2.09
N GLN D 242 -29.30 -10.16 -2.93
CA GLN D 242 -28.59 -11.35 -2.47
C GLN D 242 -27.13 -11.29 -2.90
N VAL D 243 -26.61 -10.08 -3.10
CA VAL D 243 -25.23 -9.91 -3.53
C VAL D 243 -24.45 -8.96 -2.64
N ILE D 244 -23.23 -9.34 -2.31
CA ILE D 244 -22.36 -8.52 -1.48
C ILE D 244 -20.95 -8.57 -2.05
N PHE D 245 -20.29 -7.42 -2.11
CA PHE D 245 -18.92 -7.37 -2.62
C PHE D 245 -18.00 -7.00 -1.46
N ALA D 246 -16.88 -7.71 -1.35
CA ALA D 246 -15.95 -7.45 -0.27
C ALA D 246 -14.52 -7.55 -0.79
N GLN D 247 -13.67 -6.66 -0.30
CA GLN D 247 -12.27 -6.65 -0.74
C GLN D 247 -11.39 -7.56 0.11
N GLN D 248 -10.49 -8.27 -0.56
CA GLN D 248 -9.55 -9.16 0.13
C GLN D 248 -8.56 -8.26 0.86
N ASN D 249 -8.04 -8.72 1.98
CA ASN D 249 -7.04 -7.96 2.73
C ASN D 249 -5.82 -7.97 1.81
N PRO D 250 -5.40 -6.79 1.32
CA PRO D 250 -4.23 -6.75 0.43
C PRO D 250 -2.98 -7.38 1.03
N ASP D 251 -2.80 -7.26 2.33
CA ASP D 251 -1.62 -7.83 2.97
C ASP D 251 -1.55 -9.35 2.89
N VAL D 252 -2.70 -10.00 2.80
CA VAL D 252 -2.70 -11.44 2.72
C VAL D 252 -2.45 -11.88 1.26
N ILE D 253 -2.83 -11.03 0.31
CA ILE D 253 -2.57 -11.37 -1.08
C ILE D 253 -1.05 -11.31 -1.24
N ASP D 254 -0.42 -10.31 -0.61
CA ASP D 254 1.03 -10.17 -0.69
C ASP D 254 1.79 -11.29 0.01
N GLN D 255 1.05 -12.23 0.63
CA GLN D 255 1.70 -13.35 1.29
C GLN D 255 1.41 -14.66 0.56
N GLY D 256 0.70 -14.59 -0.56
CA GLY D 256 0.42 -15.81 -1.31
C GLY D 256 -1.03 -16.19 -1.52
N VAL D 257 -1.95 -15.39 -0.99
CA VAL D 257 -3.37 -15.69 -1.18
C VAL D 257 -3.78 -15.07 -2.51
N PHE D 258 -3.52 -15.78 -3.60
CA PHE D 258 -3.85 -15.26 -4.92
C PHE D 258 -5.32 -15.37 -5.30
N HIS D 259 -6.08 -16.16 -4.52
CA HIS D 259 -7.51 -16.33 -4.70
C HIS D 259 -8.13 -16.37 -3.30
N ASN D 260 -9.41 -16.04 -3.16
CA ASN D 260 -10.06 -16.06 -1.86
C ASN D 260 -10.10 -17.47 -1.24
N ASP D 261 -10.17 -18.51 -2.07
CA ASP D 261 -10.22 -19.87 -1.55
C ASP D 261 -8.92 -20.41 -0.98
N VAL D 262 -7.96 -19.52 -0.71
CA VAL D 262 -6.70 -19.91 -0.09
C VAL D 262 -6.71 -19.33 1.33
N ILE D 263 -7.75 -18.55 1.63
CA ILE D 263 -7.84 -17.93 2.95
C ILE D 263 -9.24 -18.00 3.58
N ALA D 264 -10.22 -18.48 2.80
CA ALA D 264 -11.58 -18.58 3.31
C ALA D 264 -12.44 -19.52 2.46
N VAL D 265 -13.41 -20.14 3.10
CA VAL D 265 -14.32 -21.05 2.41
C VAL D 265 -15.67 -21.05 3.10
N SER D 266 -16.74 -21.05 2.29
CA SER D 266 -18.10 -21.03 2.82
C SER D 266 -18.87 -22.30 2.51
N ASN D 267 -19.93 -22.52 3.28
CA ASN D 267 -20.83 -23.66 3.11
C ASN D 267 -22.02 -23.51 4.06
N ARG D 268 -23.22 -23.41 3.49
CA ARG D 268 -24.43 -23.24 4.27
C ARG D 268 -24.29 -21.96 5.09
N GLN D 269 -24.47 -22.05 6.41
CA GLN D 269 -24.37 -20.85 7.25
C GLN D 269 -22.97 -20.54 7.77
N VAL D 270 -22.01 -21.40 7.45
CA VAL D 270 -20.64 -21.24 7.92
C VAL D 270 -19.61 -20.60 6.98
N LEU D 271 -18.80 -19.72 7.55
CA LEU D 271 -17.72 -19.08 6.82
C LEU D 271 -16.45 -19.34 7.64
N PHE D 272 -15.67 -20.32 7.18
CA PHE D 272 -14.42 -20.71 7.83
C PHE D 272 -13.33 -19.83 7.20
N CYS D 273 -12.75 -18.93 7.97
CA CYS D 273 -11.75 -18.03 7.43
C CYS D 273 -10.67 -17.62 8.41
N HIS D 274 -9.58 -17.09 7.86
CA HIS D 274 -8.48 -16.63 8.67
C HIS D 274 -8.83 -15.21 9.09
N GLN D 275 -8.42 -14.86 10.30
CA GLN D 275 -8.70 -13.53 10.85
C GLN D 275 -8.24 -12.41 9.91
N GLN D 276 -7.20 -12.65 9.13
CA GLN D 276 -6.67 -11.64 8.21
C GLN D 276 -7.14 -11.78 6.77
N ALA D 277 -8.26 -12.48 6.57
CA ALA D 277 -8.78 -12.72 5.23
C ALA D 277 -9.28 -11.50 4.47
N PHE D 278 -10.11 -10.69 5.13
CA PHE D 278 -10.70 -9.53 4.48
C PHE D 278 -10.36 -8.17 5.07
N ALA D 279 -10.60 -7.13 4.28
CA ALA D 279 -10.40 -5.75 4.74
C ALA D 279 -11.66 -5.45 5.54
N ARG D 280 -11.53 -4.70 6.63
CA ARG D 280 -12.70 -4.38 7.44
C ARG D 280 -13.43 -5.68 7.73
N GLN D 281 -12.71 -6.72 8.11
CA GLN D 281 -13.31 -8.03 8.36
C GLN D 281 -14.39 -8.04 9.44
N SER D 282 -14.16 -7.30 10.52
CA SER D 282 -15.12 -7.23 11.62
C SER D 282 -16.48 -6.78 11.11
N GLN D 283 -16.47 -5.71 10.32
CA GLN D 283 -17.70 -5.17 9.78
C GLN D 283 -18.34 -6.10 8.75
N LEU D 284 -17.52 -6.75 7.94
CA LEU D 284 -18.06 -7.67 6.94
C LEU D 284 -18.84 -8.81 7.61
N LEU D 285 -18.22 -9.42 8.62
CA LEU D 285 -18.87 -10.52 9.35
C LEU D 285 -20.13 -10.03 10.03
N ALA D 286 -20.10 -8.79 10.54
CA ALA D 286 -21.26 -8.22 11.20
C ALA D 286 -22.42 -8.04 10.22
N ASN D 287 -22.10 -7.61 9.00
CA ASN D 287 -23.10 -7.41 7.95
C ASN D 287 -23.72 -8.77 7.59
N LEU D 288 -22.87 -9.78 7.50
CA LEU D 288 -23.32 -11.12 7.17
C LEU D 288 -24.24 -11.65 8.28
N ARG D 289 -23.84 -11.47 9.54
CA ARG D 289 -24.66 -11.93 10.66
C ARG D 289 -26.06 -11.33 10.61
N ALA D 290 -26.15 -10.07 10.21
CA ALA D 290 -27.45 -9.40 10.15
C ALA D 290 -28.29 -9.77 8.93
N ARG D 291 -27.62 -10.10 7.83
CA ARG D 291 -28.32 -10.43 6.60
C ARG D 291 -28.45 -11.93 6.28
N VAL D 292 -27.75 -12.77 7.03
CA VAL D 292 -27.82 -14.21 6.81
C VAL D 292 -28.21 -14.90 8.11
N ASN D 293 -29.43 -15.41 8.16
CA ASN D 293 -29.95 -16.07 9.34
C ASN D 293 -29.07 -17.26 9.75
N GLY D 294 -28.67 -17.27 11.01
CA GLY D 294 -27.85 -18.37 11.52
C GLY D 294 -26.39 -18.34 11.12
N PHE D 295 -26.00 -17.34 10.34
CA PHE D 295 -24.61 -17.22 9.91
C PHE D 295 -23.64 -17.48 11.05
N MET D 296 -22.59 -18.23 10.77
CA MET D 296 -21.58 -18.54 11.78
C MET D 296 -20.18 -18.42 11.18
N ALA D 297 -19.40 -17.50 11.73
CA ALA D 297 -18.04 -17.30 11.26
C ALA D 297 -17.09 -18.08 12.17
N ILE D 298 -16.15 -18.79 11.56
CA ILE D 298 -15.16 -19.54 12.33
C ILE D 298 -13.83 -18.94 11.92
N GLU D 299 -13.35 -17.98 12.70
CA GLU D 299 -12.11 -17.27 12.41
C GLU D 299 -10.88 -17.88 13.07
N VAL D 300 -9.84 -18.10 12.28
CA VAL D 300 -8.59 -18.64 12.79
C VAL D 300 -7.63 -17.47 12.99
N PRO D 301 -7.23 -17.18 14.24
CA PRO D 301 -6.32 -16.06 14.51
C PRO D 301 -4.87 -16.40 14.13
N ALA D 302 -4.10 -15.38 13.76
CA ALA D 302 -2.71 -15.56 13.37
C ALA D 302 -1.89 -16.29 14.45
N THR D 303 -2.30 -16.13 15.70
CA THR D 303 -1.61 -16.77 16.83
C THR D 303 -1.64 -18.28 16.72
N GLN D 304 -2.79 -18.84 16.32
CA GLN D 304 -2.93 -20.28 16.18
C GLN D 304 -2.36 -20.81 14.86
N VAL D 305 -2.58 -20.07 13.77
CA VAL D 305 -2.05 -20.44 12.47
C VAL D 305 -1.58 -19.18 11.75
N SER D 306 -0.28 -19.09 11.47
CA SER D 306 0.23 -17.91 10.79
C SER D 306 -0.22 -17.93 9.35
N VAL D 307 -0.16 -16.78 8.69
CA VAL D 307 -0.55 -16.71 7.30
C VAL D 307 0.39 -17.58 6.48
N SER D 308 1.68 -17.61 6.86
CA SER D 308 2.66 -18.41 6.15
C SER D 308 2.27 -19.89 6.16
N ASP D 309 1.88 -20.38 7.33
CA ASP D 309 1.49 -21.78 7.46
C ASP D 309 0.15 -22.02 6.78
N THR D 310 -0.63 -20.96 6.64
CA THR D 310 -1.93 -21.06 5.98
C THR D 310 -1.70 -21.30 4.50
N VAL D 311 -0.77 -20.54 3.92
CA VAL D 311 -0.47 -20.67 2.51
C VAL D 311 0.33 -21.95 2.19
N SER D 312 1.13 -22.42 3.14
CA SER D 312 1.91 -23.63 2.89
C SER D 312 1.09 -24.92 3.02
N THR D 313 0.07 -24.92 3.88
CA THR D 313 -0.74 -26.12 4.07
C THR D 313 -2.08 -26.11 3.33
N TYR D 314 -2.53 -24.93 2.91
CA TYR D 314 -3.81 -24.81 2.21
C TYR D 314 -5.00 -25.24 3.05
N LEU D 315 -4.93 -24.90 4.33
CA LEU D 315 -6.00 -25.20 5.30
C LEU D 315 -7.36 -24.69 4.80
N PHE D 316 -7.38 -23.49 4.23
CA PHE D 316 -8.63 -22.93 3.75
C PHE D 316 -9.03 -23.30 2.33
N ASN D 317 -8.16 -24.00 1.60
CA ASN D 317 -8.53 -24.44 0.25
C ASN D 317 -9.16 -25.81 0.42
N SER D 318 -9.75 -26.00 1.60
CA SER D 318 -10.40 -27.25 1.91
C SER D 318 -11.84 -27.16 1.41
N GLN D 319 -12.46 -28.33 1.28
CA GLN D 319 -13.84 -28.41 0.86
C GLN D 319 -14.64 -28.56 2.15
N LEU D 320 -15.62 -27.69 2.34
CA LEU D 320 -16.44 -27.76 3.53
C LEU D 320 -17.76 -28.38 3.08
N LEU D 321 -17.95 -29.65 3.42
CA LEU D 321 -19.13 -30.39 3.00
C LEU D 321 -20.18 -30.58 4.09
N SER D 322 -21.45 -30.69 3.69
CA SER D 322 -22.54 -30.88 4.63
C SER D 322 -22.92 -32.35 4.75
N ARG D 323 -22.90 -32.86 5.98
CA ARG D 323 -23.28 -34.25 6.23
C ARG D 323 -24.79 -34.30 6.41
N ASP D 324 -25.39 -35.44 6.10
CA ASP D 324 -26.84 -35.61 6.20
C ASP D 324 -27.50 -35.12 7.49
N ASP D 325 -26.76 -35.10 8.59
CA ASP D 325 -27.31 -34.64 9.86
C ASP D 325 -27.07 -33.16 10.14
N GLY D 326 -26.57 -32.43 9.14
CA GLY D 326 -26.31 -31.02 9.34
C GLY D 326 -24.88 -30.70 9.75
N SER D 327 -24.16 -31.67 10.30
CA SER D 327 -22.79 -31.44 10.70
C SER D 327 -21.96 -31.32 9.42
N MET D 328 -20.73 -30.84 9.55
CA MET D 328 -19.87 -30.64 8.39
C MET D 328 -18.53 -31.39 8.43
N MET D 329 -17.98 -31.63 7.25
CA MET D 329 -16.71 -32.32 7.10
C MET D 329 -15.71 -31.46 6.34
N LEU D 330 -14.46 -31.47 6.77
CA LEU D 330 -13.42 -30.71 6.10
C LEU D 330 -12.54 -31.66 5.29
N VAL D 331 -12.54 -31.47 3.98
CA VAL D 331 -11.74 -32.28 3.06
C VAL D 331 -10.46 -31.49 2.86
N LEU D 332 -9.35 -32.01 3.38
CA LEU D 332 -8.06 -31.34 3.33
C LEU D 332 -6.96 -32.05 2.55
N PRO D 333 -5.93 -31.29 2.13
CA PRO D 333 -4.81 -31.86 1.40
C PRO D 333 -3.88 -32.44 2.47
N GLN D 334 -3.05 -33.41 2.13
CA GLN D 334 -2.14 -34.05 3.09
C GLN D 334 -1.26 -33.10 3.90
N GLU D 335 -0.85 -31.99 3.29
CA GLU D 335 0.02 -31.04 3.97
C GLU D 335 -0.55 -30.57 5.30
N CYS D 336 -1.88 -30.53 5.40
CA CYS D 336 -2.51 -30.11 6.63
C CYS D 336 -2.25 -31.11 7.76
N ARG D 337 -2.17 -32.38 7.42
CA ARG D 337 -1.92 -33.39 8.44
C ARG D 337 -0.43 -33.54 8.72
N GLU D 338 0.39 -33.16 7.75
CA GLU D 338 1.83 -33.28 7.89
C GLU D 338 2.48 -32.08 8.59
N HIS D 339 1.69 -31.02 8.79
CA HIS D 339 2.17 -29.84 9.48
C HIS D 339 1.64 -29.97 10.91
N ALA D 340 2.54 -30.19 11.87
CA ALA D 340 2.14 -30.38 13.26
C ALA D 340 1.24 -29.30 13.82
N GLY D 341 1.59 -28.04 13.57
CA GLY D 341 0.80 -26.92 14.06
C GLY D 341 -0.61 -26.84 13.50
N VAL D 342 -0.72 -26.94 12.17
CA VAL D 342 -2.04 -26.87 11.54
C VAL D 342 -2.88 -28.09 11.90
N TRP D 343 -2.26 -29.26 11.91
CA TRP D 343 -3.00 -30.47 12.25
C TRP D 343 -3.53 -30.33 13.68
N GLY D 344 -2.72 -29.71 14.53
CA GLY D 344 -3.11 -29.50 15.91
C GLY D 344 -4.33 -28.59 15.99
N TYR D 345 -4.30 -27.49 15.25
CA TYR D 345 -5.45 -26.58 15.26
C TYR D 345 -6.69 -27.30 14.73
N LEU D 346 -6.56 -27.99 13.61
CA LEU D 346 -7.69 -28.70 13.04
C LEU D 346 -8.29 -29.66 14.04
N ASN D 347 -7.47 -30.39 14.78
CA ASN D 347 -7.99 -31.32 15.76
C ASN D 347 -8.69 -30.59 16.91
N GLU D 348 -8.21 -29.39 17.24
CA GLU D 348 -8.85 -28.60 18.29
C GLU D 348 -10.21 -28.16 17.77
N LEU D 349 -10.24 -27.75 16.52
CA LEU D 349 -11.47 -27.31 15.89
C LEU D 349 -12.44 -28.48 15.83
N LEU D 350 -11.91 -29.65 15.48
CA LEU D 350 -12.70 -30.87 15.38
C LEU D 350 -13.37 -31.18 16.72
N ALA D 351 -12.59 -31.15 17.80
CA ALA D 351 -13.11 -31.45 19.14
C ALA D 351 -14.11 -30.41 19.63
N ALA D 352 -13.74 -29.14 19.52
CA ALA D 352 -14.59 -28.04 19.97
C ALA D 352 -16.02 -28.15 19.47
N ASP D 353 -16.96 -27.53 20.19
CA ASP D 353 -18.36 -27.56 19.81
C ASP D 353 -18.61 -26.57 18.67
N ASN D 354 -18.88 -27.13 17.50
CA ASN D 354 -19.15 -26.36 16.29
C ASN D 354 -19.60 -27.35 15.21
N PRO D 355 -19.94 -26.85 14.01
CA PRO D 355 -20.39 -27.74 12.94
C PRO D 355 -19.34 -28.69 12.35
N ILE D 356 -18.07 -28.45 12.62
CA ILE D 356 -17.00 -29.28 12.06
C ILE D 356 -16.77 -30.55 12.87
N SER D 357 -17.40 -31.64 12.44
CA SER D 357 -17.30 -32.90 13.15
C SER D 357 -16.47 -34.01 12.50
N GLU D 358 -15.89 -33.74 11.34
CA GLU D 358 -15.06 -34.75 10.70
C GLU D 358 -14.01 -34.15 9.79
N LEU D 359 -12.85 -34.80 9.77
CA LEU D 359 -11.73 -34.38 8.94
C LEU D 359 -11.39 -35.52 8.00
N LYS D 360 -11.10 -35.19 6.74
CA LYS D 360 -10.78 -36.19 5.74
C LYS D 360 -9.62 -35.61 4.92
N VAL D 361 -8.55 -36.37 4.79
CA VAL D 361 -7.36 -35.93 4.06
C VAL D 361 -7.08 -36.69 2.77
N PHE D 362 -6.59 -35.98 1.77
CA PHE D 362 -6.25 -36.61 0.50
C PHE D 362 -4.87 -36.22 0.00
N ASP D 363 -4.18 -37.17 -0.61
CA ASP D 363 -2.86 -36.94 -1.17
C ASP D 363 -3.07 -36.26 -2.53
N LEU D 364 -2.81 -34.97 -2.60
CA LEU D 364 -2.97 -34.23 -3.85
C LEU D 364 -1.68 -33.48 -4.12
N ARG D 365 -0.58 -34.15 -3.82
CA ARG D 365 0.75 -33.57 -3.99
C ARG D 365 1.07 -32.99 -5.34
N GLU D 366 0.64 -33.63 -6.42
CA GLU D 366 0.94 -33.10 -7.75
C GLU D 366 0.22 -31.76 -7.93
N SER D 367 -1.06 -31.69 -7.55
CA SER D 367 -1.82 -30.45 -7.68
C SER D 367 -1.30 -29.37 -6.74
N MET D 368 -1.01 -29.76 -5.51
CA MET D 368 -0.50 -28.82 -4.51
C MET D 368 0.84 -28.20 -4.89
N ALA D 369 1.67 -28.96 -5.62
CA ALA D 369 2.97 -28.45 -6.03
C ALA D 369 2.83 -27.27 -7.00
N ASN D 370 1.65 -27.12 -7.61
CA ASN D 370 1.41 -26.02 -8.52
C ASN D 370 0.41 -25.04 -7.91
N GLY D 371 0.21 -25.16 -6.60
CA GLY D 371 -0.68 -24.27 -5.88
C GLY D 371 -2.16 -24.57 -5.92
N GLY D 372 -2.52 -25.83 -6.13
CA GLY D 372 -3.93 -26.19 -6.16
C GLY D 372 -4.27 -27.25 -5.12
N GLY D 373 -5.27 -26.96 -4.30
CA GLY D 373 -5.71 -27.89 -3.29
C GLY D 373 -7.03 -28.55 -3.66
N PRO D 374 -7.74 -29.17 -2.70
CA PRO D 374 -9.03 -29.85 -2.91
C PRO D 374 -10.10 -28.95 -3.53
N ALA D 375 -10.21 -27.73 -3.00
CA ALA D 375 -11.22 -26.79 -3.50
C ALA D 375 -10.86 -26.26 -4.88
N CYS D 376 -9.58 -26.00 -5.12
CA CYS D 376 -9.15 -25.49 -6.42
C CYS D 376 -9.52 -26.44 -7.56
N LEU D 377 -9.55 -27.74 -7.25
CA LEU D 377 -9.86 -28.78 -8.22
C LEU D 377 -11.36 -29.01 -8.44
N ARG D 378 -12.20 -28.24 -7.75
CA ARG D 378 -13.63 -28.43 -7.89
C ARG D 378 -14.46 -27.15 -8.04
N LEU D 379 -15.60 -27.29 -8.69
CA LEU D 379 -16.52 -26.18 -8.94
C LEU D 379 -17.87 -26.59 -8.36
N ARG D 380 -18.34 -25.84 -7.37
CA ARG D 380 -19.62 -26.13 -6.73
C ARG D 380 -20.81 -25.63 -7.53
N VAL D 381 -21.71 -26.55 -7.88
CA VAL D 381 -22.90 -26.19 -8.64
C VAL D 381 -24.17 -26.73 -7.98
N VAL D 382 -24.92 -25.85 -7.33
CA VAL D 382 -26.16 -26.24 -6.68
C VAL D 382 -27.20 -26.50 -7.77
N LEU D 383 -27.84 -27.68 -7.74
CA LEU D 383 -28.82 -28.06 -8.74
C LEU D 383 -30.05 -28.75 -8.14
N THR D 384 -31.23 -28.39 -8.64
CA THR D 384 -32.47 -29.00 -8.17
C THR D 384 -32.53 -30.39 -8.76
N GLU D 385 -33.50 -31.19 -8.35
CA GLU D 385 -33.61 -32.55 -8.88
C GLU D 385 -33.75 -32.53 -10.40
N GLU D 386 -34.62 -31.66 -10.91
CA GLU D 386 -34.85 -31.58 -12.34
C GLU D 386 -33.64 -31.08 -13.12
N GLU D 387 -32.89 -30.15 -12.53
CA GLU D 387 -31.71 -29.61 -13.20
C GLU D 387 -30.62 -30.68 -13.20
N ARG D 388 -30.54 -31.44 -12.12
CA ARG D 388 -29.57 -32.51 -11.98
C ARG D 388 -29.79 -33.54 -13.08
N ARG D 389 -31.06 -33.83 -13.33
CA ARG D 389 -31.44 -34.80 -14.37
C ARG D 389 -31.09 -34.24 -15.75
N ALA D 390 -31.01 -32.91 -15.84
CA ALA D 390 -30.71 -32.24 -17.11
C ALA D 390 -29.22 -32.26 -17.45
N VAL D 391 -28.37 -32.46 -16.45
CA VAL D 391 -26.92 -32.50 -16.69
C VAL D 391 -26.53 -33.70 -17.54
N ASN D 392 -25.52 -33.52 -18.40
CA ASN D 392 -25.04 -34.60 -19.25
C ASN D 392 -24.73 -35.74 -18.28
N PRO D 393 -25.45 -36.87 -18.38
CA PRO D 393 -25.27 -38.03 -17.51
C PRO D 393 -23.89 -38.67 -17.57
N ALA D 394 -23.26 -38.59 -18.73
CA ALA D 394 -21.93 -39.20 -18.94
C ALA D 394 -20.80 -38.62 -18.10
N VAL D 395 -21.02 -37.48 -17.46
CA VAL D 395 -19.98 -36.87 -16.63
C VAL D 395 -20.20 -37.06 -15.13
N MET D 396 -21.32 -37.66 -14.74
CA MET D 396 -21.58 -37.90 -13.33
C MET D 396 -20.69 -39.06 -12.88
N MET D 397 -20.11 -38.95 -11.69
CA MET D 397 -19.20 -39.99 -11.19
C MET D 397 -19.92 -41.20 -10.62
N ASN D 398 -19.37 -42.37 -10.94
CA ASN D 398 -19.89 -43.65 -10.49
C ASN D 398 -18.80 -44.68 -10.78
N ASP D 399 -19.00 -45.92 -10.38
CA ASP D 399 -17.99 -46.95 -10.60
C ASP D 399 -17.60 -47.10 -12.06
N THR D 400 -18.60 -47.14 -12.94
CA THR D 400 -18.36 -47.28 -14.37
C THR D 400 -17.41 -46.21 -14.90
N LEU D 401 -17.76 -44.94 -14.65
CA LEU D 401 -16.94 -43.83 -15.12
C LEU D 401 -15.55 -43.85 -14.46
N PHE D 402 -15.51 -44.14 -13.17
CA PHE D 402 -14.25 -44.19 -12.44
C PHE D 402 -13.29 -45.19 -13.09
N ASN D 403 -13.75 -46.41 -13.26
CA ASN D 403 -12.92 -47.45 -13.86
C ASN D 403 -12.56 -47.13 -15.31
N ALA D 404 -13.48 -46.47 -16.02
CA ALA D 404 -13.25 -46.11 -17.41
C ALA D 404 -12.18 -45.02 -17.50
N LEU D 405 -12.21 -44.06 -16.58
CA LEU D 405 -11.23 -42.98 -16.61
C LEU D 405 -9.85 -43.48 -16.17
N ASN D 406 -9.80 -44.41 -15.24
CA ASN D 406 -8.52 -44.95 -14.81
C ASN D 406 -7.85 -45.73 -15.93
N ASP D 407 -8.64 -46.49 -16.69
CA ASP D 407 -8.07 -47.24 -17.80
C ASP D 407 -7.57 -46.26 -18.84
N TRP D 408 -8.37 -45.23 -19.08
CA TRP D 408 -8.02 -44.18 -20.04
C TRP D 408 -6.67 -43.57 -19.66
N VAL D 409 -6.52 -43.23 -18.38
CA VAL D 409 -5.29 -42.65 -17.86
C VAL D 409 -4.13 -43.62 -18.07
N ASP D 410 -4.35 -44.88 -17.71
CA ASP D 410 -3.31 -45.90 -17.86
C ASP D 410 -2.86 -46.05 -19.29
N ARG D 411 -3.77 -45.80 -20.23
CA ARG D 411 -3.44 -45.94 -21.64
C ARG D 411 -2.77 -44.74 -22.31
N TYR D 412 -3.07 -43.53 -21.88
CA TYR D 412 -2.49 -42.36 -22.55
C TYR D 412 -1.54 -41.46 -21.78
N TYR D 413 -1.59 -41.54 -20.45
CA TYR D 413 -0.75 -40.71 -19.61
C TYR D 413 0.67 -41.21 -19.35
N ARG D 414 1.61 -40.28 -19.29
CA ARG D 414 3.01 -40.61 -19.02
C ARG D 414 3.22 -40.53 -17.51
N ASP D 415 4.25 -41.20 -17.04
CA ASP D 415 4.54 -41.22 -15.61
C ASP D 415 5.54 -40.14 -15.23
N ARG D 416 6.16 -39.53 -16.23
CA ARG D 416 7.12 -38.46 -15.99
C ARG D 416 7.01 -37.44 -17.10
N LEU D 417 7.30 -36.19 -16.78
CA LEU D 417 7.24 -35.14 -17.78
C LEU D 417 8.02 -33.93 -17.32
N THR D 418 8.76 -33.35 -18.26
CA THR D 418 9.55 -32.15 -17.98
C THR D 418 9.23 -31.20 -19.11
N ALA D 419 9.62 -29.93 -18.94
CA ALA D 419 9.37 -28.92 -19.95
C ALA D 419 9.96 -29.33 -21.29
N ALA D 420 11.14 -29.93 -21.26
CA ALA D 420 11.82 -30.36 -22.48
C ALA D 420 11.02 -31.37 -23.30
N ASP D 421 10.13 -32.12 -22.64
CA ASP D 421 9.32 -33.13 -23.33
C ASP D 421 8.16 -32.55 -24.11
N LEU D 422 7.79 -31.31 -23.79
CA LEU D 422 6.66 -30.67 -24.46
C LEU D 422 6.88 -30.49 -25.96
N ALA D 423 8.14 -30.62 -26.39
CA ALA D 423 8.49 -30.47 -27.80
C ALA D 423 8.31 -31.77 -28.58
N ASP D 424 8.04 -32.86 -27.88
CA ASP D 424 7.86 -34.17 -28.51
C ASP D 424 6.56 -34.29 -29.31
N PRO D 425 6.67 -34.39 -30.64
CA PRO D 425 5.46 -34.52 -31.46
C PRO D 425 4.63 -35.71 -31.01
N GLN D 426 5.28 -36.68 -30.37
CA GLN D 426 4.59 -37.86 -29.86
C GLN D 426 3.61 -37.45 -28.77
N LEU D 427 4.06 -36.58 -27.88
CA LEU D 427 3.21 -36.10 -26.79
C LEU D 427 1.96 -35.44 -27.37
N LEU D 428 2.15 -34.64 -28.41
CA LEU D 428 1.03 -33.97 -29.06
C LEU D 428 0.01 -35.00 -29.56
N ARG D 429 0.49 -36.05 -30.21
CA ARG D 429 -0.39 -37.09 -30.74
C ARG D 429 -1.10 -37.86 -29.63
N GLU D 430 -0.37 -38.28 -28.62
CA GLU D 430 -0.95 -39.01 -27.50
C GLU D 430 -2.14 -38.23 -26.95
N GLY D 431 -1.94 -36.94 -26.73
CA GLY D 431 -2.98 -36.09 -26.19
C GLY D 431 -4.19 -35.92 -27.08
N ARG D 432 -3.96 -35.68 -28.37
CA ARG D 432 -5.07 -35.52 -29.31
C ARG D 432 -5.91 -36.79 -29.31
N GLU D 433 -5.26 -37.93 -29.37
CA GLU D 433 -5.96 -39.21 -29.39
C GLU D 433 -6.72 -39.47 -28.09
N ALA D 434 -6.08 -39.17 -26.97
CA ALA D 434 -6.71 -39.39 -25.68
C ALA D 434 -7.96 -38.55 -25.54
N LEU D 435 -7.88 -37.27 -25.93
CA LEU D 435 -9.05 -36.39 -25.83
C LEU D 435 -10.17 -36.82 -26.76
N ASP D 436 -9.80 -37.28 -27.95
CA ASP D 436 -10.79 -37.72 -28.91
C ASP D 436 -11.59 -38.88 -28.30
N VAL D 437 -10.88 -39.81 -27.69
CA VAL D 437 -11.51 -40.95 -27.03
C VAL D 437 -12.34 -40.50 -25.83
N LEU D 438 -11.81 -39.55 -25.07
CA LEU D 438 -12.51 -39.04 -23.89
C LEU D 438 -13.81 -38.33 -24.26
N SER D 439 -13.81 -37.58 -25.36
CA SER D 439 -15.01 -36.85 -25.78
C SER D 439 -16.15 -37.83 -26.03
N GLN D 440 -15.83 -38.99 -26.58
CA GLN D 440 -16.84 -40.01 -26.83
C GLN D 440 -17.32 -40.59 -25.51
N LEU D 441 -16.38 -40.98 -24.66
CA LEU D 441 -16.71 -41.54 -23.35
C LEU D 441 -17.63 -40.63 -22.53
N LEU D 442 -17.34 -39.33 -22.56
CA LEU D 442 -18.13 -38.36 -21.81
C LEU D 442 -19.28 -37.80 -22.63
N ASN D 443 -19.43 -38.31 -23.85
CA ASN D 443 -20.49 -37.88 -24.76
C ASN D 443 -20.55 -36.36 -24.93
N LEU D 444 -19.44 -35.78 -25.36
CA LEU D 444 -19.35 -34.35 -25.55
C LEU D 444 -19.26 -33.92 -27.02
N GLY D 445 -19.27 -34.89 -27.92
CA GLY D 445 -19.17 -34.56 -29.34
C GLY D 445 -17.86 -33.82 -29.61
N SER D 446 -17.72 -33.24 -30.79
CA SER D 446 -16.50 -32.51 -31.14
C SER D 446 -16.47 -31.19 -30.37
N VAL D 447 -15.85 -31.21 -29.19
CA VAL D 447 -15.80 -30.02 -28.36
C VAL D 447 -14.45 -29.29 -28.40
N TYR D 448 -13.39 -29.97 -28.81
CA TYR D 448 -12.08 -29.35 -28.87
C TYR D 448 -11.75 -28.79 -30.24
N PRO D 449 -10.94 -27.73 -30.30
CA PRO D 449 -10.57 -27.13 -31.57
C PRO D 449 -9.97 -28.11 -32.59
N PHE D 450 -9.15 -29.06 -32.13
CA PHE D 450 -8.55 -30.01 -33.06
C PHE D 450 -9.56 -30.95 -33.70
N GLN D 451 -10.74 -31.07 -33.07
CA GLN D 451 -11.78 -31.94 -33.59
C GLN D 451 -12.66 -31.20 -34.59
N ARG D 452 -12.45 -29.89 -34.71
CA ARG D 452 -13.23 -29.06 -35.63
C ARG D 452 -12.41 -28.62 -36.84
#